data_4UHX
#
_entry.id   4UHX
#
_cell.length_a   148.732
_cell.length_b   148.732
_cell.length_c   132.808
_cell.angle_alpha   90.00
_cell.angle_beta   90.00
_cell.angle_gamma   90.00
#
_symmetry.space_group_name_H-M   'P 42 21 2'
#
loop_
_entity.id
_entity.type
_entity.pdbx_description
1 polymer 'ALDEHYDE OXIDASE'
2 non-polymer 'FE2/S2 (INORGANIC) CLUSTER'
3 non-polymer 'PHOSPHONIC ACIDMONO-(2-AMINO-5,6-DIMERCAPTO-4-OXO-3,7,8A,9,10,10A-HEXAHYDRO-4H-8-OXA-1,3,9,10-TETRAAZA-ANTHRACEN-7-YLMETHYL)ESTER'
4 non-polymer 'DIOXOTHIOMOLYBDENUM(VI) ION'
5 non-polymer 'FLAVIN-ADENINE DINUCLEOTIDE'
6 non-polymer phthalazine
7 non-polymer 10-{2-[(2S)-1-methylpiperidin-2-yl]ethyl}-2-(methylsulfanyl)-10H-phenothiazine
8 non-polymer 10-{2-[(2R)-1-methylpiperidin-2-yl]ethyl}-2-(methylsulfanyl)-10H-phenothiazine
9 non-polymer 'MALONATE ION'
10 water water
#
_entity_poly.entity_id   1
_entity_poly.type   'polypeptide(L)'
_entity_poly.pdbx_seq_one_letter_code
;MDRASELLFYVNGRKVIEKNVDPETMLLPYLRKKLRLTGTKYGCGGGGCGACTVMISRYNPITKRIRHHPANACLIPICS
LYGAAVTTVEGIGSTHTRIHPVQERIAKCHGTQCGFCTPGMVMSIYTLLRNHPEPTLDQLTDALGGNLCRCTGYRPIIDA
CKTFCKTSGCCQSKENGVCCLDQGINGLPEFEEGSKTSPKLFAEEEFLPLDPTQELIFPPELMIMAEKQSQRTRVFGSER
MMWFSPVTLKELLEFKFKYPQAPVIMGNTSVGPEVKFKGVFHPVIISPDRIEELSVVNHAYNGLTLGAGLSLAQVKDILA
DVVQKLPEEKTQMYHALLKHLGTLAGSQIRNMASLGGHIISRHPDSDLNPILAVGNCTLNLLSKEGKRQIPLNEQFLSKC
PNADLKPQEILVSVNIPYSRKWEFVSAFRQAQRQENALAIVNSGMRVFFGEGDGIIRELCISYGGVGPATICAKNSCQKL
IGRHWNEQMLDIACRLILNEVSLLGSAPGGKVEFKRTLIISFLFKFYLEVSQILKKMDPVHYPSLADKYESALEDLHSKH
HCSTLKYQNIGPKQHPEDPIGHPIMHLSGVKHATGEAIYCDDMPLVDQELFLTFVTSSRAHAKIVSIDLSEALSMPGVVD
IMTAEHLSDVNSFCFFTEAEKFLATDKVFCVGQLVCAVLADSEVQAKRAAKRVKIVYQDLEPLILTIEESIQHNSSFKPE
RKLEYGNVDEAFKVVDQILEGEIHMGGQEHFYMETQSMLVVPKGEDQEMDVYVSTQFPKYIQDIVASTLKLPANKVMCHV
RRVGGAFGGKVLKTGIIAAVTAFAANKHGRAVRCVLERGEDMLITGGRHPYLGKYKAGFMNDGRILALDMEHYSNAGASL
DESLFVIEMGLLKMDNAYKFPNLRCRGWACRTNLPSNTAFRGFGFPQAALITESCITEVAAKCGLSPEKVRIINMYKEID
QTPYKQEINAKNLIQCWRECMAMSSYSLRKVAVEKFNAENYWKKKGLAMVPLKFPVGLGSRAAGQAAALVHIYLDGSVLV
THGGIEMGQGVHTKMIQVVSRELRMPMSNVHLRGTSTETVPNANISGGSVVADLNGLAVKDACQTLLKRLEPIISKNPKG
TWKDWAQTAFDESINLSAVGYFRGYESDMNWEKGEGQPFEYFVYGAACSEVEIDCLTGDHKNIRTDIVMDVGCSINPAID
IGQIEGAFIQGMGLYTIEELNYSPQGILHTRGPDQYKIPAICDMPTELHIALLPPSQNSNTLYSSKGLGESGVFLGCSVF
FAIHDAVSAARQERGLHGPLTLNSPLTPEKIRMACEDKFTKMIPRDEPGSYVPWNVPI
;
_entity_poly.pdbx_strand_id   A
#
# COMPACT_ATOMS: atom_id res chain seq x y z
N ALA A 4 -20.89 -34.32 12.44
CA ALA A 4 -20.48 -35.75 12.37
C ALA A 4 -19.26 -35.97 11.45
N SER A 5 -19.25 -35.31 10.29
CA SER A 5 -18.21 -35.53 9.27
C SER A 5 -16.83 -35.04 9.70
N GLU A 6 -15.81 -35.62 9.06
CA GLU A 6 -14.42 -35.21 9.25
C GLU A 6 -14.00 -34.30 8.11
N LEU A 7 -13.10 -33.37 8.43
CA LEU A 7 -12.53 -32.48 7.43
C LEU A 7 -11.14 -32.99 7.09
N LEU A 8 -11.01 -33.59 5.90
CA LEU A 8 -9.75 -34.10 5.40
C LEU A 8 -9.26 -33.22 4.24
N PHE A 9 -8.05 -32.67 4.40
CA PHE A 9 -7.37 -31.99 3.31
C PHE A 9 -5.87 -32.10 3.51
N TYR A 10 -5.11 -31.54 2.57
CA TYR A 10 -3.65 -31.54 2.64
C TYR A 10 -3.09 -30.13 2.72
N VAL A 11 -1.97 -29.99 3.43
CA VAL A 11 -1.20 -28.76 3.49
C VAL A 11 0.26 -29.14 3.31
N ASN A 12 0.91 -28.60 2.27
CA ASN A 12 2.31 -28.88 1.97
C ASN A 12 2.61 -30.38 1.96
N GLY A 13 1.82 -31.12 1.20
CA GLY A 13 2.01 -32.56 1.05
C GLY A 13 1.56 -33.45 2.20
N ARG A 14 1.23 -32.88 3.36
CA ARG A 14 0.91 -33.67 4.56
C ARG A 14 -0.58 -33.68 4.86
N LYS A 15 -1.12 -34.86 5.14
CA LYS A 15 -2.54 -35.04 5.46
C LYS A 15 -2.91 -34.27 6.73
N VAL A 16 -4.11 -33.69 6.71
CA VAL A 16 -4.65 -32.94 7.83
C VAL A 16 -6.07 -33.46 8.06
N ILE A 17 -6.34 -33.93 9.27
CA ILE A 17 -7.69 -34.36 9.67
C ILE A 17 -8.14 -33.54 10.87
N GLU A 18 -9.32 -32.95 10.75
CA GLU A 18 -9.97 -32.27 11.86
C GLU A 18 -11.33 -32.93 12.12
N LYS A 19 -11.52 -33.38 13.35
CA LYS A 19 -12.76 -34.00 13.78
C LYS A 19 -13.53 -32.98 14.60
N ASN A 20 -14.85 -32.96 14.43
CA ASN A 20 -15.74 -31.99 15.08
C ASN A 20 -15.25 -30.55 14.87
N VAL A 21 -14.91 -30.22 13.62
CA VAL A 21 -14.29 -28.94 13.31
C VAL A 21 -15.27 -27.78 13.44
N ASP A 22 -14.76 -26.65 13.93
CA ASP A 22 -15.52 -25.41 13.98
C ASP A 22 -15.57 -24.86 12.55
N PRO A 23 -16.78 -24.72 11.95
CA PRO A 23 -16.87 -24.22 10.57
C PRO A 23 -16.48 -22.76 10.36
N GLU A 24 -16.48 -21.95 11.43
CA GLU A 24 -15.97 -20.57 11.39
C GLU A 24 -14.44 -20.44 11.33
N THR A 25 -13.71 -21.55 11.39
CA THR A 25 -12.25 -21.52 11.29
C THR A 25 -11.80 -21.13 9.88
N MET A 26 -10.97 -20.08 9.79
CA MET A 26 -10.40 -19.62 8.53
C MET A 26 -9.00 -20.17 8.34
N LEU A 27 -8.57 -20.26 7.08
CA LEU A 27 -7.30 -20.93 6.73
C LEU A 27 -6.07 -20.21 7.26
N LEU A 28 -6.06 -18.87 7.16
CA LEU A 28 -4.90 -18.08 7.60
C LEU A 28 -4.59 -18.30 9.10
N PRO A 29 -5.59 -18.13 9.99
CA PRO A 29 -5.38 -18.52 11.39
C PRO A 29 -5.01 -19.99 11.58
N TYR A 30 -5.68 -20.89 10.87
CA TYR A 30 -5.42 -22.32 11.01
C TYR A 30 -3.96 -22.68 10.69
N LEU A 31 -3.48 -22.19 9.55
CA LEU A 31 -2.09 -22.41 9.13
C LEU A 31 -1.09 -21.95 10.20
N ARG A 32 -1.27 -20.71 10.66
CA ARG A 32 -0.33 -20.08 11.58
C ARG A 32 -0.39 -20.66 13.00
N LYS A 33 -1.60 -20.87 13.51
CA LYS A 33 -1.80 -21.26 14.90
C LYS A 33 -1.85 -22.77 15.09
N LYS A 34 -2.65 -23.46 14.28
CA LYS A 34 -2.82 -24.90 14.46
C LYS A 34 -1.71 -25.71 13.80
N LEU A 35 -1.30 -25.33 12.59
CA LEU A 35 -0.21 -26.05 11.90
C LEU A 35 1.18 -25.46 12.14
N ARG A 36 1.27 -24.31 12.79
CA ARG A 36 2.55 -23.64 13.06
C ARG A 36 3.32 -23.29 11.78
N LEU A 37 2.59 -22.86 10.76
CA LEU A 37 3.17 -22.45 9.48
C LEU A 37 2.97 -20.94 9.32
N THR A 38 3.89 -20.18 9.90
CA THR A 38 3.75 -18.73 10.06
C THR A 38 4.28 -17.90 8.88
N GLY A 39 4.70 -18.55 7.80
CA GLY A 39 5.16 -17.87 6.59
C GLY A 39 4.06 -17.09 5.88
N THR A 40 2.87 -17.66 5.82
CA THR A 40 1.68 -16.98 5.33
C THR A 40 1.28 -15.89 6.35
N LYS A 41 1.24 -14.63 5.91
CA LYS A 41 1.11 -13.47 6.80
C LYS A 41 -0.26 -12.82 6.77
N TYR A 42 -0.58 -12.09 7.83
CA TYR A 42 -1.72 -11.17 7.86
C TYR A 42 -1.22 -9.80 7.47
N GLY A 43 -1.85 -9.22 6.45
CA GLY A 43 -1.59 -7.84 6.03
C GLY A 43 -2.79 -6.92 6.23
N CYS A 44 -3.95 -7.32 5.68
CA CYS A 44 -5.16 -6.49 5.71
C CYS A 44 -6.50 -7.21 5.98
N GLY A 45 -6.59 -8.51 5.73
CA GLY A 45 -7.78 -9.29 6.10
C GLY A 45 -9.04 -9.08 5.27
N GLY A 46 -8.88 -8.51 4.06
CA GLY A 46 -9.96 -8.39 3.09
C GLY A 46 -9.62 -8.85 1.68
N GLY A 47 -8.48 -9.52 1.50
CA GLY A 47 -8.05 -9.99 0.17
C GLY A 47 -7.33 -8.97 -0.70
N GLY A 48 -6.94 -7.84 -0.12
CA GLY A 48 -6.44 -6.69 -0.89
C GLY A 48 -4.96 -6.68 -1.18
N CYS A 49 -4.15 -7.14 -0.23
CA CYS A 49 -2.69 -6.98 -0.27
C CYS A 49 -1.92 -8.21 -0.72
N GLY A 50 -2.54 -9.38 -0.69
CA GLY A 50 -1.89 -10.61 -1.14
C GLY A 50 -0.83 -11.20 -0.22
N ALA A 51 -0.77 -10.75 1.03
CA ALA A 51 0.23 -11.25 1.98
C ALA A 51 -0.07 -12.68 2.43
N CYS A 52 -1.36 -13.06 2.36
CA CYS A 52 -1.82 -14.40 2.72
C CYS A 52 -2.07 -15.31 1.49
N THR A 53 -1.35 -15.05 0.39
CA THR A 53 -1.53 -15.81 -0.84
C THR A 53 -1.01 -17.25 -0.69
N VAL A 54 -1.86 -18.21 -1.05
CA VAL A 54 -1.52 -19.63 -1.07
C VAL A 54 -1.96 -20.26 -2.39
N MET A 55 -1.52 -21.50 -2.64
CA MET A 55 -1.97 -22.26 -3.79
C MET A 55 -2.97 -23.33 -3.35
N ILE A 56 -4.11 -23.40 -4.02
CA ILE A 56 -5.06 -24.50 -3.86
C ILE A 56 -4.93 -25.43 -5.07
N SER A 57 -4.95 -26.74 -4.82
CA SER A 57 -4.93 -27.75 -5.87
C SER A 57 -6.13 -28.70 -5.71
N ARG A 58 -6.67 -29.13 -6.84
CA ARG A 58 -7.80 -30.05 -6.86
C ARG A 58 -7.70 -30.94 -8.10
N TYR A 59 -8.07 -32.21 -7.95
CA TYR A 59 -8.14 -33.15 -9.05
C TYR A 59 -9.58 -33.13 -9.55
N ASN A 60 -9.74 -33.02 -10.86
CA ASN A 60 -11.03 -33.21 -11.49
C ASN A 60 -11.12 -34.66 -11.97
N PRO A 61 -12.01 -35.47 -11.36
CA PRO A 61 -12.09 -36.88 -11.73
C PRO A 61 -12.73 -37.15 -13.12
N ILE A 62 -13.42 -36.15 -13.68
CA ILE A 62 -13.99 -36.24 -15.02
C ILE A 62 -12.93 -35.98 -16.09
N THR A 63 -12.32 -34.79 -16.04
CA THR A 63 -11.28 -34.40 -17.00
C THR A 63 -9.89 -35.01 -16.72
N LYS A 64 -9.72 -35.62 -15.55
CA LYS A 64 -8.47 -36.28 -15.14
C LYS A 64 -7.25 -35.36 -15.17
N ARG A 65 -7.42 -34.13 -14.70
CA ARG A 65 -6.32 -33.15 -14.64
C ARG A 65 -6.31 -32.38 -13.31
N ILE A 66 -5.11 -32.19 -12.77
CA ILE A 66 -4.89 -31.36 -11.57
C ILE A 66 -4.90 -29.88 -11.96
N ARG A 67 -5.75 -29.10 -11.28
CA ARG A 67 -5.89 -27.66 -11.52
C ARG A 67 -5.34 -26.87 -10.32
N HIS A 68 -4.33 -26.03 -10.57
CA HIS A 68 -3.72 -25.18 -9.54
C HIS A 68 -4.17 -23.71 -9.70
N HIS A 69 -4.69 -23.12 -8.62
CA HIS A 69 -5.06 -21.70 -8.63
C HIS A 69 -4.62 -20.97 -7.36
N PRO A 70 -4.31 -19.65 -7.47
CA PRO A 70 -3.96 -18.86 -6.28
C PRO A 70 -5.20 -18.40 -5.52
N ALA A 71 -5.01 -18.10 -4.23
CA ALA A 71 -6.09 -17.67 -3.34
C ALA A 71 -5.54 -16.94 -2.12
N ASN A 72 -6.37 -16.07 -1.54
CA ASN A 72 -6.04 -15.38 -0.29
C ASN A 72 -6.59 -16.18 0.88
N ALA A 73 -5.70 -16.66 1.74
CA ALA A 73 -6.06 -17.57 2.82
C ALA A 73 -6.93 -16.92 3.90
N CYS A 74 -6.86 -15.59 4.03
CA CYS A 74 -7.66 -14.88 5.03
C CYS A 74 -9.18 -15.04 4.85
N LEU A 75 -9.64 -15.29 3.61
CA LEU A 75 -11.08 -15.46 3.31
C LEU A 75 -11.54 -16.91 3.06
N ILE A 76 -10.61 -17.86 3.02
CA ILE A 76 -10.97 -19.28 2.82
C ILE A 76 -11.42 -19.89 4.14
N PRO A 77 -12.68 -20.39 4.23
CA PRO A 77 -13.04 -21.19 5.39
C PRO A 77 -12.54 -22.61 5.18
N ILE A 78 -11.92 -23.20 6.20
CA ILE A 78 -11.25 -24.50 6.03
C ILE A 78 -12.19 -25.63 5.65
N CYS A 79 -13.46 -25.53 6.04
CA CYS A 79 -14.47 -26.52 5.64
C CYS A 79 -14.71 -26.61 4.14
N SER A 80 -14.42 -25.54 3.40
CA SER A 80 -14.48 -25.60 1.92
C SER A 80 -13.24 -26.23 1.26
N LEU A 81 -12.23 -26.61 2.05
CA LEU A 81 -11.00 -27.24 1.52
C LEU A 81 -11.04 -28.77 1.43
N TYR A 82 -12.16 -29.40 1.81
CA TYR A 82 -12.28 -30.86 1.77
C TYR A 82 -11.75 -31.44 0.46
N GLY A 83 -10.81 -32.38 0.55
CA GLY A 83 -10.25 -33.04 -0.62
C GLY A 83 -9.27 -32.22 -1.45
N ALA A 84 -8.84 -31.07 -0.93
CA ALA A 84 -7.92 -30.16 -1.62
C ALA A 84 -6.52 -30.15 -1.01
N ALA A 85 -5.57 -29.61 -1.76
CA ALA A 85 -4.15 -29.59 -1.36
C ALA A 85 -3.67 -28.15 -1.33
N VAL A 86 -3.59 -27.58 -0.13
CA VAL A 86 -3.07 -26.23 0.08
C VAL A 86 -1.55 -26.28 0.02
N THR A 87 -0.95 -25.35 -0.70
CA THR A 87 0.49 -25.18 -0.68
C THR A 87 0.81 -23.78 -0.22
N THR A 88 1.86 -23.71 0.59
CA THR A 88 2.18 -22.56 1.42
C THR A 88 3.64 -22.20 1.10
N VAL A 89 4.11 -21.02 1.52
CA VAL A 89 5.49 -20.62 1.25
C VAL A 89 6.51 -21.67 1.73
N GLU A 90 6.28 -22.24 2.92
CA GLU A 90 7.09 -23.32 3.45
C GLU A 90 7.12 -24.58 2.57
N GLY A 91 6.00 -24.89 1.93
CA GLY A 91 5.87 -26.09 1.11
C GLY A 91 6.78 -26.25 -0.08
N ILE A 92 7.19 -25.13 -0.69
CA ILE A 92 7.94 -25.17 -1.96
C ILE A 92 9.45 -25.25 -1.76
N GLY A 93 9.94 -24.78 -0.61
CA GLY A 93 11.35 -24.93 -0.27
C GLY A 93 11.73 -24.31 1.06
N SER A 94 12.92 -24.65 1.53
CA SER A 94 13.49 -24.07 2.74
C SER A 94 15.00 -24.20 2.79
N THR A 95 15.61 -23.49 3.72
CA THR A 95 17.05 -23.56 3.96
C THR A 95 17.50 -24.93 4.49
N HIS A 96 16.60 -25.63 5.19
CA HIS A 96 16.88 -26.99 5.71
C HIS A 96 16.58 -28.12 4.71
N THR A 97 15.74 -27.87 3.71
CA THR A 97 15.53 -28.82 2.60
C THR A 97 16.33 -28.32 1.39
N ARG A 98 15.66 -27.78 0.37
CA ARG A 98 16.34 -27.05 -0.69
C ARG A 98 15.50 -25.86 -1.17
N ILE A 99 16.17 -24.75 -1.46
CA ILE A 99 15.51 -23.51 -1.82
C ILE A 99 14.93 -23.61 -3.24
N HIS A 100 13.66 -23.24 -3.39
CA HIS A 100 13.01 -23.23 -4.70
C HIS A 100 13.53 -22.02 -5.52
N PRO A 101 13.60 -22.14 -6.86
CA PRO A 101 14.14 -21.03 -7.66
C PRO A 101 13.47 -19.66 -7.48
N VAL A 102 12.14 -19.65 -7.49
CA VAL A 102 11.35 -18.44 -7.14
C VAL A 102 11.81 -17.79 -5.84
N GLN A 103 12.06 -18.62 -4.82
CA GLN A 103 12.56 -18.15 -3.53
C GLN A 103 13.98 -17.58 -3.63
N GLU A 104 14.85 -18.31 -4.32
CA GLU A 104 16.24 -17.87 -4.54
C GLU A 104 16.33 -16.53 -5.26
N ARG A 105 15.54 -16.38 -6.31
CA ARG A 105 15.68 -15.25 -7.24
C ARG A 105 15.07 -13.97 -6.73
N ILE A 106 13.89 -14.04 -6.11
CA ILE A 106 13.28 -12.85 -5.50
C ILE A 106 14.17 -12.27 -4.40
N ALA A 107 14.87 -13.15 -3.67
CA ALA A 107 15.84 -12.72 -2.66
C ALA A 107 17.09 -12.14 -3.32
N LYS A 108 17.72 -12.93 -4.18
CA LYS A 108 18.99 -12.53 -4.79
C LYS A 108 18.89 -11.37 -5.79
N CYS A 109 17.69 -11.11 -6.33
CA CYS A 109 17.42 -9.88 -7.09
C CYS A 109 17.12 -8.67 -6.18
N HIS A 110 17.29 -8.83 -4.86
CA HIS A 110 17.03 -7.79 -3.86
C HIS A 110 15.57 -7.35 -3.88
N GLY A 111 14.69 -8.33 -4.02
CA GLY A 111 13.24 -8.10 -4.05
C GLY A 111 12.56 -8.19 -2.70
N THR A 112 13.35 -8.23 -1.63
CA THR A 112 12.84 -8.19 -0.27
C THR A 112 13.60 -7.10 0.46
N GLN A 113 12.88 -6.29 1.21
CA GLN A 113 13.48 -5.33 2.11
C GLN A 113 13.05 -5.70 3.53
N CYS A 114 11.84 -5.32 3.93
CA CYS A 114 11.32 -5.76 5.24
C CYS A 114 10.98 -7.23 5.19
N GLY A 115 10.59 -7.70 4.02
CA GLY A 115 10.35 -9.12 3.75
C GLY A 115 8.97 -9.65 4.09
N PHE A 116 8.09 -8.78 4.60
CA PHE A 116 6.80 -9.23 5.11
C PHE A 116 5.83 -9.60 3.98
N CYS A 117 5.99 -8.98 2.80
CA CYS A 117 5.18 -9.33 1.63
C CYS A 117 5.77 -10.44 0.76
N THR A 118 6.97 -10.94 1.10
CA THR A 118 7.70 -11.87 0.22
C THR A 118 7.00 -13.21 0.01
N PRO A 119 6.48 -13.83 1.10
CA PRO A 119 5.80 -15.11 0.92
C PRO A 119 4.61 -15.02 -0.04
N GLY A 120 3.82 -13.96 0.08
CA GLY A 120 2.69 -13.73 -0.81
C GLY A 120 3.11 -13.61 -2.26
N MET A 121 4.21 -12.89 -2.50
CA MET A 121 4.77 -12.70 -3.83
C MET A 121 5.24 -14.03 -4.39
N VAL A 122 5.95 -14.79 -3.55
CA VAL A 122 6.49 -16.10 -3.90
C VAL A 122 5.37 -17.05 -4.37
N MET A 123 4.27 -17.09 -3.64
CA MET A 123 3.18 -18.01 -3.97
C MET A 123 2.37 -17.59 -5.20
N SER A 124 2.23 -16.30 -5.42
CA SER A 124 1.71 -15.80 -6.69
C SER A 124 2.58 -16.20 -7.89
N ILE A 125 3.90 -15.98 -7.76
CA ILE A 125 4.86 -16.31 -8.80
C ILE A 125 4.91 -17.82 -9.02
N TYR A 126 5.08 -18.57 -7.93
CA TYR A 126 5.09 -20.04 -7.96
C TYR A 126 3.85 -20.62 -8.64
N THR A 127 2.68 -20.07 -8.28
CA THR A 127 1.41 -20.58 -8.79
C THR A 127 1.28 -20.39 -10.28
N LEU A 128 1.67 -19.21 -10.77
CA LEU A 128 1.67 -18.94 -12.19
C LEU A 128 2.62 -19.88 -12.92
N LEU A 129 3.83 -20.05 -12.40
CA LEU A 129 4.81 -20.95 -13.00
C LEU A 129 4.35 -22.41 -13.08
N ARG A 130 3.51 -22.84 -12.13
CA ARG A 130 2.93 -24.19 -12.17
C ARG A 130 1.86 -24.33 -13.24
N ASN A 131 1.24 -23.23 -13.65
CA ASN A 131 0.32 -23.19 -14.79
C ASN A 131 1.00 -22.84 -16.12
N HIS A 132 2.04 -22.02 -16.07
CA HIS A 132 2.77 -21.55 -17.25
C HIS A 132 4.28 -21.58 -17.01
N PRO A 133 4.92 -22.77 -17.16
CA PRO A 133 6.37 -22.93 -16.96
C PRO A 133 7.27 -22.11 -17.87
N GLU A 134 6.75 -21.72 -19.04
CA GLU A 134 7.45 -20.89 -20.03
C GLU A 134 6.67 -19.58 -20.23
N PRO A 135 6.57 -18.74 -19.17
CA PRO A 135 5.64 -17.61 -19.20
C PRO A 135 6.16 -16.37 -19.95
N THR A 136 5.24 -15.46 -20.25
CA THR A 136 5.55 -14.09 -20.65
C THR A 136 5.41 -13.17 -19.42
N LEU A 137 6.15 -12.07 -19.42
CA LEU A 137 6.18 -11.17 -18.25
C LEU A 137 4.79 -10.62 -17.88
N ASP A 138 3.93 -10.40 -18.88
CA ASP A 138 2.54 -9.99 -18.66
C ASP A 138 1.80 -10.91 -17.71
N GLN A 139 1.94 -12.22 -17.94
CA GLN A 139 1.32 -13.23 -17.08
C GLN A 139 1.83 -13.19 -15.64
N LEU A 140 3.12 -12.90 -15.47
CA LEU A 140 3.73 -12.75 -14.14
C LEU A 140 3.30 -11.48 -13.42
N THR A 141 3.29 -10.34 -14.12
CA THR A 141 2.85 -9.08 -13.51
C THR A 141 1.33 -9.07 -13.26
N ASP A 142 0.55 -9.74 -14.10
CA ASP A 142 -0.89 -9.90 -13.86
C ASP A 142 -1.17 -10.74 -12.61
N ALA A 143 -0.36 -11.77 -12.37
CA ALA A 143 -0.46 -12.57 -11.14
C ALA A 143 -0.12 -11.75 -9.90
N LEU A 144 0.87 -10.85 -10.02
CA LEU A 144 1.26 -9.95 -8.94
C LEU A 144 0.38 -8.68 -8.81
N GLY A 145 -0.68 -8.57 -9.61
CA GLY A 145 -1.61 -7.44 -9.54
C GLY A 145 -2.24 -7.23 -8.17
N GLY A 146 -2.52 -8.33 -7.48
CA GLY A 146 -3.07 -8.29 -6.12
C GLY A 146 -2.06 -8.33 -4.97
N ASN A 147 -0.76 -8.20 -5.28
CA ASN A 147 0.31 -8.30 -4.28
C ASN A 147 0.97 -6.95 -4.02
N LEU A 148 0.74 -6.39 -2.84
CA LEU A 148 1.24 -5.06 -2.47
C LEU A 148 2.57 -5.11 -1.71
N CYS A 149 3.38 -4.07 -1.90
CA CYS A 149 4.67 -3.94 -1.23
C CYS A 149 4.93 -2.46 -0.93
N ARG A 150 5.37 -2.18 0.30
CA ARG A 150 5.59 -0.80 0.75
C ARG A 150 7.07 -0.40 0.75
N CYS A 151 7.98 -1.36 0.54
CA CYS A 151 9.41 -1.09 0.63
C CYS A 151 10.13 -1.03 -0.71
N THR A 152 9.93 -2.03 -1.57
CA THR A 152 10.86 -2.27 -2.70
C THR A 152 10.64 -1.41 -3.94
N GLY A 153 9.43 -0.89 -4.10
CA GLY A 153 9.03 -0.25 -5.35
C GLY A 153 8.85 -1.21 -6.54
N TYR A 154 8.75 -2.51 -6.27
CA TYR A 154 8.39 -3.55 -7.27
C TYR A 154 9.45 -3.93 -8.32
N ARG A 155 10.27 -2.98 -8.76
CA ARG A 155 11.27 -3.19 -9.83
C ARG A 155 12.13 -4.44 -9.60
N PRO A 156 12.64 -4.64 -8.35
CA PRO A 156 13.39 -5.86 -8.05
C PRO A 156 12.62 -7.17 -8.23
N ILE A 157 11.34 -7.16 -7.87
CA ILE A 157 10.47 -8.34 -7.99
C ILE A 157 10.20 -8.63 -9.48
N ILE A 158 10.07 -7.57 -10.27
CA ILE A 158 9.84 -7.70 -11.71
C ILE A 158 11.10 -8.19 -12.44
N ASP A 159 12.28 -7.79 -11.96
CA ASP A 159 13.54 -8.34 -12.46
C ASP A 159 13.61 -9.85 -12.24
N ALA A 160 13.20 -10.30 -11.06
CA ALA A 160 13.13 -11.73 -10.74
C ALA A 160 12.16 -12.47 -11.66
N CYS A 161 11.00 -11.87 -11.90
CA CYS A 161 10.02 -12.43 -12.84
C CYS A 161 10.59 -12.59 -14.25
N LYS A 162 11.34 -11.60 -14.73
CA LYS A 162 11.96 -11.64 -16.07
C LYS A 162 12.93 -12.80 -16.26
N THR A 163 13.61 -13.23 -15.19
CA THR A 163 14.55 -14.36 -15.27
C THR A 163 13.87 -15.69 -15.66
N PHE A 164 12.57 -15.81 -15.36
CA PHE A 164 11.77 -16.96 -15.76
C PHE A 164 11.20 -16.90 -17.19
N CYS A 165 11.20 -15.71 -17.80
CA CYS A 165 10.68 -15.53 -19.16
C CYS A 165 11.77 -15.69 -20.22
N LYS A 166 11.53 -16.55 -21.20
CA LYS A 166 12.32 -16.57 -22.44
C LYS A 166 11.95 -15.34 -23.27
N THR A 167 12.90 -14.83 -24.06
CA THR A 167 12.73 -13.60 -24.82
C THR A 167 13.32 -13.73 -26.23
N PRO A 199 27.50 -3.23 -15.25
CA PRO A 199 27.56 -3.89 -13.94
C PRO A 199 26.17 -4.09 -13.33
N LYS A 200 25.80 -5.35 -13.07
CA LYS A 200 24.49 -5.72 -12.52
C LYS A 200 24.54 -5.93 -11.00
N LEU A 201 23.39 -5.82 -10.35
CA LEU A 201 23.26 -6.02 -8.90
C LEU A 201 23.24 -7.48 -8.47
N PHE A 202 23.01 -8.39 -9.42
CA PHE A 202 22.89 -9.82 -9.12
C PHE A 202 23.31 -10.65 -10.32
N ALA A 203 23.87 -11.84 -10.05
CA ALA A 203 24.34 -12.75 -11.10
C ALA A 203 23.21 -13.69 -11.56
N GLU A 204 22.57 -13.33 -12.67
CA GLU A 204 21.43 -14.09 -13.22
C GLU A 204 21.83 -15.49 -13.67
N GLU A 205 23.00 -15.60 -14.30
CA GLU A 205 23.53 -16.89 -14.75
C GLU A 205 23.74 -17.91 -13.61
N GLU A 206 24.09 -17.42 -12.42
CA GLU A 206 24.30 -18.30 -11.26
C GLU A 206 23.02 -18.89 -10.65
N PHE A 207 21.84 -18.38 -11.03
CA PHE A 207 20.57 -18.94 -10.54
C PHE A 207 20.33 -20.31 -11.16
N LEU A 208 19.98 -21.28 -10.32
CA LEU A 208 19.70 -22.64 -10.80
C LEU A 208 18.38 -22.68 -11.58
N PRO A 209 18.33 -23.44 -12.69
CA PRO A 209 17.16 -23.39 -13.56
C PRO A 209 15.94 -24.07 -12.95
N LEU A 210 14.76 -23.58 -13.32
CA LEU A 210 13.50 -24.19 -12.93
C LEU A 210 13.43 -25.57 -13.58
N ASP A 211 13.08 -26.58 -12.78
CA ASP A 211 12.94 -27.94 -13.26
C ASP A 211 11.48 -28.37 -13.06
N PRO A 212 10.61 -28.15 -14.08
CA PRO A 212 9.17 -28.41 -13.89
C PRO A 212 8.82 -29.89 -13.64
N THR A 213 9.68 -30.80 -14.07
CA THR A 213 9.49 -32.23 -13.82
C THR A 213 9.75 -32.62 -12.35
N GLN A 214 10.53 -31.81 -11.62
CA GLN A 214 10.83 -32.07 -10.18
C GLN A 214 10.04 -31.17 -9.21
N GLU A 215 8.81 -30.82 -9.58
CA GLU A 215 7.94 -30.01 -8.72
C GLU A 215 7.22 -30.89 -7.69
N LEU A 216 6.45 -30.26 -6.81
CA LEU A 216 5.66 -30.98 -5.81
C LEU A 216 4.60 -31.87 -6.46
N ILE A 217 4.60 -33.16 -6.13
CA ILE A 217 3.57 -34.08 -6.57
C ILE A 217 2.27 -33.79 -5.79
N PHE A 218 1.16 -33.67 -6.52
CA PHE A 218 -0.17 -33.58 -5.92
C PHE A 218 -0.41 -34.86 -5.11
N PRO A 219 -0.85 -34.72 -3.84
CA PRO A 219 -0.96 -35.91 -2.98
C PRO A 219 -1.86 -36.99 -3.59
N PRO A 220 -1.32 -38.20 -3.84
CA PRO A 220 -2.07 -39.29 -4.49
C PRO A 220 -3.40 -39.71 -3.82
N GLU A 221 -3.49 -39.60 -2.50
CA GLU A 221 -4.72 -39.95 -1.79
C GLU A 221 -5.93 -39.13 -2.23
N LEU A 222 -5.73 -37.82 -2.41
CA LEU A 222 -6.80 -36.91 -2.85
C LEU A 222 -7.28 -37.23 -4.27
N MET A 223 -6.35 -37.70 -5.11
CA MET A 223 -6.69 -38.21 -6.45
C MET A 223 -7.54 -39.48 -6.36
N ILE A 224 -7.21 -40.36 -5.40
CA ILE A 224 -8.00 -41.58 -5.12
C ILE A 224 -9.38 -41.21 -4.56
N MET A 225 -9.45 -40.23 -3.67
CA MET A 225 -10.72 -39.77 -3.10
C MET A 225 -11.66 -39.20 -4.15
N ALA A 226 -11.12 -38.36 -5.04
CA ALA A 226 -11.89 -37.79 -6.15
C ALA A 226 -12.37 -38.85 -7.15
N GLU A 227 -11.53 -39.87 -7.37
CA GLU A 227 -11.84 -40.97 -8.31
C GLU A 227 -13.12 -41.77 -7.97
N LYS A 228 -13.46 -41.82 -6.67
CA LYS A 228 -14.80 -42.24 -6.25
C LYS A 228 -15.66 -40.99 -6.00
N GLN A 229 -16.61 -40.72 -6.91
CA GLN A 229 -17.53 -39.59 -6.74
C GLN A 229 -18.55 -39.91 -5.65
N SER A 230 -18.17 -39.65 -4.40
CA SER A 230 -19.06 -39.83 -3.25
C SER A 230 -20.23 -38.84 -3.33
N GLN A 231 -21.42 -39.31 -3.02
CA GLN A 231 -22.64 -38.49 -3.01
C GLN A 231 -22.99 -37.99 -1.60
N ARG A 232 -22.25 -38.46 -0.58
CA ARG A 232 -22.54 -38.13 0.83
C ARG A 232 -22.34 -36.64 1.10
N THR A 233 -23.44 -35.98 1.47
CA THR A 233 -23.42 -34.58 1.86
C THR A 233 -22.73 -34.46 3.23
N ARG A 234 -21.69 -33.62 3.29
CA ARG A 234 -20.88 -33.47 4.48
C ARG A 234 -21.50 -32.43 5.41
N VAL A 235 -21.33 -32.64 6.72
CA VAL A 235 -21.90 -31.79 7.76
C VAL A 235 -20.86 -31.48 8.83
N PHE A 236 -20.73 -30.19 9.17
CA PHE A 236 -19.86 -29.71 10.25
C PHE A 236 -20.67 -28.77 11.11
N GLY A 237 -20.32 -28.66 12.38
CA GLY A 237 -21.09 -27.86 13.33
C GLY A 237 -20.35 -27.37 14.55
N SER A 238 -21.00 -26.45 15.26
CA SER A 238 -20.57 -25.98 16.56
C SER A 238 -21.79 -25.44 17.31
N GLU A 239 -21.57 -24.80 18.46
CA GLU A 239 -22.65 -24.12 19.19
C GLU A 239 -23.27 -22.97 18.37
N ARG A 240 -22.45 -22.31 17.55
CA ARG A 240 -22.86 -21.10 16.83
C ARG A 240 -23.35 -21.35 15.40
N MET A 241 -22.71 -22.30 14.69
CA MET A 241 -22.89 -22.47 13.25
C MET A 241 -23.11 -23.93 12.84
N MET A 242 -23.92 -24.12 11.79
CA MET A 242 -24.07 -25.40 11.10
C MET A 242 -23.69 -25.20 9.63
N TRP A 243 -22.84 -26.09 9.12
CA TRP A 243 -22.30 -26.01 7.77
C TRP A 243 -22.65 -27.26 6.99
N PHE A 244 -23.32 -27.10 5.86
CA PHE A 244 -23.72 -28.20 4.99
C PHE A 244 -23.01 -28.06 3.65
N SER A 245 -22.22 -29.07 3.28
CA SER A 245 -21.60 -29.12 1.96
C SER A 245 -22.28 -30.20 1.12
N PRO A 246 -23.32 -29.82 0.35
CA PRO A 246 -23.94 -30.79 -0.56
C PRO A 246 -23.03 -31.03 -1.77
N VAL A 247 -22.89 -32.29 -2.15
CA VAL A 247 -21.97 -32.69 -3.22
C VAL A 247 -22.71 -33.07 -4.53
N THR A 248 -24.04 -32.95 -4.54
CA THR A 248 -24.87 -33.13 -5.75
C THR A 248 -25.84 -31.95 -5.91
N LEU A 249 -26.37 -31.81 -7.11
CA LEU A 249 -27.37 -30.77 -7.38
C LEU A 249 -28.67 -31.04 -6.62
N LYS A 250 -29.14 -32.28 -6.66
CA LYS A 250 -30.34 -32.68 -5.90
C LYS A 250 -30.22 -32.30 -4.42
N GLU A 251 -29.08 -32.61 -3.81
CA GLU A 251 -28.81 -32.24 -2.42
C GLU A 251 -28.78 -30.73 -2.19
N LEU A 252 -28.11 -29.99 -3.08
CA LEU A 252 -28.03 -28.53 -2.99
C LEU A 252 -29.41 -27.86 -2.92
N LEU A 253 -30.30 -28.26 -3.84
CA LEU A 253 -31.66 -27.72 -3.87
C LEU A 253 -32.46 -28.13 -2.65
N GLU A 254 -32.21 -29.34 -2.15
CA GLU A 254 -32.83 -29.83 -0.91
C GLU A 254 -32.45 -28.97 0.31
N PHE A 255 -31.19 -28.55 0.39
CA PHE A 255 -30.74 -27.66 1.47
C PHE A 255 -31.16 -26.21 1.27
N LYS A 256 -31.32 -25.78 0.02
CA LYS A 256 -31.85 -24.45 -0.27
C LYS A 256 -33.34 -24.31 0.10
N PHE A 257 -34.09 -25.41 0.08
CA PHE A 257 -35.48 -25.39 0.57
C PHE A 257 -35.54 -25.32 2.10
N LYS A 258 -34.78 -26.19 2.77
CA LYS A 258 -34.78 -26.29 4.25
C LYS A 258 -34.37 -25.00 4.93
N TYR A 259 -33.27 -24.42 4.47
CA TYR A 259 -32.67 -23.26 5.08
C TYR A 259 -32.65 -22.13 4.04
N PRO A 260 -33.84 -21.58 3.72
CA PRO A 260 -33.96 -20.66 2.59
C PRO A 260 -33.12 -19.38 2.70
N GLN A 261 -32.88 -18.90 3.92
CA GLN A 261 -32.11 -17.67 4.15
C GLN A 261 -30.61 -17.91 4.37
N ALA A 262 -30.16 -19.16 4.27
CA ALA A 262 -28.74 -19.49 4.41
C ALA A 262 -27.98 -19.13 3.13
N PRO A 263 -26.79 -18.50 3.26
CA PRO A 263 -26.09 -18.10 2.05
C PRO A 263 -25.39 -19.28 1.39
N VAL A 264 -25.38 -19.26 0.05
CA VAL A 264 -24.64 -20.25 -0.73
C VAL A 264 -23.22 -19.72 -0.92
N ILE A 265 -22.30 -20.18 -0.07
CA ILE A 265 -20.89 -19.76 -0.13
C ILE A 265 -20.20 -20.48 -1.30
N MET A 266 -19.59 -19.69 -2.17
CA MET A 266 -18.70 -20.22 -3.22
C MET A 266 -17.27 -19.74 -2.94
N GLY A 267 -17.02 -18.45 -3.12
CA GLY A 267 -15.68 -17.86 -2.92
C GLY A 267 -15.49 -17.12 -1.60
N ASN A 268 -16.60 -16.75 -0.97
CA ASN A 268 -16.62 -16.02 0.30
C ASN A 268 -15.97 -14.62 0.25
N THR A 269 -15.86 -14.05 -0.94
CA THR A 269 -15.26 -12.72 -1.13
C THR A 269 -16.28 -11.59 -1.03
N SER A 270 -17.58 -11.94 -0.94
CA SER A 270 -18.63 -10.96 -0.60
C SER A 270 -19.12 -11.14 0.83
N VAL A 271 -19.48 -12.37 1.19
CA VAL A 271 -19.98 -12.69 2.54
C VAL A 271 -18.88 -12.55 3.61
N GLY A 272 -17.67 -13.01 3.27
CA GLY A 272 -16.54 -12.98 4.19
C GLY A 272 -16.20 -11.60 4.75
N PRO A 273 -15.95 -10.61 3.87
CA PRO A 273 -15.69 -9.26 4.34
C PRO A 273 -16.86 -8.60 5.09
N GLU A 274 -18.11 -8.97 4.77
CA GLU A 274 -19.28 -8.46 5.47
C GLU A 274 -19.35 -8.93 6.92
N VAL A 275 -19.19 -10.23 7.14
CA VAL A 275 -19.17 -10.78 8.51
C VAL A 275 -17.92 -10.33 9.30
N LYS A 276 -16.83 -10.08 8.59
CA LYS A 276 -15.56 -9.66 9.21
C LYS A 276 -15.62 -8.26 9.82
N PHE A 277 -16.24 -7.31 9.11
CA PHE A 277 -16.35 -5.93 9.62
C PHE A 277 -17.59 -5.16 9.11
N LYS A 278 -18.73 -5.84 9.06
CA LYS A 278 -20.05 -5.17 8.99
C LYS A 278 -21.09 -5.82 9.93
N GLY A 279 -20.63 -6.50 10.98
CA GLY A 279 -21.50 -7.08 12.01
C GLY A 279 -22.56 -8.10 11.58
N VAL A 280 -22.34 -8.77 10.47
CA VAL A 280 -23.31 -9.74 9.92
C VAL A 280 -22.96 -11.15 10.43
N PHE A 281 -23.99 -11.98 10.64
CA PHE A 281 -23.79 -13.36 11.09
C PHE A 281 -24.82 -14.32 10.47
N HIS A 282 -24.34 -15.48 10.03
CA HIS A 282 -25.16 -16.50 9.41
C HIS A 282 -25.06 -17.81 10.22
N PRO A 283 -26.16 -18.22 10.88
CA PRO A 283 -26.10 -19.45 11.68
C PRO A 283 -25.99 -20.71 10.82
N VAL A 284 -26.60 -20.72 9.65
CA VAL A 284 -26.51 -21.85 8.73
C VAL A 284 -25.79 -21.40 7.45
N ILE A 285 -24.84 -22.21 6.99
CA ILE A 285 -24.14 -21.98 5.72
C ILE A 285 -24.34 -23.21 4.84
N ILE A 286 -24.66 -22.98 3.56
CA ILE A 286 -24.63 -24.04 2.53
C ILE A 286 -23.44 -23.73 1.61
N SER A 287 -22.60 -24.72 1.38
CA SER A 287 -21.35 -24.52 0.64
C SER A 287 -21.07 -25.71 -0.24
N PRO A 288 -21.66 -25.73 -1.46
CA PRO A 288 -21.61 -26.92 -2.29
C PRO A 288 -20.22 -27.21 -2.85
N ASP A 289 -19.99 -28.47 -3.21
CA ASP A 289 -18.73 -28.87 -3.84
C ASP A 289 -18.88 -28.64 -5.34
N ARG A 290 -17.88 -29.05 -6.13
CA ARG A 290 -17.96 -28.86 -7.57
C ARG A 290 -19.13 -29.68 -8.12
N ILE A 291 -20.27 -29.02 -8.30
CA ILE A 291 -21.45 -29.61 -8.94
C ILE A 291 -21.33 -29.31 -10.43
N GLU A 292 -21.34 -30.36 -11.25
CA GLU A 292 -21.05 -30.26 -12.68
C GLU A 292 -22.03 -29.35 -13.44
N GLU A 293 -23.28 -29.28 -13.01
CA GLU A 293 -24.28 -28.38 -13.61
C GLU A 293 -23.93 -26.90 -13.42
N LEU A 294 -23.32 -26.57 -12.27
CA LEU A 294 -22.86 -25.21 -11.98
C LEU A 294 -21.54 -24.82 -12.66
N SER A 295 -20.84 -25.79 -13.27
CA SER A 295 -19.58 -25.55 -13.99
C SER A 295 -19.73 -25.62 -15.51
N VAL A 296 -20.96 -25.56 -16.02
CA VAL A 296 -21.23 -25.72 -17.45
C VAL A 296 -20.63 -24.59 -18.30
N VAL A 297 -20.05 -24.97 -19.45
CA VAL A 297 -19.58 -24.04 -20.48
C VAL A 297 -20.15 -24.54 -21.81
N ASN A 298 -21.35 -24.03 -22.12
CA ASN A 298 -22.09 -24.44 -23.31
C ASN A 298 -21.98 -23.35 -24.39
N HIS A 299 -21.35 -23.69 -25.51
CA HIS A 299 -21.28 -22.81 -26.69
C HIS A 299 -22.54 -23.02 -27.53
N ALA A 300 -23.53 -22.16 -27.34
CA ALA A 300 -24.82 -22.27 -28.01
C ALA A 300 -24.77 -21.71 -29.45
N TYR A 301 -25.90 -21.78 -30.13
CA TYR A 301 -26.04 -21.19 -31.46
C TYR A 301 -26.07 -19.66 -31.42
N ASN A 302 -26.87 -19.12 -30.49
CA ASN A 302 -27.05 -17.66 -30.37
C ASN A 302 -26.25 -17.01 -29.23
N GLY A 303 -25.30 -17.75 -28.64
CA GLY A 303 -24.53 -17.23 -27.51
C GLY A 303 -23.84 -18.33 -26.71
N LEU A 304 -23.70 -18.09 -25.40
CA LEU A 304 -23.19 -19.11 -24.50
C LEU A 304 -23.77 -19.00 -23.10
N THR A 305 -23.78 -20.15 -22.42
CA THR A 305 -24.30 -20.28 -21.08
C THR A 305 -23.13 -20.60 -20.17
N LEU A 306 -22.84 -19.72 -19.22
CA LEU A 306 -21.74 -19.90 -18.27
C LEU A 306 -22.29 -20.26 -16.90
N GLY A 307 -21.76 -21.34 -16.33
CA GLY A 307 -22.19 -21.83 -15.04
C GLY A 307 -21.91 -20.87 -13.89
N ALA A 308 -22.78 -20.89 -12.89
CA ALA A 308 -22.72 -19.98 -11.75
C ALA A 308 -21.51 -20.26 -10.85
N GLY A 309 -21.03 -21.49 -10.85
CA GLY A 309 -19.87 -21.89 -10.06
C GLY A 309 -18.50 -21.63 -10.69
N LEU A 310 -18.47 -21.17 -11.93
CA LEU A 310 -17.21 -20.81 -12.59
C LEU A 310 -16.63 -19.59 -11.89
N SER A 311 -15.31 -19.61 -11.69
CA SER A 311 -14.61 -18.47 -11.11
C SER A 311 -14.50 -17.38 -12.16
N LEU A 312 -14.30 -16.14 -11.70
CA LEU A 312 -14.11 -15.00 -12.61
C LEU A 312 -12.87 -15.19 -13.49
N ALA A 313 -11.83 -15.80 -12.94
CA ALA A 313 -10.61 -16.11 -13.68
C ALA A 313 -10.87 -17.12 -14.80
N GLN A 314 -11.66 -18.15 -14.50
CA GLN A 314 -12.10 -19.11 -15.52
C GLN A 314 -12.95 -18.47 -16.62
N VAL A 315 -13.81 -17.53 -16.25
CA VAL A 315 -14.65 -16.82 -17.22
C VAL A 315 -13.74 -16.00 -18.14
N LYS A 316 -12.74 -15.33 -17.57
CA LYS A 316 -11.78 -14.55 -18.34
C LYS A 316 -11.06 -15.40 -19.39
N ASP A 317 -10.70 -16.64 -19.03
CA ASP A 317 -10.10 -17.58 -19.98
C ASP A 317 -11.05 -18.03 -21.09
N ILE A 318 -12.27 -18.39 -20.69
CA ILE A 318 -13.33 -18.83 -21.61
C ILE A 318 -13.66 -17.74 -22.62
N LEU A 319 -13.80 -16.51 -22.14
CA LEU A 319 -14.16 -15.37 -23.00
C LEU A 319 -12.99 -14.89 -23.86
N ALA A 320 -11.77 -14.96 -23.34
CA ALA A 320 -10.57 -14.63 -24.13
C ALA A 320 -10.34 -15.64 -25.25
N ASP A 321 -10.77 -16.88 -25.03
CA ASP A 321 -10.70 -17.93 -26.04
C ASP A 321 -11.66 -17.65 -27.21
N VAL A 322 -12.94 -17.39 -26.89
CA VAL A 322 -13.96 -17.22 -27.94
C VAL A 322 -13.78 -15.95 -28.77
N VAL A 323 -13.39 -14.84 -28.14
CA VAL A 323 -13.12 -13.59 -28.89
C VAL A 323 -11.97 -13.72 -29.90
N GLN A 324 -11.03 -14.63 -29.65
CA GLN A 324 -9.93 -14.91 -30.56
C GLN A 324 -10.32 -15.84 -31.73
N LYS A 325 -11.34 -16.68 -31.55
CA LYS A 325 -11.78 -17.64 -32.59
C LYS A 325 -13.16 -17.38 -33.23
N LEU A 326 -13.94 -16.42 -32.71
CA LEU A 326 -15.19 -15.97 -33.36
C LEU A 326 -15.00 -14.59 -34.00
N PRO A 327 -15.88 -14.22 -34.97
CA PRO A 327 -15.82 -12.88 -35.58
C PRO A 327 -16.23 -11.78 -34.60
N GLU A 328 -15.66 -10.59 -34.78
CA GLU A 328 -15.83 -9.46 -33.84
C GLU A 328 -17.28 -8.99 -33.68
N GLU A 329 -18.06 -9.16 -34.75
CA GLU A 329 -19.48 -8.81 -34.78
C GLU A 329 -20.32 -9.53 -33.72
N LYS A 330 -19.95 -10.77 -33.40
CA LYS A 330 -20.66 -11.59 -32.40
C LYS A 330 -20.08 -11.55 -30.97
N THR A 331 -18.81 -11.16 -30.85
CA THR A 331 -18.09 -11.20 -29.55
C THR A 331 -18.06 -9.83 -28.88
N GLN A 332 -19.13 -9.06 -29.00
CA GLN A 332 -19.14 -7.67 -28.54
C GLN A 332 -19.28 -7.59 -27.02
N MET A 333 -20.24 -8.33 -26.46
CA MET A 333 -20.42 -8.43 -25.01
C MET A 333 -19.22 -9.04 -24.30
N TYR A 334 -18.57 -10.00 -24.96
CA TYR A 334 -17.45 -10.72 -24.35
C TYR A 334 -16.18 -9.87 -24.28
N HIS A 335 -16.04 -8.88 -25.17
CA HIS A 335 -14.95 -7.89 -25.07
C HIS A 335 -15.11 -6.99 -23.85
N ALA A 336 -16.32 -6.49 -23.64
CA ALA A 336 -16.64 -5.59 -22.53
C ALA A 336 -16.41 -6.25 -21.17
N LEU A 337 -16.86 -7.49 -21.03
CA LEU A 337 -16.60 -8.28 -19.82
C LEU A 337 -15.10 -8.56 -19.62
N LEU A 338 -14.41 -8.95 -20.69
CA LEU A 338 -12.93 -9.12 -20.66
C LEU A 338 -12.18 -7.92 -20.14
N LYS A 339 -12.56 -6.74 -20.63
CA LYS A 339 -11.92 -5.48 -20.30
C LYS A 339 -11.99 -5.22 -18.79
N HIS A 340 -13.19 -5.35 -18.22
CA HIS A 340 -13.40 -5.12 -16.79
C HIS A 340 -12.92 -6.27 -15.90
N LEU A 341 -12.90 -7.50 -16.43
CA LEU A 341 -12.26 -8.64 -15.74
C LEU A 341 -10.74 -8.52 -15.66
N GLY A 342 -10.13 -7.80 -16.61
CA GLY A 342 -8.70 -7.51 -16.56
C GLY A 342 -8.28 -6.67 -15.36
N THR A 343 -9.17 -5.78 -14.91
CA THR A 343 -8.92 -4.87 -13.79
C THR A 343 -9.64 -5.26 -12.50
N LEU A 344 -10.47 -6.32 -12.53
CA LEU A 344 -11.28 -6.71 -11.38
C LEU A 344 -10.41 -7.34 -10.29
N ALA A 345 -10.12 -6.56 -9.24
CA ALA A 345 -9.28 -7.00 -8.12
C ALA A 345 -7.90 -7.46 -8.63
N GLY A 346 -7.32 -8.49 -8.02
CA GLY A 346 -6.18 -9.20 -8.58
C GLY A 346 -6.51 -10.66 -8.86
N SER A 347 -5.50 -11.42 -9.27
CA SER A 347 -5.63 -12.83 -9.67
C SER A 347 -6.18 -13.75 -8.57
N GLN A 348 -5.87 -13.44 -7.31
CA GLN A 348 -6.30 -14.28 -6.18
C GLN A 348 -7.82 -14.25 -6.02
N ILE A 349 -8.36 -13.03 -5.96
CA ILE A 349 -9.81 -12.81 -5.82
C ILE A 349 -10.57 -13.31 -7.04
N ARG A 350 -10.02 -13.11 -8.24
CA ARG A 350 -10.64 -13.64 -9.46
C ARG A 350 -10.73 -15.17 -9.44
N ASN A 351 -9.69 -15.85 -8.94
CA ASN A 351 -9.70 -17.32 -8.86
C ASN A 351 -10.54 -17.88 -7.72
N MET A 352 -10.97 -17.03 -6.79
CA MET A 352 -11.89 -17.43 -5.71
C MET A 352 -13.33 -17.09 -6.05
N ALA A 353 -13.56 -15.82 -6.39
CA ALA A 353 -14.91 -15.30 -6.70
C ALA A 353 -15.58 -16.03 -7.83
N SER A 354 -16.86 -16.37 -7.66
CA SER A 354 -17.66 -17.04 -8.68
C SER A 354 -18.54 -16.03 -9.42
N LEU A 355 -18.98 -16.43 -10.62
CA LEU A 355 -19.80 -15.56 -11.47
C LEU A 355 -21.19 -15.37 -10.86
N GLY A 356 -21.81 -16.47 -10.42
CA GLY A 356 -23.10 -16.44 -9.74
C GLY A 356 -23.07 -15.61 -8.47
N GLY A 357 -22.02 -15.79 -7.67
CA GLY A 357 -21.79 -14.99 -6.48
C GLY A 357 -21.65 -13.51 -6.79
N HIS A 358 -20.96 -13.18 -7.87
CA HIS A 358 -20.87 -11.80 -8.33
C HIS A 358 -22.25 -11.24 -8.66
N ILE A 359 -23.03 -11.98 -9.45
CA ILE A 359 -24.34 -11.53 -9.90
C ILE A 359 -25.32 -11.41 -8.74
N ILE A 360 -25.38 -12.42 -7.87
CA ILE A 360 -26.34 -12.43 -6.75
C ILE A 360 -25.99 -11.41 -5.67
N SER A 361 -24.70 -11.22 -5.38
CA SER A 361 -24.27 -10.29 -4.31
C SER A 361 -24.58 -8.81 -4.60
N ARG A 362 -24.74 -8.46 -5.87
CA ARG A 362 -25.26 -7.15 -6.30
C ARG A 362 -24.61 -5.96 -5.60
N HIS A 363 -23.27 -5.92 -5.65
CA HIS A 363 -22.52 -4.78 -5.12
C HIS A 363 -22.79 -3.56 -6.01
N PRO A 364 -23.05 -2.37 -5.41
CA PRO A 364 -23.29 -1.16 -6.22
C PRO A 364 -22.14 -0.80 -7.16
N ASP A 365 -20.90 -1.08 -6.74
CA ASP A 365 -19.69 -0.85 -7.53
C ASP A 365 -19.22 -2.08 -8.35
N SER A 366 -20.13 -3.04 -8.57
CA SER A 366 -19.87 -4.17 -9.46
C SER A 366 -19.49 -3.68 -10.86
N ASP A 367 -18.41 -4.24 -11.40
CA ASP A 367 -17.91 -3.91 -12.73
C ASP A 367 -18.57 -4.72 -13.85
N LEU A 368 -19.05 -5.92 -13.53
CA LEU A 368 -19.62 -6.81 -14.52
C LEU A 368 -21.13 -6.64 -14.67
N ASN A 369 -21.84 -6.41 -13.55
CA ASN A 369 -23.31 -6.30 -13.58
C ASN A 369 -23.91 -5.17 -14.44
N PRO A 370 -23.24 -4.01 -14.53
CA PRO A 370 -23.68 -2.99 -15.48
C PRO A 370 -23.56 -3.42 -16.94
N ILE A 371 -22.53 -4.19 -17.26
CA ILE A 371 -22.34 -4.70 -18.62
C ILE A 371 -23.37 -5.79 -18.91
N LEU A 372 -23.60 -6.67 -17.94
CA LEU A 372 -24.61 -7.72 -18.06
C LEU A 372 -26.01 -7.13 -18.19
N ALA A 373 -26.29 -6.06 -17.44
CA ALA A 373 -27.60 -5.39 -17.45
C ALA A 373 -28.03 -4.96 -18.83
N VAL A 374 -27.09 -4.36 -19.57
CA VAL A 374 -27.36 -3.81 -20.91
C VAL A 374 -27.42 -4.85 -22.04
N GLY A 375 -26.93 -6.08 -21.80
CA GLY A 375 -26.76 -7.09 -22.86
C GLY A 375 -27.81 -8.18 -22.96
N ASN A 376 -29.03 -7.92 -22.49
CA ASN A 376 -30.14 -8.88 -22.56
C ASN A 376 -29.81 -10.26 -22.00
N CYS A 377 -29.13 -10.28 -20.85
CA CYS A 377 -28.70 -11.55 -20.26
C CYS A 377 -29.79 -12.12 -19.38
N THR A 378 -29.95 -13.44 -19.40
CA THR A 378 -30.98 -14.13 -18.64
C THR A 378 -30.35 -15.16 -17.71
N LEU A 379 -31.03 -15.42 -16.60
CA LEU A 379 -30.52 -16.27 -15.52
C LEU A 379 -31.31 -17.58 -15.51
N ASN A 380 -30.58 -18.70 -15.44
CA ASN A 380 -31.18 -20.02 -15.35
C ASN A 380 -31.32 -20.42 -13.88
N LEU A 381 -32.53 -20.25 -13.36
CA LEU A 381 -32.84 -20.59 -11.97
C LEU A 381 -33.26 -22.06 -11.87
N LEU A 382 -33.19 -22.59 -10.66
CA LEU A 382 -33.60 -23.96 -10.41
C LEU A 382 -33.95 -24.16 -8.94
N SER A 383 -35.07 -24.83 -8.70
CA SER A 383 -35.57 -25.14 -7.37
C SER A 383 -35.81 -26.64 -7.25
N LYS A 384 -36.22 -27.05 -6.05
CA LYS A 384 -36.68 -28.41 -5.83
C LYS A 384 -37.98 -28.68 -6.61
N GLU A 385 -38.84 -27.66 -6.70
CA GLU A 385 -40.12 -27.75 -7.45
C GLU A 385 -40.05 -27.30 -8.92
N GLY A 386 -38.84 -27.14 -9.47
CA GLY A 386 -38.66 -27.00 -10.93
C GLY A 386 -37.71 -25.94 -11.44
N LYS A 387 -37.54 -25.95 -12.76
CA LYS A 387 -36.69 -25.02 -13.49
C LYS A 387 -37.43 -23.71 -13.75
N ARG A 388 -36.69 -22.62 -13.92
CA ARG A 388 -37.24 -21.29 -14.13
C ARG A 388 -36.16 -20.37 -14.75
N GLN A 389 -36.60 -19.36 -15.51
CA GLN A 389 -35.68 -18.45 -16.20
C GLN A 389 -36.18 -17.02 -16.18
N ILE A 390 -35.37 -16.13 -15.60
CA ILE A 390 -35.71 -14.71 -15.46
C ILE A 390 -34.64 -13.86 -16.12
N PRO A 391 -35.00 -12.63 -16.54
CA PRO A 391 -33.99 -11.73 -17.12
C PRO A 391 -33.17 -11.03 -16.05
N LEU A 392 -31.94 -10.65 -16.39
CA LEU A 392 -31.08 -9.83 -15.54
C LEU A 392 -31.27 -8.36 -15.93
N ASN A 393 -32.15 -7.68 -15.20
CA ASN A 393 -32.55 -6.29 -15.48
C ASN A 393 -32.33 -5.40 -14.24
N GLU A 394 -32.65 -4.11 -14.36
CA GLU A 394 -32.51 -3.16 -13.23
C GLU A 394 -33.25 -3.57 -11.97
N GLN A 395 -34.43 -4.15 -12.14
CA GLN A 395 -35.28 -4.55 -11.01
C GLN A 395 -34.69 -5.73 -10.27
N PHE A 396 -34.10 -6.67 -11.00
CA PHE A 396 -33.32 -7.75 -10.39
C PHE A 396 -32.14 -7.19 -9.60
N LEU A 397 -31.41 -6.24 -10.20
CA LEU A 397 -30.24 -5.61 -9.55
C LEU A 397 -30.61 -4.75 -8.33
N SER A 398 -31.83 -4.19 -8.33
CA SER A 398 -32.38 -3.46 -7.19
C SER A 398 -33.13 -4.35 -6.17
N LYS A 399 -33.13 -5.67 -6.39
CA LYS A 399 -33.67 -6.67 -5.46
C LYS A 399 -35.19 -6.56 -5.22
N CYS A 400 -35.93 -6.22 -6.29
CA CYS A 400 -37.39 -6.22 -6.25
C CYS A 400 -37.87 -7.67 -6.18
N PRO A 401 -38.61 -8.06 -5.12
CA PRO A 401 -39.03 -9.45 -4.91
C PRO A 401 -39.59 -10.17 -6.15
N ASN A 402 -40.49 -9.49 -6.86
CA ASN A 402 -41.09 -10.05 -8.09
C ASN A 402 -40.09 -10.29 -9.26
N ALA A 403 -38.94 -9.62 -9.24
CA ALA A 403 -37.87 -9.84 -10.23
C ALA A 403 -36.67 -10.63 -9.70
N ASP A 404 -36.68 -10.95 -8.42
CA ASP A 404 -35.55 -11.60 -7.74
C ASP A 404 -35.70 -13.12 -7.84
N LEU A 405 -34.71 -13.85 -7.33
CA LEU A 405 -34.87 -15.27 -7.03
C LEU A 405 -35.79 -15.42 -5.84
N LYS A 406 -36.53 -16.52 -5.80
CA LYS A 406 -37.27 -16.91 -4.61
C LYS A 406 -36.27 -17.40 -3.55
N PRO A 407 -36.66 -17.39 -2.26
CA PRO A 407 -35.75 -17.91 -1.23
C PRO A 407 -35.32 -19.39 -1.38
N GLN A 408 -36.07 -20.20 -2.13
CA GLN A 408 -35.84 -21.65 -2.22
C GLN A 408 -35.03 -22.07 -3.45
N GLU A 409 -34.63 -21.14 -4.31
CA GLU A 409 -33.96 -21.50 -5.57
C GLU A 409 -32.57 -20.90 -5.71
N ILE A 410 -31.78 -21.49 -6.61
CA ILE A 410 -30.40 -21.09 -6.87
C ILE A 410 -30.19 -20.68 -8.31
N LEU A 411 -29.12 -19.94 -8.55
CA LEU A 411 -28.66 -19.60 -9.89
C LEU A 411 -27.77 -20.73 -10.40
N VAL A 412 -28.16 -21.36 -11.51
CA VAL A 412 -27.39 -22.45 -12.11
C VAL A 412 -26.36 -21.90 -13.11
N SER A 413 -26.84 -21.04 -14.00
CA SER A 413 -26.01 -20.46 -15.05
C SER A 413 -26.63 -19.18 -15.59
N VAL A 414 -25.83 -18.44 -16.35
CA VAL A 414 -26.26 -17.20 -17.01
C VAL A 414 -26.02 -17.30 -18.51
N ASN A 415 -27.00 -16.82 -19.28
CA ASN A 415 -26.93 -16.78 -20.74
C ASN A 415 -26.50 -15.39 -21.18
N ILE A 416 -25.42 -15.32 -21.95
CA ILE A 416 -24.90 -14.05 -22.49
C ILE A 416 -24.92 -14.21 -24.01
N PRO A 417 -25.88 -13.57 -24.69
CA PRO A 417 -26.02 -13.81 -26.13
C PRO A 417 -24.92 -13.16 -26.98
N TYR A 418 -24.71 -13.71 -28.17
CA TYR A 418 -23.87 -13.08 -29.18
C TYR A 418 -24.51 -11.79 -29.62
N SER A 419 -23.69 -10.80 -29.96
CA SER A 419 -24.18 -9.57 -30.54
C SER A 419 -24.57 -9.78 -32.00
N ARG A 420 -25.46 -8.92 -32.48
CA ARG A 420 -25.87 -8.92 -33.89
C ARG A 420 -25.01 -7.91 -34.64
N LYS A 421 -25.16 -7.87 -35.97
CA LYS A 421 -24.52 -6.83 -36.78
C LYS A 421 -25.16 -5.48 -36.42
N TRP A 422 -24.32 -4.44 -36.38
CA TRP A 422 -24.71 -3.09 -35.95
C TRP A 422 -25.17 -3.04 -34.48
N GLU A 423 -24.65 -3.95 -33.66
CA GLU A 423 -24.86 -3.94 -32.23
C GLU A 423 -23.50 -3.79 -31.56
N PHE A 424 -23.36 -2.75 -30.74
CA PHE A 424 -22.09 -2.41 -30.11
C PHE A 424 -22.28 -2.23 -28.61
N VAL A 425 -21.28 -2.61 -27.83
CA VAL A 425 -21.30 -2.47 -26.37
C VAL A 425 -19.95 -1.98 -25.88
N SER A 426 -19.97 -1.10 -24.89
CA SER A 426 -18.76 -0.57 -24.28
C SER A 426 -18.89 -0.60 -22.77
N ALA A 427 -17.74 -0.80 -22.11
CA ALA A 427 -17.65 -0.75 -20.66
C ALA A 427 -16.61 0.29 -20.28
N PHE A 428 -16.93 1.13 -19.29
CA PHE A 428 -16.00 2.14 -18.78
C PHE A 428 -15.91 2.07 -17.27
N ARG A 429 -14.77 2.47 -16.73
CA ARG A 429 -14.61 2.60 -15.28
C ARG A 429 -13.52 3.59 -14.89
N GLN A 430 -13.70 4.25 -13.75
CA GLN A 430 -12.64 5.03 -13.13
C GLN A 430 -12.58 4.74 -11.65
N ALA A 431 -11.35 4.66 -11.13
CA ALA A 431 -11.06 4.34 -9.74
C ALA A 431 -9.84 5.14 -9.29
N GLN A 432 -9.37 4.88 -8.07
CA GLN A 432 -8.18 5.55 -7.52
C GLN A 432 -6.87 5.17 -8.24
N ARG A 433 -6.81 3.94 -8.73
CA ARG A 433 -5.72 3.45 -9.58
C ARG A 433 -6.26 2.42 -10.57
N GLN A 434 -5.47 2.07 -11.58
CA GLN A 434 -5.96 1.27 -12.72
C GLN A 434 -6.38 -0.16 -12.36
N GLU A 435 -5.68 -0.76 -11.41
CA GLU A 435 -5.84 -2.18 -11.08
C GLU A 435 -6.08 -2.34 -9.58
N ASN A 436 -6.81 -3.40 -9.21
CA ASN A 436 -7.01 -3.79 -7.81
C ASN A 436 -7.51 -2.63 -6.95
N ALA A 437 -8.60 -2.01 -7.39
CA ALA A 437 -9.23 -0.90 -6.68
C ALA A 437 -10.66 -0.74 -7.14
N LEU A 438 -11.56 -0.54 -6.19
CA LEU A 438 -12.99 -0.49 -6.47
C LEU A 438 -13.34 0.77 -7.26
N ALA A 439 -14.39 0.68 -8.07
CA ALA A 439 -14.76 1.76 -8.99
C ALA A 439 -15.44 2.91 -8.26
N ILE A 440 -15.14 4.13 -8.70
CA ILE A 440 -15.84 5.33 -8.24
C ILE A 440 -17.13 5.43 -9.04
N VAL A 441 -16.99 5.37 -10.36
CA VAL A 441 -18.10 5.17 -11.29
C VAL A 441 -17.65 4.18 -12.38
N ASN A 442 -18.58 3.32 -12.79
CA ASN A 442 -18.39 2.49 -13.98
C ASN A 442 -19.66 2.49 -14.81
N SER A 443 -19.60 1.86 -15.99
CA SER A 443 -20.75 1.78 -16.87
C SER A 443 -20.71 0.63 -17.86
N GLY A 444 -21.90 0.21 -18.28
CA GLY A 444 -22.10 -0.61 -19.47
C GLY A 444 -23.08 0.15 -20.35
N MET A 445 -22.85 0.15 -21.67
CA MET A 445 -23.71 0.88 -22.62
C MET A 445 -23.83 0.11 -23.93
N ARG A 446 -25.06 -0.15 -24.38
CA ARG A 446 -25.32 -0.83 -25.67
C ARG A 446 -26.09 0.07 -26.63
N VAL A 447 -25.84 -0.14 -27.94
CA VAL A 447 -26.62 0.49 -29.03
C VAL A 447 -27.05 -0.56 -30.05
N PHE A 448 -28.13 -0.27 -30.77
CA PHE A 448 -28.57 -1.13 -31.88
C PHE A 448 -29.16 -0.29 -33.01
N PHE A 449 -28.62 -0.46 -34.20
CA PHE A 449 -29.04 0.32 -35.35
C PHE A 449 -29.82 -0.51 -36.33
N GLY A 450 -29.40 -1.75 -36.49
CA GLY A 450 -30.05 -2.64 -37.42
C GLY A 450 -30.16 -1.97 -38.76
N GLU A 451 -30.93 -2.56 -39.65
CA GLU A 451 -31.14 -2.02 -40.98
C GLU A 451 -29.78 -1.68 -41.57
N GLY A 452 -29.13 -0.71 -40.95
CA GLY A 452 -27.81 -0.28 -41.36
C GLY A 452 -27.73 1.23 -41.33
N ASP A 453 -28.87 1.88 -41.32
CA ASP A 453 -28.88 3.34 -41.26
C ASP A 453 -28.50 3.80 -39.86
N GLY A 454 -28.45 5.10 -39.65
CA GLY A 454 -28.04 5.62 -38.33
C GLY A 454 -29.13 5.89 -37.30
N ILE A 455 -30.36 5.42 -37.55
CA ILE A 455 -31.46 5.54 -36.58
C ILE A 455 -31.24 4.52 -35.47
N ILE A 456 -31.17 5.01 -34.23
CA ILE A 456 -30.89 4.14 -33.08
C ILE A 456 -32.22 3.46 -32.69
N ARG A 457 -32.22 2.13 -32.69
CA ARG A 457 -33.42 1.33 -32.47
C ARG A 457 -33.52 0.71 -31.07
N GLU A 458 -32.38 0.45 -30.43
CA GLU A 458 -32.36 0.09 -28.99
C GLU A 458 -31.24 0.82 -28.27
N LEU A 459 -31.37 0.90 -26.94
CA LEU A 459 -30.38 1.58 -26.10
C LEU A 459 -30.55 1.19 -24.62
N CYS A 460 -29.50 0.63 -24.01
CA CYS A 460 -29.47 0.38 -22.56
C CYS A 460 -28.18 0.95 -22.01
N ILE A 461 -28.29 1.78 -20.97
CA ILE A 461 -27.16 2.48 -20.39
C ILE A 461 -27.18 2.29 -18.87
N SER A 462 -26.30 1.42 -18.37
CA SER A 462 -26.22 1.12 -16.94
C SER A 462 -25.00 1.77 -16.30
N TYR A 463 -25.17 2.25 -15.06
CA TYR A 463 -24.08 2.82 -14.26
C TYR A 463 -23.98 2.13 -12.90
N GLY A 464 -22.76 2.05 -12.38
CA GLY A 464 -22.51 1.59 -11.01
C GLY A 464 -21.76 2.63 -10.21
N GLY A 465 -21.80 2.48 -8.88
CA GLY A 465 -21.14 3.42 -7.97
C GLY A 465 -21.83 4.77 -7.85
N VAL A 466 -23.10 4.84 -8.20
CA VAL A 466 -23.87 6.11 -8.14
C VAL A 466 -25.19 5.94 -7.35
N GLY A 467 -25.21 5.00 -6.42
CA GLY A 467 -26.41 4.66 -5.68
C GLY A 467 -26.27 3.33 -4.95
N PRO A 468 -27.31 2.92 -4.21
CA PRO A 468 -27.25 1.66 -3.47
C PRO A 468 -27.18 0.41 -4.36
N ALA A 469 -27.67 0.53 -5.59
CA ALA A 469 -27.58 -0.54 -6.58
C ALA A 469 -27.13 -0.01 -7.93
N THR A 470 -26.89 -0.94 -8.84
CA THR A 470 -26.60 -0.65 -10.25
C THR A 470 -27.89 -0.09 -10.89
N ILE A 471 -27.77 1.01 -11.64
CA ILE A 471 -28.94 1.72 -12.20
C ILE A 471 -28.88 1.84 -13.71
N CYS A 472 -30.00 1.52 -14.37
CA CYS A 472 -30.16 1.68 -15.81
C CYS A 472 -30.96 2.94 -16.08
N ALA A 473 -30.48 3.77 -16.99
CA ALA A 473 -31.20 4.96 -17.43
C ALA A 473 -32.26 4.57 -18.47
N LYS A 474 -33.31 3.91 -18.01
CA LYS A 474 -34.36 3.36 -18.89
C LYS A 474 -35.20 4.44 -19.58
N ASN A 475 -35.44 5.56 -18.88
CA ASN A 475 -36.31 6.63 -19.35
C ASN A 475 -35.61 7.58 -20.32
N SER A 476 -34.34 7.87 -20.05
CA SER A 476 -33.49 8.62 -20.98
C SER A 476 -33.38 7.87 -22.30
N CYS A 477 -33.01 6.60 -22.20
CA CYS A 477 -32.85 5.72 -23.37
C CYS A 477 -34.13 5.61 -24.21
N GLN A 478 -35.27 5.50 -23.54
CA GLN A 478 -36.57 5.46 -24.21
C GLN A 478 -36.79 6.74 -25.04
N LYS A 479 -36.47 7.90 -24.47
CA LYS A 479 -36.60 9.19 -25.19
C LYS A 479 -35.64 9.34 -26.37
N LEU A 480 -34.49 8.67 -26.31
CA LEU A 480 -33.48 8.71 -27.37
C LEU A 480 -33.72 7.74 -28.55
N ILE A 481 -34.71 6.84 -28.43
CA ILE A 481 -35.00 5.86 -29.51
C ILE A 481 -35.57 6.60 -30.71
N GLY A 482 -35.04 6.30 -31.90
CA GLY A 482 -35.43 6.97 -33.14
C GLY A 482 -34.49 8.08 -33.60
N ARG A 483 -33.66 8.59 -32.69
CA ARG A 483 -32.71 9.68 -33.02
C ARG A 483 -31.46 9.17 -33.74
N HIS A 484 -30.75 10.09 -34.37
CA HIS A 484 -29.50 9.79 -35.07
C HIS A 484 -28.30 9.85 -34.14
N TRP A 485 -27.18 9.33 -34.62
CA TRP A 485 -25.94 9.29 -33.85
C TRP A 485 -25.07 10.49 -34.24
N ASN A 486 -25.34 11.63 -33.61
CA ASN A 486 -24.63 12.89 -33.86
C ASN A 486 -24.44 13.69 -32.58
N GLU A 487 -23.72 14.81 -32.65
CA GLU A 487 -23.42 15.61 -31.47
C GLU A 487 -24.64 16.31 -30.86
N GLN A 488 -25.67 16.56 -31.68
CA GLN A 488 -26.93 17.11 -31.18
C GLN A 488 -27.66 16.15 -30.23
N MET A 489 -27.49 14.84 -30.43
CA MET A 489 -27.97 13.84 -29.46
C MET A 489 -27.26 13.95 -28.12
N LEU A 490 -25.93 14.10 -28.15
CA LEU A 490 -25.12 14.12 -26.92
C LEU A 490 -25.53 15.20 -25.94
N ASP A 491 -25.72 16.42 -26.44
CA ASP A 491 -26.07 17.54 -25.59
C ASP A 491 -27.37 17.27 -24.82
N ILE A 492 -28.39 16.76 -25.52
CA ILE A 492 -29.67 16.41 -24.87
C ILE A 492 -29.57 15.09 -24.09
N ALA A 493 -28.87 14.10 -24.64
CA ALA A 493 -28.64 12.81 -23.97
C ALA A 493 -27.90 12.97 -22.64
N CYS A 494 -26.96 13.91 -22.60
CA CYS A 494 -26.25 14.23 -21.36
C CYS A 494 -27.18 14.83 -20.29
N ARG A 495 -28.06 15.74 -20.67
CA ARG A 495 -28.91 16.44 -19.69
C ARG A 495 -29.98 15.56 -19.05
N LEU A 496 -30.71 14.79 -19.86
CA LEU A 496 -31.74 13.90 -19.30
C LEU A 496 -31.15 12.68 -18.56
N ILE A 497 -29.90 12.31 -18.88
CA ILE A 497 -29.14 11.36 -18.05
C ILE A 497 -28.78 11.99 -16.70
N LEU A 498 -28.29 13.23 -16.72
CA LEU A 498 -28.00 13.98 -15.49
C LEU A 498 -29.24 14.19 -14.62
N ASN A 499 -30.41 14.35 -15.24
CA ASN A 499 -31.67 14.37 -14.51
C ASN A 499 -31.99 13.01 -13.90
N GLU A 500 -31.94 11.96 -14.73
CA GLU A 500 -32.34 10.61 -14.32
C GLU A 500 -31.44 10.01 -13.23
N VAL A 501 -30.14 9.89 -13.49
CA VAL A 501 -29.20 9.46 -12.44
C VAL A 501 -28.82 10.64 -11.54
N SER A 502 -29.70 10.95 -10.60
CA SER A 502 -29.47 12.02 -9.63
C SER A 502 -28.57 11.50 -8.51
N LEU A 503 -27.66 12.36 -8.06
CA LEU A 503 -26.85 12.13 -6.87
C LEU A 503 -27.08 13.30 -5.92
N LEU A 504 -27.55 13.01 -4.72
CA LEU A 504 -27.66 14.02 -3.67
C LEU A 504 -26.23 14.39 -3.25
N GLY A 505 -25.99 15.69 -3.05
CA GLY A 505 -24.68 16.19 -2.59
C GLY A 505 -24.14 15.53 -1.33
N SER A 506 -25.04 14.96 -0.52
CA SER A 506 -24.69 14.17 0.67
C SER A 506 -24.49 12.67 0.42
N ALA A 507 -24.47 12.23 -0.85
CA ALA A 507 -24.52 10.80 -1.17
C ALA A 507 -23.32 10.01 -0.60
N PRO A 508 -23.55 8.71 -0.27
CA PRO A 508 -22.44 7.86 0.15
C PRO A 508 -21.35 7.75 -0.91
N GLY A 509 -20.09 7.66 -0.47
CA GLY A 509 -18.93 7.65 -1.36
C GLY A 509 -18.32 9.02 -1.62
N GLY A 510 -19.10 10.09 -1.44
CA GLY A 510 -18.64 11.44 -1.74
C GLY A 510 -18.35 11.59 -3.22
N LYS A 511 -17.36 12.42 -3.54
CA LYS A 511 -16.92 12.66 -4.93
C LYS A 511 -18.07 12.99 -5.89
N VAL A 512 -19.05 13.74 -5.39
CA VAL A 512 -20.32 13.92 -6.08
C VAL A 512 -20.15 14.62 -7.43
N GLU A 513 -19.43 15.73 -7.42
CA GLU A 513 -19.20 16.54 -8.63
C GLU A 513 -18.40 15.76 -9.68
N PHE A 514 -17.46 14.94 -9.22
CA PHE A 514 -16.66 14.07 -10.08
C PHE A 514 -17.49 12.92 -10.66
N LYS A 515 -18.29 12.27 -9.82
CA LYS A 515 -19.20 11.19 -10.26
C LYS A 515 -20.13 11.68 -11.38
N ARG A 516 -20.80 12.79 -11.12
CA ARG A 516 -21.65 13.47 -12.13
C ARG A 516 -20.97 13.61 -13.48
N THR A 517 -19.70 14.03 -13.44
CA THR A 517 -18.92 14.25 -14.66
C THR A 517 -18.58 12.96 -15.38
N LEU A 518 -18.15 11.93 -14.62
CA LEU A 518 -17.81 10.61 -15.18
C LEU A 518 -18.98 9.97 -15.93
N ILE A 519 -20.17 10.08 -15.34
CA ILE A 519 -21.43 9.61 -15.95
C ILE A 519 -21.59 10.09 -17.37
N ILE A 520 -21.43 11.41 -17.57
CA ILE A 520 -21.54 12.01 -18.90
C ILE A 520 -20.25 11.93 -19.74
N SER A 521 -19.09 11.87 -19.08
CA SER A 521 -17.81 11.70 -19.77
C SER A 521 -17.66 10.30 -20.41
N PHE A 522 -18.18 9.27 -19.74
CA PHE A 522 -18.25 7.93 -20.33
C PHE A 522 -19.24 7.89 -21.49
N LEU A 523 -20.37 8.58 -21.33
CA LEU A 523 -21.35 8.75 -22.40
C LEU A 523 -20.75 9.42 -23.65
N PHE A 524 -19.86 10.39 -23.42
CA PHE A 524 -19.08 11.01 -24.50
C PHE A 524 -18.12 10.03 -25.17
N LYS A 525 -17.39 9.27 -24.36
CA LYS A 525 -16.49 8.24 -24.89
C LYS A 525 -17.23 7.16 -25.67
N PHE A 526 -18.42 6.79 -25.19
CA PHE A 526 -19.28 5.82 -25.88
C PHE A 526 -19.70 6.34 -27.26
N TYR A 527 -20.05 7.63 -27.34
CA TYR A 527 -20.34 8.26 -28.62
C TYR A 527 -19.20 8.07 -29.61
N LEU A 528 -17.98 8.33 -29.16
CA LEU A 528 -16.79 8.26 -30.02
C LEU A 528 -16.46 6.84 -30.50
N GLU A 529 -16.59 5.86 -29.61
CA GLU A 529 -16.35 4.45 -29.97
C GLU A 529 -17.36 3.97 -31.02
N VAL A 530 -18.63 4.31 -30.81
CA VAL A 530 -19.69 3.94 -31.75
C VAL A 530 -19.59 4.73 -33.05
N SER A 531 -19.31 6.03 -32.96
CA SER A 531 -19.05 6.85 -34.15
C SER A 531 -17.60 6.68 -34.62
N GLN A 532 -17.24 5.43 -34.90
CA GLN A 532 -15.92 5.04 -35.39
C GLN A 532 -15.97 3.65 -36.00
N ILE A 533 -16.54 2.70 -35.26
CA ILE A 533 -16.91 1.38 -35.81
C ILE A 533 -17.93 1.54 -36.96
N LEU A 534 -18.79 2.55 -36.85
CA LEU A 534 -19.69 2.95 -37.96
C LEU A 534 -18.92 3.48 -39.17
N LYS A 535 -17.92 4.32 -38.93
CA LYS A 535 -17.02 4.79 -40.00
C LYS A 535 -16.25 3.63 -40.64
N LYS A 536 -15.75 2.72 -39.80
CA LYS A 536 -15.02 1.54 -40.27
C LYS A 536 -15.88 0.67 -41.18
N MET A 537 -17.08 0.34 -40.69
CA MET A 537 -18.02 -0.50 -41.44
C MET A 537 -18.63 0.19 -42.66
N ASP A 538 -19.13 1.41 -42.48
CA ASP A 538 -19.83 2.18 -43.52
C ASP A 538 -19.17 3.55 -43.69
N PRO A 539 -18.03 3.62 -44.41
CA PRO A 539 -17.25 4.86 -44.47
C PRO A 539 -17.86 6.02 -45.27
N VAL A 540 -18.63 5.72 -46.32
CA VAL A 540 -19.25 6.78 -47.13
C VAL A 540 -20.36 7.55 -46.40
N HIS A 541 -21.16 6.85 -45.59
CA HIS A 541 -22.31 7.46 -44.90
C HIS A 541 -21.94 8.27 -43.65
N TYR A 542 -21.08 7.72 -42.80
CA TYR A 542 -20.71 8.38 -41.53
C TYR A 542 -19.42 9.19 -41.67
N PRO A 543 -19.23 10.21 -40.81
CA PRO A 543 -18.06 11.09 -40.92
C PRO A 543 -16.86 10.58 -40.13
N SER A 544 -15.66 11.00 -40.56
CA SER A 544 -14.41 10.67 -39.87
C SER A 544 -14.32 11.49 -38.58
N LEU A 545 -13.61 10.95 -37.59
CA LEU A 545 -13.45 11.64 -36.30
C LEU A 545 -12.53 12.86 -36.45
N ALA A 546 -12.73 13.85 -35.58
CA ALA A 546 -11.83 14.99 -35.50
C ALA A 546 -10.44 14.49 -35.09
N ASP A 547 -9.40 15.08 -35.69
CA ASP A 547 -8.04 14.57 -35.59
C ASP A 547 -7.51 14.62 -34.15
N LYS A 548 -7.74 15.76 -33.50
CA LYS A 548 -7.41 15.95 -32.08
C LYS A 548 -8.21 15.08 -31.09
N TYR A 549 -9.41 14.67 -31.47
CA TYR A 549 -10.31 13.89 -30.60
C TYR A 549 -9.94 12.40 -30.41
N GLU A 550 -9.15 11.82 -31.32
CA GLU A 550 -8.98 10.35 -31.40
C GLU A 550 -8.33 9.67 -30.19
N SER A 551 -7.51 10.42 -29.45
CA SER A 551 -6.80 9.90 -28.26
C SER A 551 -7.72 9.51 -27.10
N ALA A 552 -8.94 10.05 -27.08
CA ALA A 552 -9.97 9.69 -26.10
C ALA A 552 -10.30 8.19 -26.05
N LEU A 553 -10.15 7.49 -27.19
CA LEU A 553 -10.53 6.08 -27.30
C LEU A 553 -9.54 5.11 -26.66
N GLU A 554 -8.25 5.27 -26.98
CA GLU A 554 -7.22 4.39 -26.41
C GLU A 554 -7.05 4.65 -24.91
N ASP A 555 -7.15 3.57 -24.12
CA ASP A 555 -6.90 3.63 -22.68
C ASP A 555 -5.40 3.53 -22.41
N LEU A 556 -5.02 3.83 -21.17
CA LEU A 556 -3.61 3.91 -20.78
C LEU A 556 -3.16 2.56 -20.21
N HIS A 557 -2.36 1.85 -21.01
CA HIS A 557 -1.98 0.45 -20.73
C HIS A 557 -0.68 0.44 -19.90
N SER A 558 0.24 -0.47 -20.19
CA SER A 558 1.58 -0.47 -19.57
C SER A 558 2.64 -0.80 -20.61
N HIS A 560 4.39 -3.36 -19.86
CA HIS A 560 5.85 -3.31 -19.95
C HIS A 560 6.44 -2.54 -18.77
N HIS A 561 7.60 -3.01 -18.30
CA HIS A 561 8.36 -2.35 -17.22
C HIS A 561 9.86 -2.43 -17.50
N CYS A 562 10.43 -1.32 -17.97
CA CYS A 562 11.85 -1.19 -18.34
C CYS A 562 12.62 -0.43 -17.25
N SER A 563 13.87 -0.82 -17.00
CA SER A 563 14.73 -0.09 -16.05
C SER A 563 16.23 -0.32 -16.24
N THR A 564 17.01 0.68 -15.83
CA THR A 564 18.47 0.63 -15.84
C THR A 564 19.01 1.23 -14.53
N LEU A 565 20.12 0.69 -14.05
CA LEU A 565 20.67 1.07 -12.74
C LEU A 565 22.18 1.28 -12.82
N LYS A 566 22.60 2.55 -12.80
CA LYS A 566 24.01 2.92 -12.90
C LYS A 566 24.59 3.09 -11.50
N TYR A 567 25.79 2.53 -11.28
CA TYR A 567 26.53 2.75 -10.04
C TYR A 567 28.02 2.45 -10.19
N GLN A 568 28.80 3.00 -9.25
CA GLN A 568 30.26 2.80 -9.19
C GLN A 568 30.60 1.39 -8.73
N ASN A 569 31.72 0.84 -9.21
CA ASN A 569 32.15 -0.51 -8.81
C ASN A 569 33.64 -0.59 -8.51
N ILE A 570 34.02 0.00 -7.37
CA ILE A 570 35.38 -0.07 -6.85
C ILE A 570 35.66 -1.50 -6.32
N GLY A 571 36.79 -2.12 -6.66
CA GLY A 571 37.83 -1.58 -7.56
C GLY A 571 39.15 -2.33 -7.45
N PRO A 572 40.16 -1.94 -8.24
CA PRO A 572 41.46 -2.63 -8.24
C PRO A 572 42.24 -2.45 -6.93
N LYS A 573 42.24 -1.22 -6.41
CA LYS A 573 42.84 -0.91 -5.10
C LYS A 573 42.35 -1.80 -3.94
N GLN A 574 41.06 -2.13 -3.93
CA GLN A 574 40.44 -2.84 -2.81
C GLN A 574 40.67 -4.35 -2.88
N HIS A 575 40.75 -4.97 -1.71
CA HIS A 575 40.87 -6.42 -1.56
C HIS A 575 39.58 -7.06 -2.10
N PRO A 576 39.67 -8.15 -2.89
CA PRO A 576 38.45 -8.72 -3.51
C PRO A 576 37.41 -9.35 -2.55
N GLU A 577 37.82 -9.58 -1.30
CA GLU A 577 36.98 -10.15 -0.24
C GLU A 577 36.48 -9.10 0.77
N ASP A 578 36.90 -7.85 0.61
CA ASP A 578 36.31 -6.71 1.33
C ASP A 578 34.90 -6.52 0.79
N PRO A 579 33.86 -6.66 1.62
CA PRO A 579 32.50 -6.57 1.09
C PRO A 579 31.92 -5.15 1.00
N ILE A 580 32.62 -4.14 1.51
CA ILE A 580 32.13 -2.76 1.46
C ILE A 580 32.18 -2.28 0.01
N GLY A 581 31.06 -1.73 -0.45
CA GLY A 581 30.89 -1.34 -1.86
C GLY A 581 30.16 -2.35 -2.73
N HIS A 582 30.16 -3.62 -2.31
CA HIS A 582 29.52 -4.69 -3.08
C HIS A 582 28.02 -4.76 -2.82
N PRO A 583 27.23 -5.22 -3.81
CA PRO A 583 25.78 -5.30 -3.63
C PRO A 583 25.39 -6.60 -2.89
N ILE A 584 25.76 -6.70 -1.62
CA ILE A 584 25.58 -7.92 -0.83
C ILE A 584 24.11 -8.07 -0.44
N MET A 585 23.52 -9.23 -0.73
CA MET A 585 22.11 -9.50 -0.43
C MET A 585 21.81 -9.31 1.05
N HIS A 586 20.59 -8.84 1.33
CA HIS A 586 20.05 -8.73 2.68
C HIS A 586 20.20 -10.09 3.38
N LEU A 587 20.83 -10.11 4.56
CA LEU A 587 21.13 -11.36 5.29
C LEU A 587 19.91 -12.25 5.50
N SER A 588 18.81 -11.61 5.88
CA SER A 588 17.51 -12.27 6.04
C SER A 588 16.68 -12.46 4.75
N GLY A 589 17.25 -12.14 3.58
CA GLY A 589 16.52 -12.12 2.32
C GLY A 589 15.98 -13.46 1.84
N VAL A 590 16.79 -14.51 1.94
CA VAL A 590 16.34 -15.86 1.57
C VAL A 590 15.30 -16.35 2.58
N LYS A 591 15.52 -16.06 3.86
CA LYS A 591 14.53 -16.38 4.90
C LYS A 591 13.22 -15.63 4.72
N HIS A 592 13.26 -14.42 4.16
CA HIS A 592 12.04 -13.72 3.76
C HIS A 592 11.30 -14.57 2.73
N ALA A 593 12.04 -15.08 1.76
CA ALA A 593 11.47 -15.87 0.67
C ALA A 593 10.92 -17.24 1.08
N THR A 594 11.51 -17.87 2.10
CA THR A 594 11.04 -19.19 2.56
C THR A 594 10.01 -19.12 3.70
N GLY A 595 9.77 -17.92 4.21
CA GLY A 595 8.90 -17.72 5.37
C GLY A 595 9.50 -18.22 6.68
N GLU A 596 10.82 -18.40 6.71
CA GLU A 596 11.52 -18.85 7.91
C GLU A 596 11.88 -17.68 8.82
N ALA A 597 11.92 -16.47 8.26
CA ALA A 597 12.09 -15.24 9.05
C ALA A 597 10.95 -15.05 10.05
N ILE A 598 11.28 -15.08 11.34
CA ILE A 598 10.30 -14.93 12.41
C ILE A 598 10.07 -13.43 12.67
N TYR A 599 8.85 -12.98 12.41
CA TYR A 599 8.38 -11.67 12.86
C TYR A 599 7.65 -11.87 14.20
N CYS A 600 7.29 -10.78 14.86
CA CYS A 600 6.80 -10.83 16.24
C CYS A 600 5.63 -11.79 16.48
N ASP A 601 4.59 -11.72 15.64
CA ASP A 601 3.43 -12.62 15.76
C ASP A 601 3.73 -14.06 15.32
N ASP A 602 4.84 -14.25 14.60
CA ASP A 602 5.29 -15.58 14.20
C ASP A 602 5.93 -16.35 15.36
N MET A 603 6.21 -15.67 16.47
CA MET A 603 6.68 -16.34 17.68
C MET A 603 5.63 -17.34 18.15
N PRO A 604 6.06 -18.54 18.57
CA PRO A 604 5.08 -19.54 18.98
C PRO A 604 4.20 -19.13 20.15
N LEU A 605 3.07 -19.82 20.29
CA LEU A 605 2.15 -19.62 21.40
C LEU A 605 2.87 -19.91 22.71
N VAL A 606 2.96 -18.89 23.56
CA VAL A 606 3.52 -19.04 24.90
C VAL A 606 2.45 -19.69 25.78
N ASP A 607 2.87 -20.59 26.66
CA ASP A 607 1.96 -21.41 27.47
C ASP A 607 0.99 -20.51 28.26
N GLN A 608 -0.31 -20.75 28.05
CA GLN A 608 -1.40 -20.02 28.70
C GLN A 608 -1.51 -18.53 28.37
N GLU A 609 -0.93 -18.09 27.25
CA GLU A 609 -0.97 -16.67 26.92
C GLU A 609 -2.38 -16.19 26.63
N LEU A 610 -2.64 -14.93 26.97
CA LEU A 610 -3.91 -14.29 26.73
C LEU A 610 -3.76 -13.35 25.54
N PHE A 611 -4.88 -12.82 25.07
CA PHE A 611 -4.89 -11.85 23.97
C PHE A 611 -5.55 -10.55 24.40
N LEU A 612 -4.92 -9.43 24.05
CA LEU A 612 -5.46 -8.10 24.31
C LEU A 612 -5.97 -7.46 23.04
N THR A 613 -7.18 -6.89 23.12
CA THR A 613 -7.73 -6.03 22.06
C THR A 613 -8.40 -4.79 22.69
N PHE A 614 -8.41 -3.68 21.95
CA PHE A 614 -8.91 -2.40 22.46
C PHE A 614 -10.30 -2.05 21.95
N VAL A 615 -11.14 -1.50 22.82
CA VAL A 615 -12.31 -0.74 22.39
C VAL A 615 -11.81 0.69 22.18
N THR A 616 -12.06 1.25 21.00
CA THR A 616 -11.63 2.61 20.65
C THR A 616 -12.81 3.56 20.55
N SER A 617 -12.50 4.85 20.59
CA SER A 617 -13.54 5.89 20.51
C SER A 617 -14.20 5.93 19.14
N SER A 618 -15.52 6.08 19.13
CA SER A 618 -16.31 6.22 17.93
C SER A 618 -16.80 7.67 17.70
N ARG A 619 -16.30 8.61 18.53
CA ARG A 619 -16.65 10.02 18.43
C ARG A 619 -15.39 10.88 18.40
N ALA A 620 -15.46 12.01 17.69
CA ALA A 620 -14.32 12.91 17.52
C ALA A 620 -14.08 13.83 18.73
N HIS A 621 -15.14 14.36 19.31
CA HIS A 621 -15.03 15.17 20.53
C HIS A 621 -16.33 15.08 21.33
N ALA A 622 -16.31 14.23 22.36
CA ALA A 622 -17.50 13.91 23.15
C ALA A 622 -17.13 13.55 24.58
N LYS A 623 -18.10 13.66 25.46
CA LYS A 623 -17.96 13.22 26.85
C LYS A 623 -18.42 11.76 26.96
N ILE A 624 -17.63 10.95 27.66
CA ILE A 624 -18.01 9.57 27.99
C ILE A 624 -18.96 9.62 29.17
N VAL A 625 -20.27 9.58 28.92
CA VAL A 625 -21.24 9.64 30.02
C VAL A 625 -21.26 8.33 30.82
N SER A 626 -21.10 7.18 30.14
CA SER A 626 -20.94 5.90 30.83
C SER A 626 -20.38 4.77 29.96
N ILE A 627 -19.79 3.78 30.63
CA ILE A 627 -19.36 2.53 30.02
C ILE A 627 -20.05 1.37 30.74
N ASP A 628 -20.53 0.40 29.98
CA ASP A 628 -21.20 -0.78 30.53
C ASP A 628 -20.46 -2.03 30.04
N LEU A 629 -19.77 -2.68 30.96
CA LEU A 629 -18.97 -3.87 30.67
C LEU A 629 -19.66 -5.17 31.08
N SER A 630 -20.95 -5.09 31.40
CA SER A 630 -21.69 -6.20 32.02
C SER A 630 -21.83 -7.42 31.12
N GLU A 631 -22.30 -7.19 29.90
CA GLU A 631 -22.44 -8.27 28.91
C GLU A 631 -21.06 -8.76 28.49
N ALA A 632 -20.13 -7.83 28.26
CA ALA A 632 -18.78 -8.17 27.84
C ALA A 632 -18.02 -9.01 28.87
N LEU A 633 -18.11 -8.67 30.16
CA LEU A 633 -17.40 -9.40 31.23
C LEU A 633 -17.90 -10.85 31.42
N SER A 634 -19.19 -11.06 31.19
CA SER A 634 -19.80 -12.38 31.34
C SER A 634 -19.51 -13.36 30.20
N MET A 635 -18.99 -12.86 29.07
CA MET A 635 -18.88 -13.66 27.84
C MET A 635 -17.73 -14.66 27.86
N PRO A 636 -17.81 -15.70 27.00
CA PRO A 636 -16.81 -16.78 27.00
C PRO A 636 -15.37 -16.31 26.89
N GLY A 637 -14.50 -16.84 27.74
CA GLY A 637 -13.06 -16.59 27.66
C GLY A 637 -12.54 -15.31 28.27
N VAL A 638 -13.44 -14.39 28.65
CA VAL A 638 -13.06 -13.05 29.05
C VAL A 638 -12.46 -13.11 30.45
N VAL A 639 -11.22 -12.63 30.55
CA VAL A 639 -10.48 -12.61 31.82
C VAL A 639 -10.63 -11.27 32.52
N ASP A 640 -10.59 -10.19 31.75
CA ASP A 640 -10.58 -8.83 32.31
C ASP A 640 -10.90 -7.81 31.22
N ILE A 641 -11.50 -6.69 31.63
CA ILE A 641 -11.61 -5.50 30.80
C ILE A 641 -11.17 -4.30 31.63
N MET A 642 -10.21 -3.53 31.11
CA MET A 642 -9.65 -2.38 31.82
C MET A 642 -10.13 -1.06 31.23
N THR A 643 -10.51 -0.13 32.10
CA THR A 643 -10.71 1.27 31.74
C THR A 643 -9.60 2.09 32.38
N ALA A 644 -9.60 3.40 32.14
CA ALA A 644 -8.62 4.32 32.78
C ALA A 644 -8.63 4.24 34.31
N GLU A 645 -9.81 4.00 34.88
CA GLU A 645 -9.97 3.77 36.31
C GLU A 645 -9.06 2.64 36.84
N HIS A 646 -8.98 1.56 36.08
CA HIS A 646 -8.27 0.36 36.53
C HIS A 646 -6.76 0.47 36.39
N LEU A 647 -6.29 1.49 35.67
CA LEU A 647 -4.87 1.83 35.61
C LEU A 647 -4.47 2.90 36.64
N SER A 648 -5.45 3.64 37.16
CA SER A 648 -5.24 4.62 38.26
C SER A 648 -4.12 5.63 37.94
N ASP A 649 -3.09 5.72 38.78
CA ASP A 649 -2.02 6.71 38.62
C ASP A 649 -0.97 6.39 37.54
N VAL A 650 -1.02 5.19 36.97
CA VAL A 650 -0.10 4.79 35.89
C VAL A 650 -0.83 4.71 34.54
N ASN A 651 -1.68 5.72 34.29
CA ASN A 651 -2.40 5.89 33.04
C ASN A 651 -1.87 7.13 32.31
N SER A 652 -0.55 7.34 32.34
CA SER A 652 0.09 8.49 31.70
C SER A 652 1.61 8.29 31.60
N PHE A 653 2.26 9.12 30.79
CA PHE A 653 3.71 9.09 30.64
C PHE A 653 4.26 10.41 30.09
N CYS A 654 5.37 10.89 30.68
CA CYS A 654 6.11 12.09 30.24
C CYS A 654 5.23 13.33 30.05
N LYS A 661 -2.07 10.50 28.42
CA LYS A 661 -2.86 9.43 29.03
C LYS A 661 -3.13 8.28 28.05
N PHE A 662 -2.99 7.04 28.53
CA PHE A 662 -3.10 5.86 27.66
C PHE A 662 -4.57 5.64 27.28
N LEU A 663 -5.41 5.48 28.30
CA LEU A 663 -6.83 5.23 28.12
C LEU A 663 -7.63 6.49 28.43
N ALA A 664 -8.72 6.70 27.69
CA ALA A 664 -9.58 7.87 27.87
C ALA A 664 -10.27 7.81 29.22
N THR A 665 -10.43 8.98 29.83
CA THR A 665 -10.97 9.10 31.18
C THR A 665 -12.45 9.47 31.12
N ASP A 666 -12.76 10.77 31.11
CA ASP A 666 -14.15 11.26 31.05
C ASP A 666 -14.57 11.82 29.69
N LYS A 667 -13.59 12.12 28.81
CA LYS A 667 -13.85 12.64 27.47
C LYS A 667 -12.96 11.95 26.43
N VAL A 668 -13.43 11.94 25.18
CA VAL A 668 -12.64 11.48 24.03
C VAL A 668 -12.34 12.69 23.14
N PHE A 669 -11.13 12.75 22.59
CA PHE A 669 -10.69 13.88 21.76
C PHE A 669 -10.42 13.55 20.29
N CYS A 670 -10.65 12.30 19.90
CA CYS A 670 -10.67 11.90 18.48
C CYS A 670 -11.24 10.50 18.34
N VAL A 671 -11.61 10.13 17.12
CA VAL A 671 -12.00 8.76 16.79
C VAL A 671 -10.74 7.89 16.82
N GLY A 672 -10.86 6.68 17.35
CA GLY A 672 -9.74 5.73 17.41
C GLY A 672 -8.88 5.83 18.66
N GLN A 673 -9.21 6.75 19.56
CA GLN A 673 -8.53 6.87 20.85
C GLN A 673 -8.87 5.65 21.71
N LEU A 674 -7.91 5.20 22.52
CA LEU A 674 -8.08 3.98 23.32
C LEU A 674 -8.99 4.26 24.51
N VAL A 675 -9.96 3.37 24.73
CA VAL A 675 -10.95 3.52 25.79
C VAL A 675 -10.92 2.33 26.76
N CYS A 676 -11.14 1.12 26.24
CA CYS A 676 -11.02 -0.11 27.03
C CYS A 676 -9.98 -1.07 26.45
N ALA A 677 -9.52 -1.97 27.31
CA ALA A 677 -8.59 -3.03 26.93
C ALA A 677 -9.21 -4.34 27.36
N VAL A 678 -9.60 -5.17 26.39
CA VAL A 678 -10.28 -6.43 26.65
C VAL A 678 -9.24 -7.55 26.61
N LEU A 679 -9.17 -8.33 27.70
CA LEU A 679 -8.22 -9.42 27.81
C LEU A 679 -8.98 -10.75 27.87
N ALA A 680 -8.66 -11.67 26.97
CA ALA A 680 -9.37 -12.96 26.89
C ALA A 680 -8.43 -14.11 26.57
N ASP A 681 -8.96 -15.33 26.67
CA ASP A 681 -8.19 -16.56 26.43
C ASP A 681 -7.83 -16.77 24.96
N SER A 682 -8.54 -16.08 24.06
CA SER A 682 -8.21 -16.11 22.64
C SER A 682 -8.56 -14.80 21.98
N GLU A 683 -8.07 -14.65 20.75
CA GLU A 683 -8.33 -13.46 19.95
C GLU A 683 -9.82 -13.32 19.60
N VAL A 684 -10.44 -14.41 19.13
CA VAL A 684 -11.86 -14.34 18.72
C VAL A 684 -12.76 -13.94 19.89
N GLN A 685 -12.48 -14.50 21.06
CA GLN A 685 -13.27 -14.26 22.25
C GLN A 685 -13.15 -12.82 22.71
N ALA A 686 -11.95 -12.26 22.58
CA ALA A 686 -11.68 -10.87 22.93
C ALA A 686 -12.42 -9.90 21.99
N LYS A 687 -12.32 -10.16 20.68
CA LYS A 687 -12.97 -9.32 19.67
C LYS A 687 -14.49 -9.36 19.83
N ARG A 688 -15.03 -10.56 20.10
CA ARG A 688 -16.46 -10.76 20.36
C ARG A 688 -16.97 -9.98 21.56
N ALA A 689 -16.27 -10.09 22.68
CA ALA A 689 -16.64 -9.38 23.90
C ALA A 689 -16.46 -7.87 23.77
N ALA A 690 -15.46 -7.44 23.00
CA ALA A 690 -15.22 -6.02 22.77
C ALA A 690 -16.40 -5.33 22.09
N LYS A 691 -17.06 -6.04 21.17
CA LYS A 691 -18.21 -5.51 20.44
C LYS A 691 -19.47 -5.34 21.28
N ARG A 692 -19.54 -6.01 22.42
CA ARG A 692 -20.69 -5.90 23.33
C ARG A 692 -20.43 -4.99 24.53
N VAL A 693 -19.29 -4.29 24.53
CA VAL A 693 -19.04 -3.21 25.46
C VAL A 693 -19.87 -2.01 25.02
N LYS A 694 -20.80 -1.57 25.87
CA LYS A 694 -21.73 -0.50 25.54
C LYS A 694 -21.23 0.80 26.13
N ILE A 695 -20.88 1.74 25.26
CA ILE A 695 -20.46 3.09 25.66
C ILE A 695 -21.48 4.06 25.10
N VAL A 696 -21.83 5.07 25.91
CA VAL A 696 -22.69 6.16 25.45
C VAL A 696 -21.98 7.49 25.65
N TYR A 697 -22.08 8.35 24.63
CA TYR A 697 -21.35 9.60 24.56
C TYR A 697 -22.28 10.80 24.60
N GLN A 698 -21.70 11.99 24.68
CA GLN A 698 -22.40 13.27 24.49
C GLN A 698 -21.44 14.20 23.73
N ASP A 699 -21.72 14.44 22.45
CA ASP A 699 -20.85 15.27 21.59
C ASP A 699 -20.65 16.67 22.17
N LEU A 700 -19.45 17.21 21.95
CA LEU A 700 -19.04 18.51 22.48
C LEU A 700 -18.63 19.44 21.34
N GLU A 701 -18.95 20.72 21.47
CA GLU A 701 -18.43 21.76 20.59
C GLU A 701 -17.18 22.38 21.22
N PRO A 702 -16.23 22.89 20.43
CA PRO A 702 -16.24 22.83 18.96
C PRO A 702 -15.62 21.53 18.45
N LEU A 703 -16.10 21.09 17.28
CA LEU A 703 -15.53 19.93 16.59
C LEU A 703 -14.54 20.44 15.54
N ILE A 704 -13.26 20.41 15.90
CA ILE A 704 -12.18 20.94 15.06
C ILE A 704 -11.63 19.81 14.20
N LEU A 705 -11.75 19.93 12.88
CA LEU A 705 -11.22 18.94 11.94
C LEU A 705 -10.10 19.50 11.06
N THR A 706 -10.35 20.66 10.46
CA THR A 706 -9.37 21.30 9.56
C THR A 706 -8.42 22.25 10.30
N ILE A 707 -7.33 22.59 9.60
CA ILE A 707 -6.29 23.50 10.10
C ILE A 707 -6.84 24.93 10.31
N GLU A 708 -7.70 25.39 9.40
CA GLU A 708 -8.34 26.71 9.51
C GLU A 708 -9.22 26.81 10.74
N GLU A 709 -9.93 25.72 11.06
CA GLU A 709 -10.74 25.63 12.27
C GLU A 709 -9.90 25.67 13.54
N SER A 710 -8.73 25.03 13.52
CA SER A 710 -7.83 25.03 14.68
C SER A 710 -7.23 26.40 15.01
N ILE A 711 -7.15 27.29 14.03
CA ILE A 711 -6.66 28.67 14.23
C ILE A 711 -7.66 29.53 15.06
N GLN A 712 -8.87 29.04 15.28
CA GLN A 712 -9.77 29.59 16.32
C GLN A 712 -10.77 28.55 16.84
N SER A 716 -5.26 29.88 22.22
CA SER A 716 -4.69 30.24 23.52
C SER A 716 -3.24 30.71 23.39
N PHE A 717 -2.30 29.79 23.21
CA PHE A 717 -0.88 30.12 22.99
C PHE A 717 -0.07 28.93 22.43
N LYS A 718 0.47 29.12 21.23
CA LYS A 718 1.35 28.14 20.59
C LYS A 718 2.78 28.71 20.54
N PRO A 719 3.81 27.87 20.82
CA PRO A 719 5.18 28.34 20.61
C PRO A 719 5.52 28.50 19.13
N GLU A 720 6.19 29.60 18.79
CA GLU A 720 6.56 29.91 17.42
C GLU A 720 7.95 29.37 17.10
N ARG A 721 8.12 28.88 15.87
CA ARG A 721 9.44 28.61 15.30
C ARG A 721 9.62 29.53 14.08
N LYS A 722 10.81 30.11 13.96
CA LYS A 722 11.06 31.18 12.98
C LYS A 722 12.47 31.09 12.39
N LEU A 723 12.59 31.40 11.10
CA LEU A 723 13.87 31.58 10.44
C LEU A 723 13.86 32.93 9.73
N GLU A 724 14.82 33.79 10.08
CA GLU A 724 15.01 35.10 9.44
C GLU A 724 16.34 35.09 8.70
N TYR A 725 16.30 35.37 7.40
CA TYR A 725 17.50 35.52 6.59
C TYR A 725 17.32 36.81 5.77
N GLY A 726 18.36 37.65 5.75
CA GLY A 726 18.28 38.95 5.07
C GLY A 726 17.23 39.87 5.67
N ASN A 727 16.63 40.72 4.84
CA ASN A 727 15.53 41.59 5.23
C ASN A 727 14.40 41.49 4.20
N VAL A 728 13.33 40.80 4.59
CA VAL A 728 12.22 40.51 3.69
C VAL A 728 11.38 41.74 3.35
N ASP A 729 11.20 42.64 4.31
CA ASP A 729 10.34 43.81 4.15
C ASP A 729 10.91 44.87 3.20
N GLU A 730 12.23 45.06 3.25
CA GLU A 730 12.93 45.92 2.28
C GLU A 730 12.97 45.29 0.89
N ALA A 731 13.09 43.96 0.84
CA ALA A 731 13.10 43.24 -0.43
C ALA A 731 11.79 43.38 -1.23
N PHE A 732 10.65 43.37 -0.54
CA PHE A 732 9.33 43.56 -1.19
C PHE A 732 9.16 44.92 -1.91
N LYS A 733 9.86 45.95 -1.44
CA LYS A 733 9.82 47.27 -2.08
C LYS A 733 10.55 47.36 -3.43
N VAL A 734 11.48 46.44 -3.70
CA VAL A 734 12.35 46.49 -4.89
C VAL A 734 12.16 45.29 -5.85
N VAL A 735 10.95 44.72 -5.90
CA VAL A 735 10.67 43.55 -6.76
C VAL A 735 9.65 43.84 -7.86
N ASP A 736 9.78 43.14 -8.99
CA ASP A 736 8.95 43.38 -10.17
C ASP A 736 7.49 43.01 -9.94
N GLN A 737 7.25 41.86 -9.31
CA GLN A 737 5.89 41.37 -9.02
C GLN A 737 5.81 40.76 -7.62
N ILE A 738 4.62 40.84 -7.03
CA ILE A 738 4.30 40.19 -5.75
C ILE A 738 3.15 39.21 -5.99
N LEU A 739 3.22 38.06 -5.32
CA LEU A 739 2.34 36.93 -5.57
C LEU A 739 1.98 36.26 -4.24
N GLU A 740 0.68 36.14 -3.97
CA GLU A 740 0.20 35.35 -2.84
C GLU A 740 -0.45 34.06 -3.34
N GLY A 741 -0.29 33.00 -2.56
CA GLY A 741 -0.89 31.71 -2.89
C GLY A 741 -0.74 30.72 -1.75
N GLU A 742 -1.45 29.61 -1.85
CA GLU A 742 -1.38 28.55 -0.84
C GLU A 742 -1.66 27.18 -1.42
N ILE A 743 -1.31 26.16 -0.64
CA ILE A 743 -1.56 24.77 -1.00
C ILE A 743 -1.78 23.92 0.27
N HIS A 744 -2.83 23.10 0.24
CA HIS A 744 -3.08 22.12 1.29
C HIS A 744 -2.44 20.80 0.86
N MET A 745 -2.00 20.03 1.85
CA MET A 745 -1.39 18.73 1.61
C MET A 745 -1.95 17.71 2.59
N GLY A 746 -2.40 16.57 2.06
CA GLY A 746 -2.94 15.51 2.87
C GLY A 746 -1.88 14.70 3.59
N GLY A 747 -2.34 13.92 4.56
CA GLY A 747 -1.47 13.06 5.35
C GLY A 747 -1.07 11.81 4.59
N GLN A 748 -0.76 10.76 5.33
CA GLN A 748 -0.32 9.50 4.76
C GLN A 748 -0.30 8.43 5.83
N GLU A 749 -0.96 7.30 5.60
CA GLU A 749 -0.78 6.14 6.48
C GLU A 749 0.55 5.48 6.19
N HIS A 750 1.17 4.94 7.24
CA HIS A 750 2.46 4.29 7.13
C HIS A 750 2.33 3.07 6.23
N PHE A 751 1.27 2.31 6.46
CA PHE A 751 1.01 1.05 5.77
C PHE A 751 2.25 0.14 5.71
N TYR A 752 2.93 0.05 6.84
CA TYR A 752 3.80 -1.09 7.13
C TYR A 752 2.96 -2.36 6.95
N MET A 753 3.52 -3.35 6.26
CA MET A 753 2.74 -4.56 5.97
C MET A 753 2.49 -5.39 7.23
N GLU A 754 3.46 -5.41 8.14
CA GLU A 754 3.27 -5.98 9.48
C GLU A 754 2.57 -4.93 10.35
N THR A 755 1.34 -5.23 10.79
CA THR A 755 0.61 -4.35 11.71
C THR A 755 1.26 -4.35 13.09
N GLN A 756 0.83 -3.42 13.94
CA GLN A 756 1.33 -3.28 15.30
C GLN A 756 1.22 -4.64 15.99
N SER A 757 2.36 -5.17 16.45
CA SER A 757 2.44 -6.51 17.01
C SER A 757 3.39 -6.56 18.21
N MET A 758 2.97 -7.24 19.27
CA MET A 758 3.83 -7.45 20.45
C MET A 758 3.43 -8.66 21.29
N LEU A 759 4.43 -9.22 21.97
CA LEU A 759 4.24 -10.29 22.95
C LEU A 759 4.97 -9.88 24.20
N VAL A 760 4.24 -9.86 25.31
CA VAL A 760 4.75 -9.37 26.57
C VAL A 760 4.73 -10.56 27.52
N VAL A 761 5.91 -10.99 27.96
CA VAL A 761 6.08 -12.24 28.73
C VAL A 761 6.69 -11.94 30.11
N PRO A 762 5.89 -12.05 31.19
CA PRO A 762 6.45 -11.95 32.54
C PRO A 762 7.25 -13.19 32.91
N LYS A 763 8.37 -13.02 33.60
CA LYS A 763 9.26 -14.13 33.94
C LYS A 763 8.79 -14.89 35.19
N GLY A 764 8.14 -14.18 36.11
CA GLY A 764 7.69 -14.76 37.37
C GLY A 764 8.72 -14.74 38.48
N GLU A 765 9.67 -13.80 38.39
CA GLU A 765 10.72 -13.58 39.40
C GLU A 765 11.06 -12.10 39.40
N ASP A 766 11.04 -11.48 40.58
CA ASP A 766 11.42 -10.07 40.76
C ASP A 766 10.67 -9.10 39.83
N GLN A 767 9.45 -9.47 39.44
CA GLN A 767 8.64 -8.71 38.47
C GLN A 767 9.34 -8.44 37.14
N GLU A 768 10.13 -9.38 36.66
CA GLU A 768 10.82 -9.23 35.38
C GLU A 768 9.86 -9.38 34.22
N MET A 769 9.92 -8.44 33.28
CA MET A 769 9.19 -8.51 32.02
C MET A 769 10.17 -8.65 30.86
N ASP A 770 9.84 -9.51 29.92
CA ASP A 770 10.45 -9.51 28.61
C ASP A 770 9.40 -9.05 27.61
N VAL A 771 9.74 -8.03 26.82
CA VAL A 771 8.82 -7.42 25.87
C VAL A 771 9.37 -7.63 24.47
N TYR A 772 8.65 -8.43 23.68
CA TYR A 772 8.97 -8.67 22.27
C TYR A 772 8.01 -7.84 21.46
N VAL A 773 8.52 -6.85 20.73
CA VAL A 773 7.66 -5.90 20.02
C VAL A 773 8.26 -5.42 18.71
N SER A 774 7.38 -5.26 17.72
CA SER A 774 7.73 -4.59 16.46
C SER A 774 7.76 -3.09 16.74
N THR A 775 8.97 -2.58 17.02
CA THR A 775 9.20 -1.16 17.34
C THR A 775 10.54 -0.65 16.81
N GLN A 776 10.62 0.68 16.67
CA GLN A 776 11.84 1.37 16.27
C GLN A 776 12.65 1.87 17.45
N PHE A 777 12.10 1.79 18.67
CA PHE A 777 12.71 2.43 19.84
C PHE A 777 12.60 1.54 21.09
N PRO A 778 13.43 0.47 21.17
CA PRO A 778 13.41 -0.44 22.34
C PRO A 778 13.55 0.25 23.70
N LYS A 779 14.50 1.19 23.79
CA LYS A 779 14.72 1.96 25.02
C LYS A 779 13.44 2.68 25.50
N TYR A 780 12.68 3.26 24.58
CA TYR A 780 11.40 3.90 24.94
C TYR A 780 10.36 2.90 25.43
N ILE A 781 10.31 1.72 24.81
CA ILE A 781 9.42 0.63 25.25
C ILE A 781 9.80 0.20 26.66
N GLN A 782 11.09 -0.04 26.88
CA GLN A 782 11.63 -0.33 28.21
C GLN A 782 11.13 0.69 29.23
N ASP A 783 11.30 1.97 28.91
CA ASP A 783 10.96 3.05 29.84
C ASP A 783 9.48 3.12 30.16
N ILE A 784 8.63 3.13 29.13
CA ILE A 784 7.19 3.28 29.34
C ILE A 784 6.60 2.06 30.07
N VAL A 785 7.07 0.86 29.74
CA VAL A 785 6.62 -0.36 30.43
C VAL A 785 7.07 -0.34 31.90
N ALA A 786 8.36 -0.06 32.12
CA ALA A 786 8.94 0.00 33.46
C ALA A 786 8.24 1.04 34.34
N SER A 787 8.07 2.24 33.77
CA SER A 787 7.33 3.32 34.41
C SER A 787 5.92 2.90 34.81
N THR A 788 5.21 2.27 33.88
CA THR A 788 3.84 1.79 34.10
C THR A 788 3.77 0.76 35.24
N LEU A 789 4.74 -0.16 35.26
CA LEU A 789 4.82 -1.18 36.31
C LEU A 789 5.48 -0.69 37.61
N LYS A 790 5.99 0.55 37.61
CA LYS A 790 6.70 1.14 38.75
C LYS A 790 7.93 0.31 39.12
N LEU A 791 8.70 -0.04 38.09
CA LEU A 791 9.87 -0.90 38.22
C LEU A 791 11.11 -0.18 37.73
N PRO A 792 12.28 -0.51 38.30
CA PRO A 792 13.52 -0.05 37.68
C PRO A 792 13.68 -0.61 36.27
N ALA A 793 14.41 0.11 35.44
CA ALA A 793 14.66 -0.29 34.07
C ALA A 793 15.36 -1.64 33.96
N ASN A 794 16.16 -2.01 34.96
CA ASN A 794 16.88 -3.30 34.95
C ASN A 794 15.97 -4.55 35.05
N LYS A 795 14.71 -4.36 35.43
CA LYS A 795 13.70 -5.44 35.43
C LYS A 795 13.02 -5.66 34.07
N VAL A 796 12.87 -4.62 33.27
CA VAL A 796 12.22 -4.72 31.95
C VAL A 796 13.25 -4.72 30.82
N MET A 797 13.19 -5.75 29.97
CA MET A 797 14.04 -5.82 28.77
C MET A 797 13.17 -5.91 27.52
N CYS A 798 13.58 -5.20 26.47
CA CYS A 798 12.86 -5.17 25.21
C CYS A 798 13.77 -5.79 24.14
N HIS A 799 13.23 -6.74 23.40
CA HIS A 799 13.98 -7.50 22.40
C HIS A 799 13.31 -7.38 21.05
N VAL A 800 14.09 -7.04 20.02
CA VAL A 800 13.60 -6.87 18.66
C VAL A 800 14.54 -7.52 17.65
N ARG A 801 14.09 -8.57 16.99
CA ARG A 801 14.85 -9.21 15.92
C ARG A 801 14.65 -8.49 14.59
N ARG A 802 13.40 -8.26 14.21
CA ARG A 802 13.08 -7.51 13.00
C ARG A 802 11.67 -6.91 13.05
N VAL A 803 11.49 -5.88 12.23
CA VAL A 803 10.23 -5.14 12.11
C VAL A 803 9.83 -5.22 10.64
N GLY A 804 8.56 -5.56 10.39
CA GLY A 804 8.02 -5.63 9.02
C GLY A 804 7.57 -4.28 8.52
N GLY A 805 8.54 -3.36 8.35
CA GLY A 805 8.26 -1.97 7.99
C GLY A 805 7.85 -1.15 9.19
N ALA A 806 8.22 0.12 9.19
CA ALA A 806 7.87 1.04 10.29
C ALA A 806 7.64 2.47 9.77
N PHE A 807 8.65 3.04 9.12
CA PHE A 807 8.55 4.36 8.50
C PHE A 807 8.15 5.49 9.47
N GLY A 808 8.47 5.33 10.75
CA GLY A 808 8.09 6.28 11.80
C GLY A 808 6.88 5.89 12.65
N GLY A 809 6.03 5.00 12.14
CA GLY A 809 4.78 4.64 12.82
C GLY A 809 4.81 3.52 13.84
N LYS A 810 6.00 3.16 14.32
CA LYS A 810 6.13 2.14 15.38
C LYS A 810 7.00 2.66 16.53
N VAL A 811 6.54 3.75 17.14
CA VAL A 811 7.23 4.41 18.26
C VAL A 811 6.26 4.67 19.41
N LEU A 812 5.55 5.81 19.39
CA LEU A 812 4.84 6.32 20.57
C LEU A 812 3.60 5.50 20.91
N LYS A 813 2.78 5.22 19.90
CA LYS A 813 1.57 4.42 20.08
C LYS A 813 1.92 2.97 20.41
N THR A 814 2.99 2.47 19.80
CA THR A 814 3.53 1.13 20.09
C THR A 814 3.83 0.98 21.57
N GLY A 815 4.48 1.97 22.14
CA GLY A 815 4.79 1.99 23.56
C GLY A 815 3.58 2.10 24.47
N ILE A 816 2.60 2.93 24.07
CA ILE A 816 1.34 3.03 24.80
C ILE A 816 0.66 1.67 24.87
N ILE A 817 0.56 0.99 23.72
CA ILE A 817 -0.05 -0.32 23.65
C ILE A 817 0.77 -1.34 24.46
N ALA A 818 2.09 -1.26 24.37
CA ALA A 818 2.98 -2.14 25.15
C ALA A 818 2.89 -1.89 26.65
N ALA A 819 2.71 -0.62 27.04
CA ALA A 819 2.51 -0.26 28.43
C ALA A 819 1.22 -0.86 28.98
N VAL A 820 0.12 -0.69 28.24
CA VAL A 820 -1.19 -1.23 28.64
C VAL A 820 -1.15 -2.77 28.65
N THR A 821 -0.56 -3.36 27.61
CA THR A 821 -0.42 -4.80 27.51
C THR A 821 0.38 -5.39 28.68
N ALA A 822 1.47 -4.73 29.07
CA ALA A 822 2.34 -5.17 30.18
C ALA A 822 1.68 -5.02 31.54
N PHE A 823 0.81 -4.01 31.68
CA PHE A 823 -0.02 -3.88 32.87
C PHE A 823 -0.91 -5.10 33.09
N ALA A 824 -1.58 -5.54 32.03
CA ALA A 824 -2.42 -6.73 32.06
C ALA A 824 -1.61 -7.99 32.37
N ALA A 825 -0.50 -8.17 31.65
CA ALA A 825 0.35 -9.33 31.83
C ALA A 825 0.81 -9.47 33.28
N ASN A 826 1.33 -8.38 33.83
CA ASN A 826 1.71 -8.31 35.24
C ASN A 826 0.54 -8.57 36.19
N LYS A 827 -0.61 -7.94 35.91
CA LYS A 827 -1.80 -8.09 36.76
C LYS A 827 -2.24 -9.54 36.89
N HIS A 828 -2.25 -10.26 35.78
CA HIS A 828 -2.78 -11.62 35.74
C HIS A 828 -1.71 -12.71 35.76
N GLY A 829 -0.44 -12.32 35.82
CA GLY A 829 0.67 -13.28 35.82
C GLY A 829 0.64 -14.20 34.61
N ARG A 830 0.51 -13.61 33.43
CA ARG A 830 0.36 -14.36 32.18
C ARG A 830 1.05 -13.60 31.06
N ALA A 831 1.52 -14.33 30.05
CA ALA A 831 1.98 -13.71 28.82
C ALA A 831 0.76 -13.15 28.08
N VAL A 832 0.88 -11.95 27.51
CA VAL A 832 -0.22 -11.32 26.77
C VAL A 832 0.30 -10.86 25.40
N ARG A 833 -0.46 -11.18 24.36
CA ARG A 833 -0.12 -10.83 22.98
C ARG A 833 -1.15 -9.83 22.47
N CYS A 834 -0.66 -8.76 21.85
CA CYS A 834 -1.51 -7.76 21.19
C CYS A 834 -1.03 -7.57 19.76
N VAL A 835 -1.90 -7.89 18.81
CA VAL A 835 -1.67 -7.71 17.39
C VAL A 835 -2.93 -7.05 16.83
N LEU A 836 -2.76 -5.90 16.18
CA LEU A 836 -3.88 -5.14 15.64
C LEU A 836 -4.23 -5.53 14.21
N GLU A 837 -5.53 -5.56 13.91
CA GLU A 837 -6.01 -5.68 12.53
C GLU A 837 -5.83 -4.35 11.82
N ARG A 838 -5.83 -4.40 10.49
CA ARG A 838 -5.53 -3.23 9.64
C ARG A 838 -6.43 -2.01 9.90
N GLY A 839 -7.74 -2.24 10.05
CA GLY A 839 -8.70 -1.17 10.34
C GLY A 839 -8.40 -0.45 11.65
N GLU A 840 -8.32 -1.24 12.74
CA GLU A 840 -7.89 -0.73 14.06
C GLU A 840 -6.59 0.06 13.97
N ASP A 841 -5.61 -0.53 13.28
CA ASP A 841 -4.25 0.01 13.21
C ASP A 841 -4.26 1.39 12.59
N MET A 842 -4.93 1.54 11.46
CA MET A 842 -5.05 2.84 10.80
C MET A 842 -5.78 3.89 11.65
N LEU A 843 -6.76 3.45 12.43
CA LEU A 843 -7.52 4.33 13.31
C LEU A 843 -6.73 4.72 14.58
N ILE A 844 -6.12 3.74 15.23
CA ILE A 844 -5.37 3.95 16.48
C ILE A 844 -4.06 4.69 16.23
N THR A 845 -3.30 4.19 15.26
CA THR A 845 -2.01 4.77 14.89
C THR A 845 -2.28 6.06 14.10
N GLY A 846 -1.32 6.99 14.13
CA GLY A 846 -1.45 8.22 13.36
C GLY A 846 -1.10 8.03 11.89
N GLY A 847 -0.79 9.13 11.24
CA GLY A 847 -0.16 9.13 9.92
C GLY A 847 0.85 10.26 9.80
N ARG A 848 1.27 10.54 8.57
CA ARG A 848 2.05 11.73 8.28
C ARG A 848 1.19 12.96 8.56
N HIS A 849 1.84 14.05 8.95
CA HIS A 849 1.15 15.33 9.20
C HIS A 849 0.63 15.95 7.90
N PRO A 850 -0.69 16.19 7.83
CA PRO A 850 -1.18 17.07 6.76
C PRO A 850 -0.67 18.50 6.97
N TYR A 851 -0.30 19.17 5.89
CA TYR A 851 0.21 20.55 5.95
C TYR A 851 -0.70 21.53 5.22
N LEU A 852 -0.60 22.79 5.62
CA LEU A 852 -1.09 23.93 4.83
C LEU A 852 0.07 24.91 4.75
N GLY A 853 0.41 25.31 3.52
CA GLY A 853 1.48 26.28 3.27
C GLY A 853 0.92 27.56 2.72
N LYS A 854 1.25 28.69 3.34
CA LYS A 854 0.88 30.02 2.83
C LYS A 854 2.14 30.82 2.55
N TYR A 855 2.26 31.37 1.35
CA TYR A 855 3.43 32.15 0.94
C TYR A 855 3.05 33.44 0.24
N LYS A 856 3.86 34.47 0.50
CA LYS A 856 3.85 35.73 -0.25
C LYS A 856 5.25 35.88 -0.83
N ALA A 857 5.35 35.96 -2.16
CA ALA A 857 6.64 35.91 -2.86
C ALA A 857 6.87 37.14 -3.72
N GLY A 858 7.94 37.87 -3.44
CA GLY A 858 8.42 38.95 -4.30
C GLY A 858 9.48 38.42 -5.25
N PHE A 859 9.37 38.75 -6.53
CA PHE A 859 10.29 38.20 -7.54
C PHE A 859 10.53 39.11 -8.75
N MET A 860 11.64 38.85 -9.43
CA MET A 860 12.06 39.58 -10.64
C MET A 860 11.39 38.96 -11.87
N ASN A 861 11.39 39.68 -12.98
CA ASN A 861 10.81 39.17 -14.24
C ASN A 861 11.57 38.01 -14.89
N ASP A 862 12.84 37.81 -14.54
CA ASP A 862 13.60 36.61 -14.94
C ASP A 862 13.35 35.39 -14.02
N GLY A 863 12.66 35.61 -12.90
CA GLY A 863 12.22 34.54 -12.01
C GLY A 863 13.04 34.33 -10.74
N ARG A 864 13.84 35.33 -10.35
CA ARG A 864 14.60 35.25 -9.10
C ARG A 864 13.73 35.71 -7.93
N ILE A 865 13.47 34.82 -6.98
CA ILE A 865 12.72 35.15 -5.78
C ILE A 865 13.71 35.82 -4.81
N LEU A 866 13.67 37.14 -4.77
CA LEU A 866 14.48 37.93 -3.84
C LEU A 866 13.81 38.18 -2.49
N ALA A 867 12.50 37.90 -2.39
CA ALA A 867 11.75 38.01 -1.13
C ALA A 867 10.70 36.91 -1.01
N LEU A 868 10.65 36.24 0.13
CA LEU A 868 9.70 35.14 0.37
C LEU A 868 9.30 35.11 1.84
N ASP A 869 7.99 35.17 2.11
CA ASP A 869 7.46 35.16 3.47
C ASP A 869 6.57 33.93 3.62
N MET A 870 7.17 32.86 4.15
CA MET A 870 6.54 31.54 4.22
C MET A 870 5.87 31.30 5.56
N GLU A 871 4.73 30.60 5.52
CA GLU A 871 4.04 30.10 6.71
C GLU A 871 3.71 28.62 6.51
N HIS A 872 4.08 27.78 7.48
CA HIS A 872 3.68 26.37 7.51
C HIS A 872 2.67 26.13 8.63
N TYR A 873 1.70 25.26 8.39
CA TYR A 873 0.77 24.80 9.43
C TYR A 873 0.62 23.28 9.33
N SER A 874 0.99 22.55 10.38
CA SER A 874 0.78 21.10 10.42
C SER A 874 -0.50 20.76 11.16
N ASN A 875 -1.23 19.74 10.67
CA ASN A 875 -2.37 19.18 11.38
C ASN A 875 -1.86 18.10 12.34
N ALA A 876 -1.89 18.41 13.64
CA ALA A 876 -1.27 17.56 14.66
C ALA A 876 -2.14 16.38 15.12
N GLY A 877 -3.46 16.48 14.93
CA GLY A 877 -4.39 15.54 15.53
C GLY A 877 -4.63 15.92 16.98
N ALA A 878 -5.04 14.94 17.79
CA ALA A 878 -5.42 15.18 19.20
C ALA A 878 -4.28 15.63 20.12
N SER A 879 -3.05 15.25 19.80
CA SER A 879 -1.88 15.53 20.65
C SER A 879 -0.68 16.06 19.86
N LEU A 880 0.24 16.68 20.61
CA LEU A 880 1.53 17.16 20.10
C LEU A 880 2.64 16.28 20.68
N SER A 883 5.60 16.74 16.58
CA SER A 883 4.69 17.59 15.81
C SER A 883 5.32 18.92 15.61
N LEU A 884 5.86 19.44 16.69
CA LEU A 884 6.72 20.63 16.69
C LEU A 884 8.14 20.27 16.23
N PHE A 885 8.56 19.04 16.51
CA PHE A 885 9.79 18.47 15.96
C PHE A 885 9.71 18.50 14.42
N VAL A 886 8.54 18.16 13.89
CA VAL A 886 8.28 18.10 12.44
C VAL A 886 8.22 19.51 11.81
N ILE A 887 7.66 20.47 12.54
CA ILE A 887 7.66 21.87 12.08
C ILE A 887 9.09 22.39 11.96
N GLU A 888 9.90 22.16 13.01
CA GLU A 888 11.31 22.57 13.04
C GLU A 888 12.08 22.07 11.83
N MET A 889 12.02 20.75 11.58
CA MET A 889 12.67 20.17 10.41
C MET A 889 12.07 20.66 9.09
N GLY A 890 10.76 20.93 9.09
CA GLY A 890 10.12 21.58 7.96
C GLY A 890 10.85 22.86 7.59
N LEU A 891 11.02 23.73 8.57
CA LEU A 891 11.64 25.05 8.36
C LEU A 891 13.12 24.96 7.96
N LEU A 892 13.86 24.08 8.62
CA LEU A 892 15.30 23.91 8.34
C LEU A 892 15.60 23.33 6.96
N LYS A 893 14.69 22.50 6.45
CA LYS A 893 14.86 21.88 5.14
C LYS A 893 14.03 22.51 4.02
N MET A 894 13.22 23.52 4.39
CA MET A 894 12.37 24.29 3.47
C MET A 894 13.10 24.87 2.25
N ASP A 895 14.32 25.33 2.46
CA ASP A 895 15.12 25.92 1.37
C ASP A 895 15.36 24.96 0.19
N ASN A 896 15.66 23.70 0.49
CA ASN A 896 15.92 22.66 -0.52
C ASN A 896 17.08 23.05 -1.45
N ALA A 897 16.84 23.29 -2.74
CA ALA A 897 17.92 23.53 -3.69
C ALA A 897 18.22 25.02 -3.89
N TYR A 898 17.40 25.90 -3.29
CA TYR A 898 17.32 27.30 -3.69
C TYR A 898 17.81 28.26 -2.61
N LYS A 899 18.58 29.27 -3.03
CA LYS A 899 18.94 30.38 -2.15
C LYS A 899 17.82 31.40 -2.17
N PHE A 900 17.24 31.67 -1.01
CA PHE A 900 16.25 32.73 -0.83
C PHE A 900 16.90 33.86 -0.04
N PRO A 901 17.49 34.85 -0.76
CA PRO A 901 18.31 35.90 -0.10
C PRO A 901 17.62 36.70 1.00
N ASN A 902 16.30 36.82 0.93
CA ASN A 902 15.50 37.40 1.99
C ASN A 902 14.31 36.49 2.29
N LEU A 903 14.31 35.89 3.49
CA LEU A 903 13.39 34.82 3.84
C LEU A 903 12.84 34.98 5.26
N ARG A 904 11.52 34.84 5.40
CA ARG A 904 10.86 34.84 6.71
C ARG A 904 9.94 33.62 6.79
N CYS A 905 10.48 32.52 7.32
CA CYS A 905 9.77 31.25 7.40
C CYS A 905 9.25 31.00 8.81
N ARG A 906 7.94 30.81 8.94
CA ARG A 906 7.29 30.61 10.24
C ARG A 906 6.42 29.36 10.21
N GLY A 907 6.28 28.69 11.37
CA GLY A 907 5.56 27.42 11.47
C GLY A 907 4.82 27.24 12.79
N TRP A 908 3.67 26.55 12.73
CA TRP A 908 2.80 26.35 13.89
C TRP A 908 2.06 25.02 13.79
N ALA A 909 2.16 24.18 14.81
CA ALA A 909 1.40 22.91 14.87
C ALA A 909 -0.02 23.18 15.32
N CYS A 910 -0.98 22.49 14.72
CA CYS A 910 -2.42 22.75 14.95
C CYS A 910 -3.18 21.54 15.48
N ARG A 911 -3.67 21.66 16.70
CA ARG A 911 -4.41 20.61 17.38
C ARG A 911 -5.82 20.50 16.79
N THR A 912 -6.18 19.29 16.36
CA THR A 912 -7.52 18.98 15.83
C THR A 912 -8.09 17.73 16.54
N ASN A 913 -9.32 17.36 16.17
CA ASN A 913 -9.99 16.20 16.74
C ASN A 913 -9.95 15.00 15.80
N LEU A 914 -8.72 14.68 15.36
CA LEU A 914 -8.44 13.54 14.49
C LEU A 914 -7.35 12.72 15.13
N PRO A 915 -7.13 11.48 14.65
CA PRO A 915 -6.03 10.68 15.20
C PRO A 915 -4.72 11.45 15.26
N SER A 916 -4.03 11.33 16.39
CA SER A 916 -2.79 12.03 16.64
C SER A 916 -1.69 11.55 15.69
N ASN A 917 -1.27 12.44 14.79
CA ASN A 917 -0.30 12.10 13.75
C ASN A 917 1.13 12.04 14.28
N THR A 918 1.95 11.19 13.66
CA THR A 918 3.32 10.90 14.09
C THR A 918 4.32 11.27 12.99
N ALA A 919 5.61 11.10 13.29
CA ALA A 919 6.68 11.30 12.31
C ALA A 919 6.67 10.20 11.25
N PHE A 920 7.17 10.54 10.07
CA PHE A 920 7.10 9.69 8.89
C PHE A 920 8.39 9.85 8.08
N ARG A 921 8.79 8.79 7.39
CA ARG A 921 9.88 8.82 6.40
C ARG A 921 9.89 10.12 5.58
N GLY A 922 10.85 10.99 5.90
CA GLY A 922 10.97 12.32 5.29
C GLY A 922 11.02 13.39 6.37
N PHE A 923 10.12 13.26 7.35
CA PHE A 923 10.18 14.01 8.60
C PHE A 923 10.13 15.53 8.37
N GLY A 924 9.05 15.96 7.71
CA GLY A 924 8.78 17.37 7.46
C GLY A 924 9.16 17.87 6.07
N PHE A 925 10.19 17.26 5.48
CA PHE A 925 10.72 17.70 4.18
C PHE A 925 9.77 17.48 3.01
N PRO A 926 9.12 16.30 2.91
CA PRO A 926 8.16 16.09 1.82
C PRO A 926 7.06 17.16 1.76
N GLN A 927 6.63 17.64 2.91
CA GLN A 927 5.67 18.73 3.02
C GLN A 927 6.33 20.08 2.74
N ALA A 928 7.42 20.36 3.45
CA ALA A 928 8.12 21.64 3.34
C ALA A 928 8.72 21.90 1.97
N ALA A 929 9.14 20.84 1.28
CA ALA A 929 9.71 20.98 -0.06
C ALA A 929 8.61 21.21 -1.12
N LEU A 930 7.50 20.48 -1.02
CA LEU A 930 6.38 20.62 -1.95
C LEU A 930 5.85 22.05 -2.00
N ILE A 931 5.68 22.66 -0.83
CA ILE A 931 5.16 24.03 -0.75
C ILE A 931 6.07 25.05 -1.44
N THR A 932 7.40 24.87 -1.37
CA THR A 932 8.33 25.78 -2.07
C THR A 932 8.30 25.55 -3.58
N GLU A 933 8.13 24.30 -4.00
CA GLU A 933 7.95 23.98 -5.41
C GLU A 933 6.62 24.52 -5.94
N SER A 934 5.60 24.51 -5.09
CA SER A 934 4.32 25.11 -5.44
C SER A 934 4.46 26.62 -5.67
N CYS A 935 5.22 27.26 -4.78
CA CYS A 935 5.55 28.68 -4.91
C CYS A 935 6.36 28.97 -6.17
N ILE A 936 7.36 28.13 -6.43
CA ILE A 936 8.17 28.21 -7.65
C ILE A 936 7.32 28.05 -8.92
N THR A 937 6.39 27.09 -8.91
CA THR A 937 5.54 26.83 -10.08
C THR A 937 4.58 28.00 -10.37
N GLU A 938 4.06 28.64 -9.31
CA GLU A 938 3.21 29.82 -9.45
C GLU A 938 3.96 31.07 -9.97
N VAL A 939 5.21 31.23 -9.55
CA VAL A 939 6.09 32.30 -10.05
C VAL A 939 6.40 32.09 -11.54
N ALA A 940 6.83 30.87 -11.87
CA ALA A 940 7.10 30.46 -13.26
C ALA A 940 5.97 30.86 -14.21
N ALA A 941 4.73 30.53 -13.81
CA ALA A 941 3.52 30.92 -14.54
C ALA A 941 3.43 32.43 -14.78
N LYS A 942 3.66 33.23 -13.75
CA LYS A 942 3.63 34.70 -13.85
C LYS A 942 4.77 35.24 -14.72
N CYS A 943 5.91 34.54 -14.70
CA CYS A 943 7.10 34.93 -15.48
C CYS A 943 7.05 34.48 -16.95
N GLY A 944 6.15 33.55 -17.30
CA GLY A 944 6.12 32.97 -18.64
C GLY A 944 7.29 32.03 -18.93
N LEU A 945 7.99 31.61 -17.89
CA LEU A 945 9.12 30.71 -17.99
C LEU A 945 8.64 29.38 -17.47
N SER A 946 9.29 28.29 -17.90
CA SER A 946 8.98 26.97 -17.37
C SER A 946 9.47 26.91 -15.92
N PRO A 947 8.83 26.07 -15.08
CA PRO A 947 9.33 25.91 -13.71
C PRO A 947 10.82 25.59 -13.61
N GLU A 948 11.34 24.85 -14.58
CA GLU A 948 12.72 24.36 -14.55
C GLU A 948 13.73 25.48 -14.76
N LYS A 949 13.35 26.51 -15.51
CA LYS A 949 14.17 27.72 -15.65
C LYS A 949 14.19 28.52 -14.33
N VAL A 950 13.06 28.57 -13.63
CA VAL A 950 12.96 29.24 -12.33
C VAL A 950 13.69 28.44 -11.24
N ARG A 951 13.68 27.11 -11.36
CA ARG A 951 14.43 26.26 -10.44
C ARG A 951 15.93 26.48 -10.58
N ILE A 952 16.42 26.47 -11.83
CA ILE A 952 17.86 26.61 -12.09
C ILE A 952 18.40 28.03 -11.82
N ILE A 953 17.57 29.05 -11.99
CA ILE A 953 17.99 30.44 -11.72
C ILE A 953 18.08 30.75 -10.22
N ASN A 954 17.30 30.04 -9.40
CA ASN A 954 17.29 30.22 -7.94
C ASN A 954 18.19 29.24 -7.16
N MET A 955 18.87 28.34 -7.86
CA MET A 955 19.68 27.31 -7.20
C MET A 955 20.88 27.88 -6.44
N TYR A 956 21.24 27.20 -5.36
CA TYR A 956 22.48 27.47 -4.62
C TYR A 956 23.69 27.32 -5.54
N LYS A 957 24.65 28.24 -5.42
CA LYS A 957 25.94 28.11 -6.11
C LYS A 957 26.80 27.08 -5.41
N GLU A 958 27.90 26.69 -6.06
CA GLU A 958 28.81 25.64 -5.56
C GLU A 958 29.15 25.83 -4.08
N ILE A 959 29.56 27.04 -3.72
CA ILE A 959 29.75 27.45 -2.33
C ILE A 959 28.62 28.42 -1.99
N ASP A 960 27.94 28.20 -0.87
CA ASP A 960 26.81 29.03 -0.48
C ASP A 960 26.41 28.85 1.00
N GLN A 961 25.35 29.55 1.42
CA GLN A 961 24.92 29.60 2.83
C GLN A 961 23.41 29.40 2.96
N THR A 962 23.01 28.61 3.97
CA THR A 962 21.60 28.31 4.23
C THR A 962 20.96 29.44 5.05
N PRO A 963 19.60 29.47 5.13
CA PRO A 963 18.88 30.42 6.01
C PRO A 963 19.32 30.45 7.48
N TYR A 964 19.85 29.33 7.97
CA TYR A 964 20.30 29.17 9.36
C TYR A 964 21.83 29.26 9.48
N LYS A 965 22.45 29.95 8.51
CA LYS A 965 23.89 30.28 8.53
C LYS A 965 24.82 29.06 8.61
N GLN A 966 24.54 28.03 7.81
CA GLN A 966 25.48 26.91 7.62
C GLN A 966 26.05 26.96 6.20
N GLU A 967 27.37 26.83 6.11
CA GLU A 967 28.07 26.79 4.81
C GLU A 967 27.87 25.43 4.16
N ILE A 968 27.49 25.42 2.89
CA ILE A 968 27.25 24.18 2.14
C ILE A 968 28.05 24.15 0.84
N ASN A 969 28.49 22.96 0.47
CA ASN A 969 29.13 22.73 -0.82
C ASN A 969 28.11 22.07 -1.75
N ALA A 970 27.45 22.89 -2.57
CA ALA A 970 26.40 22.43 -3.49
C ALA A 970 26.91 22.11 -4.91
N LYS A 971 28.14 21.60 -5.00
CA LYS A 971 28.71 21.11 -6.26
C LYS A 971 27.85 19.96 -6.81
N ASN A 972 27.55 19.02 -5.93
CA ASN A 972 26.79 17.83 -6.29
C ASN A 972 25.29 18.08 -6.50
N LEU A 973 24.76 19.16 -5.96
CA LEU A 973 23.40 19.61 -6.28
C LEU A 973 23.33 19.99 -7.76
N ILE A 974 24.30 20.78 -8.21
CA ILE A 974 24.40 21.25 -9.58
C ILE A 974 24.70 20.10 -10.54
N GLN A 975 25.65 19.24 -10.14
CA GLN A 975 26.05 18.10 -10.97
C GLN A 975 24.91 17.08 -11.14
N CYS A 976 24.16 16.83 -10.07
CA CYS A 976 22.97 15.97 -10.13
C CYS A 976 21.93 16.52 -11.12
N TRP A 977 21.70 17.83 -11.06
CA TRP A 977 20.74 18.50 -11.94
C TRP A 977 21.14 18.37 -13.40
N ARG A 978 22.42 18.61 -13.69
CA ARG A 978 22.92 18.53 -15.08
C ARG A 978 22.89 17.11 -15.63
N GLU A 979 23.35 16.13 -14.85
CA GLU A 979 23.36 14.73 -15.29
C GLU A 979 21.94 14.22 -15.50
N CYS A 980 21.02 14.65 -14.64
CA CYS A 980 19.60 14.28 -14.78
C CYS A 980 18.97 14.87 -16.04
N MET A 981 19.32 16.11 -16.40
CA MET A 981 18.90 16.71 -17.68
C MET A 981 19.45 15.93 -18.88
N ALA A 982 20.71 15.50 -18.78
CA ALA A 982 21.41 14.80 -19.86
C ALA A 982 20.89 13.38 -20.07
N MET A 983 20.90 12.57 -18.99
CA MET A 983 20.47 11.17 -19.07
C MET A 983 18.99 11.04 -19.47
N SER A 984 18.15 11.95 -18.96
CA SER A 984 16.71 11.93 -19.27
C SER A 984 16.36 12.50 -20.64
N SER A 985 17.30 13.18 -21.30
CA SER A 985 17.05 13.85 -22.59
C SER A 985 15.85 14.77 -22.45
N TYR A 986 15.93 15.65 -21.45
CA TYR A 986 14.83 16.51 -21.03
C TYR A 986 14.34 17.43 -22.16
N SER A 987 15.29 18.13 -22.78
CA SER A 987 14.97 19.13 -23.80
C SER A 987 14.29 18.54 -25.04
N LEU A 988 14.64 17.32 -25.42
CA LEU A 988 14.05 16.66 -26.60
C LEU A 988 12.62 16.16 -26.30
N ARG A 989 12.43 15.63 -25.09
CA ARG A 989 11.11 15.16 -24.64
C ARG A 989 10.16 16.32 -24.31
N LYS A 990 10.71 17.45 -23.89
CA LYS A 990 9.92 18.66 -23.63
C LYS A 990 9.08 19.07 -24.86
N VAL A 991 9.71 19.10 -26.04
CA VAL A 991 9.02 19.46 -27.28
C VAL A 991 8.13 18.32 -27.80
N ALA A 992 8.49 17.07 -27.49
CA ALA A 992 7.63 15.91 -27.77
C ALA A 992 6.31 15.97 -27.00
N VAL A 993 6.36 16.48 -25.77
CA VAL A 993 5.16 16.68 -24.95
C VAL A 993 4.32 17.87 -25.45
N GLU A 994 4.96 18.97 -25.84
CA GLU A 994 4.26 20.11 -26.46
C GLU A 994 3.66 19.71 -27.80
N LYS A 995 4.37 18.88 -28.56
CA LYS A 995 3.88 18.30 -29.82
C LYS A 995 2.62 17.45 -29.61
N PHE A 996 2.68 16.57 -28.61
CA PHE A 996 1.54 15.73 -28.24
C PHE A 996 0.33 16.58 -27.83
N ASN A 997 0.56 17.58 -26.97
CA ASN A 997 -0.52 18.41 -26.42
C ASN A 997 -1.24 19.28 -27.45
N ALA A 998 -0.51 19.74 -28.45
CA ALA A 998 -1.08 20.48 -29.57
C ALA A 998 -1.87 19.55 -30.50
N GLU A 999 -1.51 18.27 -30.52
CA GLU A 999 -2.17 17.26 -31.36
C GLU A 999 -3.28 16.46 -30.67
N ASN A 1000 -3.38 16.56 -29.33
CA ASN A 1000 -4.35 15.76 -28.58
C ASN A 1000 -5.12 16.63 -27.58
N TYR A 1001 -6.46 16.52 -27.61
CA TYR A 1001 -7.37 17.38 -26.83
C TYR A 1001 -7.86 16.73 -25.54
N TRP A 1002 -8.19 15.44 -25.60
CA TRP A 1002 -8.71 14.69 -24.45
C TRP A 1002 -7.68 13.85 -23.68
N LYS A 1003 -6.44 13.83 -24.19
CA LYS A 1003 -5.28 13.26 -23.50
C LYS A 1003 -4.13 14.26 -23.56
N LYS A 1004 -3.45 14.47 -22.43
CA LYS A 1004 -2.29 15.36 -22.37
C LYS A 1004 -1.13 14.67 -21.67
N LYS A 1005 0.09 15.05 -22.05
CA LYS A 1005 1.28 14.63 -21.34
C LYS A 1005 1.88 15.81 -20.61
N GLY A 1006 2.64 15.52 -19.57
CA GLY A 1006 3.35 16.54 -18.81
C GLY A 1006 4.71 16.06 -18.37
N LEU A 1007 5.59 17.01 -18.08
CA LEU A 1007 6.98 16.71 -17.73
C LEU A 1007 7.49 17.73 -16.72
N ALA A 1008 8.21 17.24 -15.71
CA ALA A 1008 8.75 18.09 -14.67
C ALA A 1008 10.07 17.54 -14.14
N MET A 1009 10.97 18.44 -13.75
CA MET A 1009 12.18 18.07 -13.03
C MET A 1009 12.27 18.86 -11.72
N VAL A 1010 12.76 18.16 -10.70
CA VAL A 1010 12.80 18.66 -9.32
C VAL A 1010 14.16 18.31 -8.71
N PRO A 1011 14.82 19.25 -8.01
CA PRO A 1011 16.11 18.98 -7.34
C PRO A 1011 15.93 18.61 -5.87
N LEU A 1012 16.94 17.96 -5.31
CA LEU A 1012 16.89 17.46 -3.94
C LEU A 1012 18.09 17.96 -3.14
N LYS A 1013 17.81 18.55 -1.98
CA LYS A 1013 18.78 18.67 -0.90
C LYS A 1013 18.08 18.17 0.35
N PHE A 1014 18.52 17.00 0.84
CA PHE A 1014 18.03 16.43 2.08
C PHE A 1014 19.13 16.45 3.13
N PRO A 1015 19.13 17.47 4.01
CA PRO A 1015 20.12 17.49 5.09
C PRO A 1015 19.86 16.38 6.10
N VAL A 1016 20.94 15.77 6.58
CA VAL A 1016 20.88 14.71 7.57
C VAL A 1016 21.58 15.19 8.83
N GLY A 1017 20.95 14.93 9.96
CA GLY A 1017 21.47 15.36 11.26
C GLY A 1017 20.34 15.55 12.25
N LEU A 1018 20.61 15.16 13.50
CA LEU A 1018 19.64 15.21 14.57
C LEU A 1018 19.81 16.55 15.31
N GLY A 1019 19.09 16.73 16.41
CA GLY A 1019 19.17 17.98 17.18
C GLY A 1019 20.49 18.22 17.91
N SER A 1020 21.03 17.15 18.50
CA SER A 1020 22.19 17.25 19.39
C SER A 1020 23.13 16.07 19.21
N ARG A 1021 24.31 16.17 19.83
CA ARG A 1021 25.31 15.11 19.80
C ARG A 1021 24.86 13.84 20.54
N ALA A 1022 24.13 14.01 21.65
CA ALA A 1022 23.64 12.89 22.44
C ALA A 1022 22.61 12.03 21.68
N ALA A 1023 21.77 12.69 20.89
CA ALA A 1023 20.79 11.99 20.05
C ALA A 1023 21.43 11.08 18.99
N GLY A 1024 22.64 11.43 18.54
CA GLY A 1024 23.37 10.66 17.53
C GLY A 1024 24.39 9.67 18.07
N GLN A 1025 24.46 9.48 19.39
CA GLN A 1025 25.36 8.47 19.96
C GLN A 1025 24.80 7.07 19.69
N ALA A 1026 25.69 6.09 19.66
CA ALA A 1026 25.33 4.71 19.35
C ALA A 1026 26.35 3.75 19.93
N ALA A 1027 25.93 2.52 20.11
CA ALA A 1027 26.73 1.51 20.81
C ALA A 1027 26.56 0.11 20.21
N ALA A 1028 27.55 -0.74 20.48
CA ALA A 1028 27.57 -2.11 19.99
C ALA A 1028 28.22 -3.04 21.00
N LEU A 1029 28.10 -4.34 20.77
CA LEU A 1029 28.76 -5.35 21.59
C LEU A 1029 29.26 -6.47 20.69
N VAL A 1030 30.55 -6.78 20.76
CA VAL A 1030 31.18 -7.79 19.90
C VAL A 1030 31.91 -8.82 20.76
N HIS A 1031 31.57 -10.10 20.56
CA HIS A 1031 32.26 -11.25 21.16
C HIS A 1031 32.96 -12.04 20.07
N ILE A 1032 34.19 -12.49 20.35
CA ILE A 1032 34.84 -13.50 19.53
C ILE A 1032 34.94 -14.78 20.36
N TYR A 1033 34.32 -15.85 19.87
CA TYR A 1033 34.40 -17.16 20.51
C TYR A 1033 35.69 -17.88 20.08
N LEU A 1034 36.05 -18.92 20.82
CA LEU A 1034 37.34 -19.61 20.65
C LEU A 1034 37.49 -20.39 19.35
N ASP A 1035 36.38 -20.72 18.69
CA ASP A 1035 36.41 -21.26 17.32
C ASP A 1035 36.64 -20.16 16.25
N GLY A 1036 36.80 -18.91 16.69
CA GLY A 1036 37.07 -17.79 15.81
C GLY A 1036 35.84 -17.04 15.30
N SER A 1037 34.65 -17.58 15.57
CA SER A 1037 33.39 -16.98 15.09
C SER A 1037 33.02 -15.76 15.93
N VAL A 1038 32.28 -14.82 15.32
CA VAL A 1038 31.94 -13.55 15.95
C VAL A 1038 30.42 -13.37 16.09
N LEU A 1039 29.99 -12.90 17.26
CA LEU A 1039 28.63 -12.44 17.47
C LEU A 1039 28.67 -10.95 17.74
N VAL A 1040 27.86 -10.21 17.00
CA VAL A 1040 27.77 -8.76 17.12
C VAL A 1040 26.32 -8.35 17.36
N THR A 1041 26.14 -7.25 18.08
CA THR A 1041 24.83 -6.62 18.18
C THR A 1041 24.99 -5.12 18.43
N HIS A 1042 23.89 -4.39 18.36
CA HIS A 1042 23.90 -2.93 18.49
C HIS A 1042 22.47 -2.40 18.66
N GLY A 1043 22.38 -1.13 19.03
CA GLY A 1043 21.10 -0.47 19.31
C GLY A 1043 20.14 -0.29 18.13
N GLY A 1044 20.67 -0.29 16.92
CA GLY A 1044 19.86 -0.20 15.70
C GLY A 1044 18.89 -1.36 15.44
N ILE A 1045 17.81 -1.04 14.72
CA ILE A 1045 16.72 -1.98 14.43
C ILE A 1045 16.62 -2.25 12.94
N GLU A 1046 16.44 -3.53 12.57
CA GLU A 1046 16.19 -3.91 11.19
C GLU A 1046 14.70 -3.75 10.90
N MET A 1047 14.38 -2.81 10.02
CA MET A 1047 13.01 -2.54 9.56
C MET A 1047 12.86 -2.91 8.07
N GLY A 1048 13.91 -3.48 7.47
CA GLY A 1048 13.95 -3.74 6.03
C GLY A 1048 14.98 -2.93 5.28
N GLN A 1049 15.55 -1.92 5.95
CA GLN A 1049 16.59 -1.06 5.37
C GLN A 1049 17.97 -1.74 5.26
N GLY A 1050 18.11 -2.95 5.78
CA GLY A 1050 19.35 -3.71 5.65
C GLY A 1050 20.49 -3.18 6.50
N VAL A 1051 20.15 -2.70 7.69
CA VAL A 1051 21.14 -2.20 8.64
C VAL A 1051 22.05 -3.33 9.13
N HIS A 1052 21.47 -4.47 9.50
CA HIS A 1052 22.24 -5.59 10.05
C HIS A 1052 23.21 -6.15 9.03
N THR A 1053 22.77 -6.23 7.78
CA THR A 1053 23.63 -6.60 6.65
C THR A 1053 24.86 -5.69 6.56
N LYS A 1054 24.65 -4.38 6.67
CA LYS A 1054 25.75 -3.40 6.62
C LYS A 1054 26.72 -3.49 7.80
N MET A 1055 26.22 -3.90 8.97
CA MET A 1055 27.08 -4.02 10.16
C MET A 1055 28.00 -5.23 10.04
N ILE A 1056 27.49 -6.30 9.43
CA ILE A 1056 28.30 -7.49 9.15
C ILE A 1056 29.35 -7.17 8.06
N GLN A 1057 28.99 -6.34 7.08
CA GLN A 1057 29.95 -5.83 6.09
C GLN A 1057 31.05 -5.00 6.77
N VAL A 1058 30.67 -4.17 7.74
CA VAL A 1058 31.64 -3.42 8.54
C VAL A 1058 32.55 -4.37 9.32
N VAL A 1059 31.96 -5.36 10.00
CA VAL A 1059 32.76 -6.33 10.78
C VAL A 1059 33.71 -7.11 9.87
N SER A 1060 33.22 -7.51 8.71
CA SER A 1060 34.05 -8.21 7.74
C SER A 1060 35.28 -7.42 7.30
N ARG A 1061 35.14 -6.10 7.10
CA ARG A 1061 36.27 -5.25 6.70
C ARG A 1061 37.28 -5.09 7.84
N GLU A 1062 36.76 -4.77 9.02
CA GLU A 1062 37.60 -4.33 10.14
C GLU A 1062 38.37 -5.47 10.81
N LEU A 1063 37.73 -6.63 10.97
CA LEU A 1063 38.41 -7.82 11.49
C LEU A 1063 39.03 -8.70 10.40
N ARG A 1064 38.77 -8.37 9.13
CA ARG A 1064 39.34 -9.07 7.98
C ARG A 1064 38.93 -10.55 8.01
N MET A 1065 37.62 -10.78 7.98
CA MET A 1065 37.05 -12.12 8.00
C MET A 1065 35.82 -12.18 7.12
N PRO A 1066 35.45 -13.38 6.63
CA PRO A 1066 34.23 -13.46 5.82
C PRO A 1066 32.97 -13.09 6.62
N MET A 1067 31.92 -12.66 5.91
CA MET A 1067 30.64 -12.34 6.53
C MET A 1067 29.96 -13.59 7.10
N SER A 1068 30.24 -14.75 6.50
CA SER A 1068 29.77 -16.04 7.01
C SER A 1068 30.26 -16.36 8.42
N ASN A 1069 31.43 -15.82 8.79
CA ASN A 1069 31.99 -16.01 10.13
C ASN A 1069 31.40 -15.10 11.21
N VAL A 1070 30.64 -14.09 10.81
CA VAL A 1070 29.99 -13.17 11.73
C VAL A 1070 28.52 -13.52 11.77
N HIS A 1071 27.91 -13.37 12.94
CA HIS A 1071 26.46 -13.54 13.09
C HIS A 1071 25.88 -12.51 14.05
N LEU A 1072 24.62 -12.16 13.82
CA LEU A 1072 23.86 -11.25 14.66
C LEU A 1072 22.49 -11.88 14.85
N ARG A 1073 21.99 -11.83 16.08
CA ARG A 1073 20.70 -12.40 16.43
C ARG A 1073 19.60 -11.35 16.34
N GLY A 1074 19.84 -10.20 16.96
CA GLY A 1074 18.88 -9.10 16.95
C GLY A 1074 19.33 -7.91 17.77
N THR A 1075 18.35 -7.20 18.31
CA THR A 1075 18.57 -6.00 19.12
C THR A 1075 17.93 -6.23 20.49
N SER A 1076 18.60 -5.78 21.55
CA SER A 1076 18.13 -5.99 22.91
C SER A 1076 18.69 -4.96 23.88
N THR A 1077 17.83 -4.49 24.79
CA THR A 1077 18.24 -3.62 25.88
C THR A 1077 19.09 -4.36 26.93
N GLU A 1078 19.01 -5.69 26.93
CA GLU A 1078 19.86 -6.53 27.79
C GLU A 1078 21.32 -6.58 27.33
N THR A 1079 21.58 -6.39 26.03
CA THR A 1079 22.94 -6.43 25.49
C THR A 1079 23.56 -5.06 25.29
N VAL A 1080 22.78 -4.14 24.72
CA VAL A 1080 23.25 -2.78 24.47
C VAL A 1080 22.24 -1.81 25.06
N PRO A 1081 22.60 -1.15 26.19
CA PRO A 1081 21.68 -0.26 26.88
C PRO A 1081 21.63 1.14 26.28
N ASN A 1082 20.56 1.88 26.59
CA ASN A 1082 20.46 3.33 26.33
C ASN A 1082 20.56 3.74 24.85
N ALA A 1083 20.17 2.85 23.93
CA ALA A 1083 20.28 3.12 22.50
C ALA A 1083 19.18 4.08 22.04
N ASN A 1084 19.56 5.03 21.19
CA ASN A 1084 18.61 5.98 20.59
C ASN A 1084 17.68 5.32 19.58
N ILE A 1085 16.65 6.07 19.20
CA ILE A 1085 15.65 5.64 18.20
C ILE A 1085 16.31 5.24 16.87
N SER A 1086 15.77 4.19 16.25
CA SER A 1086 16.16 3.83 14.88
C SER A 1086 15.35 4.69 13.93
N GLY A 1087 15.89 5.88 13.66
CA GLY A 1087 15.29 6.83 12.74
C GLY A 1087 16.29 7.89 12.28
N GLY A 1088 15.81 8.83 11.46
CA GLY A 1088 16.61 9.99 11.02
C GLY A 1088 17.66 9.75 9.94
N SER A 1089 17.53 8.65 9.19
CA SER A 1089 18.46 8.27 8.10
C SER A 1089 19.90 7.99 8.52
N VAL A 1090 20.12 7.71 9.80
CA VAL A 1090 21.47 7.59 10.36
C VAL A 1090 21.73 6.30 11.15
N VAL A 1091 20.84 5.32 11.05
CA VAL A 1091 20.91 4.13 11.90
C VAL A 1091 22.20 3.37 11.61
N ALA A 1092 22.38 2.93 10.36
CA ALA A 1092 23.59 2.22 9.94
C ALA A 1092 24.83 3.09 10.06
N ASP A 1093 24.66 4.36 9.68
CA ASP A 1093 25.68 5.39 9.76
C ASP A 1093 26.36 5.46 11.14
N LEU A 1094 25.54 5.52 12.19
CA LEU A 1094 26.01 5.72 13.57
C LEU A 1094 26.37 4.42 14.28
N ASN A 1095 25.50 3.41 14.15
CA ASN A 1095 25.79 2.08 14.71
C ASN A 1095 26.97 1.40 14.02
N GLY A 1096 27.17 1.72 12.75
CA GLY A 1096 28.36 1.29 12.02
C GLY A 1096 29.65 1.81 12.61
N LEU A 1097 29.67 3.07 13.03
CA LEU A 1097 30.85 3.65 13.70
C LEU A 1097 31.13 2.98 15.05
N ALA A 1098 30.07 2.64 15.77
CA ALA A 1098 30.19 1.92 17.05
C ALA A 1098 30.67 0.48 16.83
N VAL A 1099 30.13 -0.17 15.80
CA VAL A 1099 30.58 -1.51 15.43
C VAL A 1099 32.04 -1.49 14.99
N LYS A 1100 32.44 -0.44 14.26
CA LYS A 1100 33.83 -0.26 13.84
C LYS A 1100 34.72 -0.10 15.07
N ASP A 1101 34.31 0.78 15.98
CA ASP A 1101 35.02 1.06 17.23
C ASP A 1101 35.32 -0.21 18.06
N ALA A 1102 34.33 -1.10 18.17
CA ALA A 1102 34.51 -2.37 18.90
C ALA A 1102 35.53 -3.27 18.24
N CYS A 1103 35.46 -3.40 16.91
CA CYS A 1103 36.40 -4.23 16.15
C CYS A 1103 37.84 -3.76 16.26
N GLN A 1104 38.05 -2.44 16.24
CA GLN A 1104 39.38 -1.86 16.39
C GLN A 1104 39.95 -2.08 17.79
N THR A 1105 39.11 -1.92 18.82
CA THR A 1105 39.47 -2.26 20.19
C THR A 1105 39.97 -3.69 20.29
N LEU A 1106 39.29 -4.62 19.61
CA LEU A 1106 39.70 -6.02 19.59
C LEU A 1106 41.03 -6.25 18.87
N LEU A 1107 41.29 -5.52 17.79
CA LEU A 1107 42.56 -5.60 17.07
C LEU A 1107 43.74 -5.09 17.90
N LYS A 1108 43.57 -3.94 18.57
CA LYS A 1108 44.62 -3.40 19.46
C LYS A 1108 45.12 -4.45 20.45
N ARG A 1109 44.19 -5.15 21.09
CA ARG A 1109 44.51 -6.24 22.02
C ARG A 1109 45.21 -7.40 21.35
N LEU A 1110 44.73 -7.76 20.16
CA LEU A 1110 45.27 -8.88 19.38
C LEU A 1110 46.48 -8.55 18.51
N GLU A 1111 46.93 -7.29 18.47
CA GLU A 1111 48.12 -6.91 17.66
C GLU A 1111 49.36 -7.78 17.96
N PRO A 1112 49.72 -7.94 19.25
CA PRO A 1112 50.75 -8.92 19.61
C PRO A 1112 50.53 -10.31 19.00
N ILE A 1113 49.32 -10.83 19.14
CA ILE A 1113 48.97 -12.17 18.67
C ILE A 1113 49.11 -12.28 17.15
N ILE A 1114 48.63 -11.26 16.43
CA ILE A 1114 48.59 -11.28 14.97
C ILE A 1114 49.98 -11.15 14.33
N SER A 1115 50.86 -10.37 14.95
CA SER A 1115 52.22 -10.18 14.43
C SER A 1115 53.09 -11.45 14.55
N LYS A 1116 52.99 -12.16 15.68
CA LYS A 1116 53.71 -13.43 15.89
C LYS A 1116 53.24 -14.55 14.94
N ASN A 1117 51.99 -14.47 14.48
CA ASN A 1117 51.39 -15.49 13.61
C ASN A 1117 50.54 -14.78 12.53
N PRO A 1118 51.20 -14.19 11.51
CA PRO A 1118 50.47 -13.48 10.45
C PRO A 1118 49.62 -14.38 9.55
N LYS A 1119 50.13 -15.58 9.24
CA LYS A 1119 49.40 -16.57 8.45
C LYS A 1119 48.23 -17.23 9.17
N GLY A 1120 48.12 -17.05 10.49
CA GLY A 1120 47.12 -17.74 11.30
C GLY A 1120 45.66 -17.44 11.00
N THR A 1121 44.79 -18.38 11.39
CA THR A 1121 43.35 -18.24 11.28
C THR A 1121 42.81 -17.48 12.49
N TRP A 1122 41.55 -17.06 12.42
CA TRP A 1122 40.91 -16.41 13.56
C TRP A 1122 40.72 -17.36 14.75
N LYS A 1123 40.47 -18.63 14.45
CA LYS A 1123 40.38 -19.68 15.47
C LYS A 1123 41.68 -19.79 16.28
N ASP A 1124 42.83 -19.68 15.61
CA ASP A 1124 44.13 -19.76 16.27
C ASP A 1124 44.38 -18.53 17.13
N TRP A 1125 44.07 -17.36 16.57
CA TRP A 1125 44.26 -16.07 17.26
C TRP A 1125 43.38 -15.94 18.49
N ALA A 1126 42.11 -16.33 18.36
CA ALA A 1126 41.17 -16.38 19.48
C ALA A 1126 41.62 -17.35 20.57
N GLN A 1127 42.06 -18.53 20.16
CA GLN A 1127 42.50 -19.55 21.11
C GLN A 1127 43.74 -19.10 21.86
N THR A 1128 44.75 -18.62 21.14
CA THR A 1128 46.00 -18.14 21.75
C THR A 1128 45.80 -16.86 22.57
N ALA A 1129 44.77 -16.08 22.24
CA ALA A 1129 44.36 -14.91 23.05
C ALA A 1129 43.82 -15.35 24.41
N PHE A 1130 42.92 -16.34 24.38
CA PHE A 1130 42.40 -16.94 25.62
C PHE A 1130 43.53 -17.53 26.46
N ASP A 1131 44.43 -18.28 25.80
CA ASP A 1131 45.55 -18.91 26.50
C ASP A 1131 46.45 -17.90 27.21
N GLU A 1132 46.54 -16.68 26.67
CA GLU A 1132 47.33 -15.59 27.27
C GLU A 1132 46.48 -14.54 28.01
N SER A 1133 45.27 -14.90 28.42
CA SER A 1133 44.39 -14.01 29.20
C SER A 1133 44.19 -12.63 28.58
N ILE A 1134 43.78 -12.64 27.31
CA ILE A 1134 43.39 -11.43 26.60
C ILE A 1134 41.90 -11.52 26.33
N ASN A 1135 41.16 -10.51 26.75
CA ASN A 1135 39.71 -10.44 26.65
C ASN A 1135 39.26 -10.38 25.17
N LEU A 1136 38.26 -11.21 24.83
CA LEU A 1136 37.70 -11.27 23.45
C LEU A 1136 36.26 -10.74 23.35
N SER A 1137 35.83 -9.96 24.34
CA SER A 1137 34.57 -9.25 24.30
C SER A 1137 34.86 -7.76 24.39
N ALA A 1138 34.14 -6.96 23.61
CA ALA A 1138 34.34 -5.52 23.61
C ALA A 1138 33.05 -4.76 23.32
N VAL A 1139 32.89 -3.67 24.06
CA VAL A 1139 31.86 -2.67 23.79
C VAL A 1139 32.39 -1.76 22.69
N GLY A 1140 31.48 -1.31 21.84
CA GLY A 1140 31.76 -0.30 20.81
C GLY A 1140 30.91 0.91 21.12
N TYR A 1141 31.42 2.09 20.77
CA TYR A 1141 30.75 3.35 21.09
C TYR A 1141 31.12 4.46 20.11
N PHE A 1142 30.10 5.21 19.69
CA PHE A 1142 30.30 6.46 18.97
C PHE A 1142 29.55 7.55 19.73
N ARG A 1143 30.24 8.65 20.01
CA ARG A 1143 29.70 9.73 20.84
C ARG A 1143 28.62 10.55 20.13
N GLY A 1144 28.66 10.57 18.80
CA GLY A 1144 27.64 11.22 17.97
C GLY A 1144 28.22 12.39 17.20
N TYR A 1145 27.53 12.78 16.13
CA TYR A 1145 27.93 13.93 15.34
C TYR A 1145 27.61 15.20 16.12
N GLU A 1146 28.54 16.16 16.08
CA GLU A 1146 28.33 17.47 16.70
C GLU A 1146 27.20 18.16 15.95
N SER A 1147 26.25 18.72 16.70
CA SER A 1147 25.01 19.24 16.14
C SER A 1147 24.36 20.21 17.12
N ASP A 1148 23.84 21.33 16.61
CA ASP A 1148 23.18 22.34 17.44
C ASP A 1148 22.32 23.30 16.62
N MET A 1149 21.30 23.86 17.26
CA MET A 1149 20.39 24.79 16.63
C MET A 1149 19.80 25.75 17.67
N ASN A 1150 20.16 27.02 17.56
CA ASN A 1150 19.60 28.09 18.37
C ASN A 1150 18.37 28.65 17.68
N TRP A 1151 17.19 28.21 18.11
CA TRP A 1151 15.92 28.65 17.50
C TRP A 1151 15.47 30.07 17.86
N GLU A 1152 16.07 30.67 18.88
CA GLU A 1152 15.87 32.10 19.19
C GLU A 1152 16.49 32.94 18.08
N LYS A 1153 17.79 32.74 17.85
CA LYS A 1153 18.52 33.44 16.79
C LYS A 1153 18.18 32.94 15.39
N GLY A 1154 17.79 31.66 15.29
CA GLY A 1154 17.50 31.03 14.01
C GLY A 1154 18.75 30.69 13.21
N GLU A 1155 19.79 30.22 13.90
CA GLU A 1155 21.06 29.83 13.25
C GLU A 1155 21.74 28.70 14.00
N GLY A 1156 22.50 27.89 13.28
CA GLY A 1156 23.26 26.80 13.89
C GLY A 1156 23.92 25.86 12.90
N GLN A 1157 24.40 24.73 13.43
CA GLN A 1157 25.10 23.69 12.66
C GLN A 1157 24.43 22.34 12.91
N PRO A 1158 23.12 22.21 12.57
CA PRO A 1158 22.37 21.01 12.90
C PRO A 1158 22.66 19.78 12.03
N PHE A 1159 23.19 19.99 10.83
CA PHE A 1159 23.35 18.92 9.85
C PHE A 1159 24.81 18.57 9.58
N GLU A 1160 25.10 17.27 9.60
CA GLU A 1160 26.45 16.72 9.43
C GLU A 1160 26.84 16.67 7.96
N TYR A 1161 25.89 16.34 7.10
CA TYR A 1161 26.11 16.29 5.65
C TYR A 1161 24.77 16.45 4.92
N PHE A 1162 24.83 16.48 3.59
CA PHE A 1162 23.66 16.75 2.74
C PHE A 1162 23.56 15.76 1.57
N VAL A 1163 22.43 15.06 1.48
CA VAL A 1163 22.15 14.16 0.37
C VAL A 1163 21.54 14.97 -0.78
N TYR A 1164 22.25 15.03 -1.92
CA TYR A 1164 21.80 15.78 -3.10
C TYR A 1164 21.24 14.85 -4.18
N GLY A 1165 20.31 15.38 -4.96
CA GLY A 1165 19.73 14.61 -6.06
C GLY A 1165 18.91 15.44 -7.02
N ALA A 1166 18.37 14.75 -8.04
CA ALA A 1166 17.41 15.33 -8.96
C ALA A 1166 16.52 14.22 -9.53
N ALA A 1167 15.32 14.59 -9.97
CA ALA A 1167 14.37 13.64 -10.49
C ALA A 1167 13.50 14.27 -11.58
N CYS A 1168 13.48 13.61 -12.73
CA CYS A 1168 12.64 13.98 -13.86
C CYS A 1168 11.54 12.93 -13.97
N SER A 1169 10.30 13.36 -14.21
CA SER A 1169 9.15 12.45 -14.36
C SER A 1169 8.22 12.87 -15.50
N GLU A 1170 7.70 11.90 -16.24
CA GLU A 1170 6.76 12.13 -17.33
C GLU A 1170 5.46 11.39 -17.04
N VAL A 1171 4.34 12.01 -17.40
CA VAL A 1171 3.01 11.40 -17.24
C VAL A 1171 2.13 11.66 -18.45
N GLU A 1172 1.12 10.83 -18.63
CA GLU A 1172 -0.01 11.12 -19.53
C GLU A 1172 -1.29 11.04 -18.70
N ILE A 1173 -2.16 12.02 -18.86
CA ILE A 1173 -3.44 12.08 -18.16
C ILE A 1173 -4.59 11.82 -19.13
N ASP A 1174 -5.73 11.43 -18.56
CA ASP A 1174 -6.99 11.29 -19.29
C ASP A 1174 -7.90 12.41 -18.82
N CYS A 1175 -8.04 13.44 -19.63
CA CYS A 1175 -8.81 14.64 -19.24
C CYS A 1175 -10.30 14.36 -19.01
N LEU A 1176 -10.83 13.30 -19.64
CA LEU A 1176 -12.23 12.91 -19.47
C LEU A 1176 -12.48 12.14 -18.17
N THR A 1177 -11.62 11.18 -17.84
CA THR A 1177 -11.81 10.33 -16.67
C THR A 1177 -11.02 10.79 -15.44
N GLY A 1178 -9.86 11.41 -15.64
CA GLY A 1178 -8.96 11.78 -14.53
C GLY A 1178 -7.92 10.72 -14.20
N ASP A 1179 -7.85 9.67 -15.02
CA ASP A 1179 -6.81 8.65 -14.91
C ASP A 1179 -5.48 9.28 -15.30
N HIS A 1180 -4.38 8.66 -14.89
CA HIS A 1180 -3.08 8.99 -15.43
C HIS A 1180 -2.16 7.78 -15.44
N LYS A 1181 -1.09 7.89 -16.23
CA LYS A 1181 -0.06 6.86 -16.32
C LYS A 1181 1.28 7.55 -16.13
N ASN A 1182 2.15 6.92 -15.35
CA ASN A 1182 3.53 7.37 -15.20
C ASN A 1182 4.38 6.66 -16.25
N ILE A 1183 4.84 7.41 -17.25
CA ILE A 1183 5.60 6.81 -18.37
C ILE A 1183 7.03 6.55 -17.95
N ARG A 1184 7.72 7.58 -17.48
CA ARG A 1184 9.15 7.49 -17.24
C ARG A 1184 9.58 8.40 -16.10
N THR A 1185 10.55 7.91 -15.34
CA THR A 1185 11.15 8.66 -14.24
C THR A 1185 12.65 8.40 -14.20
N ASP A 1186 13.45 9.47 -14.30
CA ASP A 1186 14.91 9.38 -14.21
C ASP A 1186 15.34 9.98 -12.88
N ILE A 1187 16.25 9.31 -12.18
CA ILE A 1187 16.75 9.77 -10.86
C ILE A 1187 18.28 9.71 -10.81
N VAL A 1188 18.90 10.84 -10.46
CA VAL A 1188 20.34 10.92 -10.18
C VAL A 1188 20.51 11.33 -8.73
N MET A 1189 21.45 10.69 -8.03
CA MET A 1189 21.54 10.80 -6.56
C MET A 1189 22.98 10.77 -6.06
N ASP A 1190 23.37 11.78 -5.29
CA ASP A 1190 24.64 11.79 -4.57
C ASP A 1190 24.49 11.00 -3.28
N VAL A 1191 25.17 9.87 -3.20
CA VAL A 1191 25.12 8.97 -2.03
C VAL A 1191 26.49 8.87 -1.32
N GLY A 1192 27.48 9.65 -1.77
CA GLY A 1192 28.86 9.44 -1.37
C GLY A 1192 29.35 8.11 -1.90
N CYS A 1193 30.04 7.37 -1.04
CA CYS A 1193 30.44 5.99 -1.34
C CYS A 1193 29.43 5.04 -0.72
N SER A 1194 28.69 4.32 -1.56
CA SER A 1194 27.66 3.41 -1.10
C SER A 1194 28.28 2.19 -0.43
N ILE A 1195 27.87 1.93 0.81
CA ILE A 1195 28.32 0.74 1.55
C ILE A 1195 27.72 -0.52 0.93
N ASN A 1196 26.51 -0.39 0.38
CA ASN A 1196 25.83 -1.46 -0.34
C ASN A 1196 24.88 -0.86 -1.40
N PRO A 1197 25.30 -0.83 -2.68
CA PRO A 1197 24.45 -0.22 -3.71
C PRO A 1197 23.17 -0.99 -4.07
N ALA A 1198 23.08 -2.26 -3.74
CA ALA A 1198 21.81 -2.99 -3.90
C ALA A 1198 20.78 -2.43 -2.93
N ILE A 1199 21.20 -2.34 -1.67
CA ILE A 1199 20.37 -1.83 -0.57
C ILE A 1199 20.08 -0.34 -0.73
N ASP A 1200 21.10 0.43 -1.09
CA ASP A 1200 20.94 1.88 -1.22
C ASP A 1200 20.07 2.26 -2.43
N ILE A 1201 20.22 1.57 -3.57
CA ILE A 1201 19.30 1.78 -4.70
C ILE A 1201 17.86 1.37 -4.33
N GLY A 1202 17.72 0.30 -3.56
CA GLY A 1202 16.42 -0.12 -3.04
C GLY A 1202 15.75 0.89 -2.13
N GLN A 1203 16.55 1.63 -1.37
CA GLN A 1203 16.04 2.72 -0.53
C GLN A 1203 15.53 3.90 -1.36
N ILE A 1204 16.19 4.21 -2.47
CA ILE A 1204 15.79 5.32 -3.34
C ILE A 1204 14.44 5.02 -4.01
N GLU A 1205 14.31 3.82 -4.55
CA GLU A 1205 13.08 3.36 -5.21
C GLU A 1205 11.89 3.35 -4.27
N GLY A 1206 12.09 2.73 -3.10
CA GLY A 1206 11.07 2.68 -2.07
C GLY A 1206 10.62 4.04 -1.60
N ALA A 1207 11.57 4.89 -1.26
CA ALA A 1207 11.28 6.27 -0.87
C ALA A 1207 10.51 6.98 -1.98
N PHE A 1208 11.02 6.89 -3.21
CA PHE A 1208 10.39 7.53 -4.37
C PHE A 1208 8.94 7.12 -4.55
N ILE A 1209 8.68 5.81 -4.54
CA ILE A 1209 7.32 5.28 -4.71
C ILE A 1209 6.43 5.67 -3.54
N GLN A 1210 6.99 5.70 -2.33
CA GLN A 1210 6.24 6.13 -1.13
C GLN A 1210 5.90 7.61 -1.22
N GLY A 1211 6.81 8.40 -1.79
CA GLY A 1211 6.52 9.78 -2.14
C GLY A 1211 5.49 9.93 -3.24
N MET A 1212 5.65 9.17 -4.31
CA MET A 1212 4.69 9.19 -5.43
C MET A 1212 3.26 8.97 -4.95
N GLY A 1213 3.07 7.97 -4.08
CA GLY A 1213 1.78 7.69 -3.46
C GLY A 1213 1.23 8.86 -2.66
N LEU A 1214 2.06 9.42 -1.77
CA LEU A 1214 1.71 10.61 -0.96
C LEU A 1214 1.17 11.74 -1.83
N TYR A 1215 1.87 12.02 -2.93
CA TYR A 1215 1.52 13.14 -3.79
C TYR A 1215 0.41 12.86 -4.81
N THR A 1216 0.09 11.59 -5.10
CA THR A 1216 -0.94 11.27 -6.12
C THR A 1216 -2.14 10.44 -5.63
N ILE A 1217 -1.93 9.17 -5.32
CA ILE A 1217 -3.06 8.23 -5.11
C ILE A 1217 -3.44 7.97 -3.66
N GLU A 1218 -2.59 8.34 -2.70
CA GLU A 1218 -2.86 8.08 -1.27
C GLU A 1218 -3.70 9.20 -0.68
N GLU A 1219 -4.89 8.84 -0.16
CA GLU A 1219 -5.88 9.81 0.27
C GLU A 1219 -6.74 9.23 1.40
N LEU A 1220 -6.78 9.95 2.53
CA LEU A 1220 -7.59 9.57 3.69
C LEU A 1220 -8.85 10.40 3.69
N ASN A 1221 -10.01 9.75 3.79
CA ASN A 1221 -11.30 10.44 3.77
C ASN A 1221 -11.91 10.45 5.16
N TYR A 1222 -12.18 11.65 5.67
CA TYR A 1222 -12.82 11.83 6.98
C TYR A 1222 -14.20 12.47 6.81
N SER A 1223 -15.19 12.00 7.56
CA SER A 1223 -16.54 12.57 7.54
C SER A 1223 -16.55 13.92 8.28
N PRO A 1224 -17.62 14.73 8.10
CA PRO A 1224 -17.80 15.93 8.91
C PRO A 1224 -17.89 15.71 10.44
N GLN A 1225 -18.13 14.47 10.88
CA GLN A 1225 -18.06 14.11 12.30
C GLN A 1225 -16.72 13.47 12.71
N GLY A 1226 -15.70 13.52 11.85
CA GLY A 1226 -14.37 13.03 12.16
C GLY A 1226 -14.15 11.53 12.03
N ILE A 1227 -15.10 10.82 11.43
CA ILE A 1227 -14.96 9.36 11.22
C ILE A 1227 -14.12 9.13 9.98
N LEU A 1228 -13.15 8.22 10.08
CA LEU A 1228 -12.34 7.80 8.93
C LEU A 1228 -13.14 6.81 8.09
N HIS A 1229 -13.35 7.14 6.82
CA HIS A 1229 -14.02 6.23 5.88
C HIS A 1229 -13.00 5.25 5.33
N THR A 1230 -13.41 3.98 5.26
CA THR A 1230 -12.49 2.87 5.05
C THR A 1230 -13.08 1.71 4.20
N ARG A 1231 -14.11 2.01 3.40
CA ARG A 1231 -14.83 0.98 2.65
C ARG A 1231 -15.44 1.55 1.37
N GLY A 1232 -15.38 0.75 0.29
CA GLY A 1232 -15.89 1.15 -1.02
C GLY A 1232 -14.80 1.88 -1.80
N PRO A 1233 -15.17 2.92 -2.57
CA PRO A 1233 -14.13 3.80 -3.14
C PRO A 1233 -13.33 4.64 -2.12
N ASP A 1234 -13.79 4.70 -0.86
CA ASP A 1234 -13.05 5.35 0.22
C ASP A 1234 -11.81 4.53 0.68
N GLN A 1235 -11.73 3.26 0.29
CA GLN A 1235 -10.57 2.43 0.62
C GLN A 1235 -9.26 3.09 0.24
N TYR A 1236 -8.27 2.98 1.13
CA TYR A 1236 -6.96 3.63 1.00
C TYR A 1236 -6.03 2.76 0.18
N LYS A 1237 -5.35 3.38 -0.77
CA LYS A 1237 -4.56 2.65 -1.77
C LYS A 1237 -3.11 3.15 -1.78
N ILE A 1238 -2.19 2.27 -1.37
CA ILE A 1238 -0.76 2.49 -1.61
C ILE A 1238 -0.44 2.13 -3.06
N PRO A 1239 0.73 2.56 -3.59
CA PRO A 1239 1.07 2.19 -4.97
C PRO A 1239 1.20 0.68 -5.21
N ALA A 1240 0.74 0.24 -6.38
CA ALA A 1240 0.86 -1.14 -6.83
C ALA A 1240 1.81 -1.20 -8.04
N ILE A 1241 1.93 -2.37 -8.68
CA ILE A 1241 2.74 -2.53 -9.89
C ILE A 1241 2.22 -1.66 -11.04
N CYS A 1242 0.90 -1.55 -11.16
CA CYS A 1242 0.30 -0.72 -12.22
C CYS A 1242 0.69 0.75 -12.08
N ASP A 1243 0.88 1.22 -10.85
CA ASP A 1243 1.30 2.60 -10.56
C ASP A 1243 2.79 2.89 -10.77
N MET A 1244 3.60 1.85 -10.93
CA MET A 1244 5.05 1.99 -10.99
C MET A 1244 5.43 2.53 -12.37
N PRO A 1245 6.37 3.50 -12.45
CA PRO A 1245 6.69 4.09 -13.76
C PRO A 1245 7.12 3.04 -14.77
N THR A 1246 6.58 3.14 -15.99
CA THR A 1246 6.86 2.18 -17.07
C THR A 1246 8.36 2.10 -17.36
N GLU A 1247 9.04 3.25 -17.34
CA GLU A 1247 10.49 3.32 -17.51
C GLU A 1247 11.12 3.96 -16.27
N LEU A 1248 12.22 3.38 -15.79
CA LEU A 1248 12.86 3.84 -14.57
C LEU A 1248 14.38 3.78 -14.68
N HIS A 1249 15.02 4.94 -14.68
CA HIS A 1249 16.48 5.01 -14.71
C HIS A 1249 17.00 5.60 -13.40
N ILE A 1250 17.95 4.92 -12.77
CA ILE A 1250 18.54 5.38 -11.50
C ILE A 1250 20.06 5.36 -11.59
N ALA A 1251 20.66 6.52 -11.35
CA ALA A 1251 22.10 6.69 -11.38
C ALA A 1251 22.60 7.18 -10.02
N LEU A 1252 23.73 6.63 -9.58
CA LEU A 1252 24.43 7.12 -8.40
C LEU A 1252 25.63 7.95 -8.86
N LEU A 1253 25.76 9.15 -8.28
CA LEU A 1253 26.85 10.06 -8.64
C LEU A 1253 28.17 9.47 -8.16
N PRO A 1254 29.25 9.56 -8.97
CA PRO A 1254 30.54 9.00 -8.55
C PRO A 1254 31.04 9.51 -7.19
N PRO A 1255 31.78 8.66 -6.42
CA PRO A 1255 32.12 8.94 -5.01
C PRO A 1255 32.80 10.29 -4.77
N SER A 1256 32.50 10.91 -3.62
CA SER A 1256 32.85 12.32 -3.35
C SER A 1256 33.87 12.57 -2.22
N GLN A 1257 34.20 11.55 -1.42
CA GLN A 1257 35.16 11.65 -0.30
C GLN A 1257 34.74 12.61 0.84
N ASN A 1258 34.23 12.02 1.92
CA ASN A 1258 33.66 12.73 3.07
C ASN A 1258 34.21 12.11 4.36
N SER A 1259 35.39 12.56 4.79
CA SER A 1259 36.12 11.94 5.92
C SER A 1259 35.50 12.11 7.33
N ASN A 1260 34.26 12.58 7.38
CA ASN A 1260 33.49 12.74 8.63
C ASN A 1260 32.42 11.65 8.86
N THR A 1261 32.27 10.70 7.93
CA THR A 1261 31.25 9.65 8.01
C THR A 1261 31.86 8.27 7.80
N LEU A 1262 31.07 7.23 8.12
CA LEU A 1262 31.52 5.85 8.00
C LEU A 1262 31.76 5.47 6.54
N TYR A 1263 33.04 5.25 6.21
CA TYR A 1263 33.48 4.93 4.84
C TYR A 1263 32.97 5.91 3.78
N SER A 1264 32.93 7.20 4.12
CA SER A 1264 32.48 8.28 3.23
C SER A 1264 31.06 8.09 2.65
N SER A 1265 30.20 7.40 3.39
CA SER A 1265 28.85 7.10 2.94
C SER A 1265 27.87 8.16 3.44
N LYS A 1266 26.77 8.32 2.71
CA LYS A 1266 25.66 9.17 3.12
C LYS A 1266 24.44 8.32 3.39
N GLY A 1267 23.84 8.52 4.56
CA GLY A 1267 22.58 7.91 4.92
C GLY A 1267 21.39 8.48 4.17
N LEU A 1268 20.84 7.68 3.28
CA LEU A 1268 19.57 7.97 2.63
C LEU A 1268 18.55 7.04 3.26
N GLY A 1269 17.35 6.95 2.68
CA GLY A 1269 16.26 6.22 3.28
C GLY A 1269 15.08 7.14 3.30
N GLU A 1270 15.26 8.32 3.90
CA GLU A 1270 14.25 9.38 3.85
C GLU A 1270 14.35 10.24 2.58
N SER A 1271 15.50 10.22 1.91
CA SER A 1271 15.84 11.21 0.86
C SER A 1271 14.88 11.23 -0.33
N GLY A 1272 14.69 10.06 -0.93
CA GLY A 1272 13.93 9.90 -2.17
C GLY A 1272 12.43 10.17 -2.12
N VAL A 1273 11.86 10.30 -0.92
CA VAL A 1273 10.42 10.53 -0.77
C VAL A 1273 9.97 11.77 -1.55
N PHE A 1274 10.63 12.89 -1.32
CA PHE A 1274 10.31 14.14 -2.01
C PHE A 1274 10.39 14.07 -3.55
N LEU A 1275 11.29 13.25 -4.08
CA LEU A 1275 11.46 13.10 -5.53
C LEU A 1275 10.20 12.63 -6.26
N GLY A 1276 9.30 11.96 -5.53
CA GLY A 1276 7.99 11.60 -6.03
C GLY A 1276 7.05 12.74 -6.40
N CYS A 1277 7.31 13.96 -5.90
CA CYS A 1277 6.53 15.13 -6.34
C CYS A 1277 6.85 15.54 -7.79
N SER A 1278 7.95 15.02 -8.35
CA SER A 1278 8.17 15.11 -9.81
C SER A 1278 6.95 14.60 -10.60
N VAL A 1279 6.29 13.56 -10.09
CA VAL A 1279 5.08 13.03 -10.69
C VAL A 1279 3.92 14.04 -10.53
N PHE A 1280 3.82 14.63 -9.34
CA PHE A 1280 2.84 15.67 -9.02
C PHE A 1280 2.89 16.82 -10.01
N PHE A 1281 4.10 17.35 -10.22
CA PHE A 1281 4.29 18.51 -11.10
C PHE A 1281 4.26 18.16 -12.59
N ALA A 1282 4.54 16.89 -12.91
CA ALA A 1282 4.32 16.37 -14.26
C ALA A 1282 2.83 16.36 -14.59
N ILE A 1283 2.01 15.92 -13.65
CA ILE A 1283 0.55 15.96 -13.79
C ILE A 1283 0.07 17.42 -13.83
N HIS A 1284 0.63 18.25 -12.95
CA HIS A 1284 0.36 19.70 -12.92
C HIS A 1284 0.60 20.36 -14.27
N ASP A 1285 1.72 19.98 -14.92
CA ASP A 1285 2.05 20.47 -16.26
C ASP A 1285 1.03 20.05 -17.30
N ALA A 1286 0.71 18.75 -17.30
CA ALA A 1286 -0.28 18.16 -18.21
C ALA A 1286 -1.65 18.85 -18.14
N VAL A 1287 -2.09 19.15 -16.92
CA VAL A 1287 -3.35 19.87 -16.72
C VAL A 1287 -3.26 21.31 -17.25
N SER A 1288 -2.12 21.97 -17.03
CA SER A 1288 -1.89 23.32 -17.57
C SER A 1288 -1.97 23.37 -19.10
N ALA A 1289 -1.52 22.31 -19.77
CA ALA A 1289 -1.60 22.20 -21.23
C ALA A 1289 -3.06 22.19 -21.72
N ALA A 1290 -3.91 21.43 -21.04
CA ALA A 1290 -5.35 21.42 -21.32
C ALA A 1290 -6.01 22.75 -20.95
N ARG A 1291 -5.52 23.40 -19.88
CA ARG A 1291 -6.05 24.70 -19.47
C ARG A 1291 -5.67 25.85 -20.41
N GLN A 1292 -4.46 25.83 -20.98
CA GLN A 1292 -4.03 26.86 -21.94
C GLN A 1292 -4.79 26.79 -23.25
N GLU A 1293 -4.82 25.59 -23.83
CA GLU A 1293 -5.56 25.33 -25.07
C GLU A 1293 -7.02 25.78 -24.96
N ARG A 1294 -7.65 25.47 -23.83
CA ARG A 1294 -9.08 25.75 -23.61
C ARG A 1294 -9.39 27.18 -23.16
N GLY A 1295 -8.36 27.97 -22.82
CA GLY A 1295 -8.50 29.38 -22.50
C GLY A 1295 -8.84 29.66 -21.05
N LEU A 1296 -8.20 28.90 -20.16
CA LEU A 1296 -8.49 28.95 -18.73
C LEU A 1296 -7.24 29.41 -17.98
N HIS A 1297 -7.07 30.73 -17.96
CA HIS A 1297 -5.88 31.36 -17.36
C HIS A 1297 -6.08 31.56 -15.86
N GLY A 1298 -5.05 32.09 -15.20
CA GLY A 1298 -5.15 32.59 -13.83
C GLY A 1298 -4.89 31.57 -12.74
N PRO A 1299 -5.79 31.48 -11.73
CA PRO A 1299 -5.46 30.73 -10.50
C PRO A 1299 -5.53 29.20 -10.64
N LEU A 1300 -4.36 28.58 -10.83
CA LEU A 1300 -4.24 27.11 -10.86
C LEU A 1300 -3.47 26.63 -9.63
N THR A 1301 -4.21 26.33 -8.56
CA THR A 1301 -3.65 25.69 -7.37
C THR A 1301 -4.27 24.30 -7.22
N LEU A 1302 -3.50 23.28 -7.60
CA LEU A 1302 -3.86 21.89 -7.38
C LEU A 1302 -3.24 21.44 -6.06
N ASN A 1303 -4.05 20.85 -5.19
CA ASN A 1303 -3.60 20.36 -3.90
C ASN A 1303 -3.12 18.92 -3.97
N SER A 1304 -2.36 18.52 -2.95
CA SER A 1304 -1.90 17.15 -2.79
C SER A 1304 -2.81 16.47 -1.75
N PRO A 1305 -3.17 15.19 -1.92
CA PRO A 1305 -2.78 14.32 -3.03
C PRO A 1305 -3.52 14.64 -4.34
N LEU A 1306 -2.77 14.71 -5.44
CA LEU A 1306 -3.34 15.00 -6.75
C LEU A 1306 -4.08 13.77 -7.31
N THR A 1307 -5.31 13.61 -6.83
CA THR A 1307 -6.14 12.44 -7.14
C THR A 1307 -6.82 12.57 -8.51
N PRO A 1308 -7.37 11.45 -9.03
CA PRO A 1308 -8.19 11.52 -10.26
C PRO A 1308 -9.40 12.46 -10.17
N GLU A 1309 -9.98 12.59 -8.98
CA GLU A 1309 -11.01 13.61 -8.71
C GLU A 1309 -10.49 15.00 -9.02
N LYS A 1310 -9.34 15.35 -8.43
CA LYS A 1310 -8.75 16.69 -8.60
C LYS A 1310 -8.27 16.94 -10.03
N ILE A 1311 -7.73 15.90 -10.68
CA ILE A 1311 -7.26 16.01 -12.08
C ILE A 1311 -8.41 16.33 -13.04
N ARG A 1312 -9.44 15.50 -13.04
CA ARG A 1312 -10.55 15.60 -14.00
C ARG A 1312 -11.32 16.93 -13.87
N MET A 1313 -11.57 17.34 -12.63
CA MET A 1313 -12.27 18.60 -12.36
C MET A 1313 -11.45 19.83 -12.72
N ALA A 1314 -10.12 19.69 -12.74
CA ALA A 1314 -9.23 20.75 -13.23
C ALA A 1314 -9.34 20.93 -14.74
N CYS A 1315 -9.40 19.81 -15.48
CA CYS A 1315 -9.59 19.84 -16.94
C CYS A 1315 -11.05 20.20 -17.28
N GLU A 1316 -11.37 21.48 -17.14
CA GLU A 1316 -12.74 21.95 -17.36
C GLU A 1316 -13.08 21.91 -18.84
N ASP A 1317 -14.37 21.73 -19.13
CA ASP A 1317 -14.85 21.51 -20.50
C ASP A 1317 -16.37 21.69 -20.51
N LYS A 1318 -17.05 21.33 -21.59
CA LYS A 1318 -18.52 21.38 -21.61
C LYS A 1318 -19.16 20.44 -20.57
N PHE A 1319 -18.46 19.39 -20.16
CA PHE A 1319 -19.00 18.42 -19.21
C PHE A 1319 -18.90 18.90 -17.75
N THR A 1320 -17.82 19.58 -17.37
CA THR A 1320 -17.71 20.16 -16.02
C THR A 1320 -18.66 21.32 -15.80
N LYS A 1321 -18.79 22.18 -16.81
CA LYS A 1321 -19.73 23.31 -16.75
C LYS A 1321 -21.18 22.85 -16.76
N MET A 1322 -21.44 21.71 -17.39
CA MET A 1322 -22.81 21.16 -17.53
C MET A 1322 -23.42 20.55 -16.27
N ILE A 1323 -22.63 19.92 -15.41
CA ILE A 1323 -23.18 19.11 -14.30
C ILE A 1323 -24.10 19.91 -13.34
N PRO A 1324 -25.06 19.23 -12.68
CA PRO A 1324 -25.82 19.86 -11.60
C PRO A 1324 -24.93 20.17 -10.40
N ARG A 1325 -25.22 21.27 -9.71
CA ARG A 1325 -24.48 21.66 -8.51
C ARG A 1325 -25.42 22.09 -7.39
N ASP A 1326 -25.04 21.77 -6.16
CA ASP A 1326 -25.83 22.04 -4.97
C ASP A 1326 -25.29 23.30 -4.28
N GLU A 1327 -26.10 23.91 -3.40
CA GLU A 1327 -25.68 25.08 -2.63
C GLU A 1327 -24.73 24.62 -1.53
N PRO A 1328 -23.62 25.35 -1.28
CA PRO A 1328 -22.57 24.91 -0.34
C PRO A 1328 -23.03 24.34 1.02
N GLY A 1329 -23.97 25.02 1.68
CA GLY A 1329 -24.45 24.63 3.02
C GLY A 1329 -25.79 23.91 3.10
N SER A 1330 -26.39 23.59 1.94
CA SER A 1330 -27.74 22.97 1.90
C SER A 1330 -27.77 21.48 2.29
N TYR A 1331 -26.61 20.82 2.22
CA TYR A 1331 -26.46 19.40 2.53
C TYR A 1331 -25.26 19.19 3.44
N VAL A 1332 -25.24 18.04 4.12
CA VAL A 1332 -24.06 17.62 4.89
C VAL A 1332 -23.26 16.63 4.02
N PRO A 1333 -21.99 16.97 3.67
CA PRO A 1333 -21.23 16.11 2.76
C PRO A 1333 -20.78 14.79 3.39
N TRP A 1334 -20.42 13.84 2.54
CA TRP A 1334 -19.83 12.57 3.00
C TRP A 1334 -18.40 12.77 3.51
N ASN A 1335 -17.68 13.75 2.94
CA ASN A 1335 -16.26 14.02 3.24
C ASN A 1335 -15.97 15.50 3.55
N VAL A 1336 -14.71 15.81 3.87
CA VAL A 1336 -14.20 17.17 4.19
C VAL A 1336 -14.99 17.85 5.32
#